data_9E7E
#
_entry.id   9E7E
#
_cell.length_a   84.369
_cell.length_b   95.645
_cell.length_c   111.239
_cell.angle_alpha   77.480
_cell.angle_beta   76.340
_cell.angle_gamma   74.250
#
_symmetry.space_group_name_H-M   'P 1'
#
loop_
_entity.id
_entity.type
_entity.pdbx_description
1 polymer 'BL3-6 Fab heavy chain'
2 polymer 'BL3-6 Fab light chain'
3 polymer 'Rev Response Element SLII A31C/G39C'
4 water water
#
loop_
_entity_poly.entity_id
_entity_poly.type
_entity_poly.pdbx_seq_one_letter_code
_entity_poly.pdbx_strand_id
1 'polypeptide(L)'
;EISEVQLVESGGGLVQPGGSLRLSCAASGFYISYSSIHWVRQAPGKGLEWVASISPYSGSTYYADSVKGRFTISADTSKN
TAYLQMNSLRAEDTAVYYCARQGYRRRSGRGFDYWGQGTLVTVSSASTKGPSVFPLAPSSKSTSGGTAALGCLVKDYFPE
PVTVSWNSGALTSGVHTFPAVLQSSGLYSLSSVVTVPSSSLGTQTYICNVNHKPSNTKVDKKVEPKSCDKTHT
;
H,A,D,G
2 'polypeptide(L)'
;SDIQMTQSPSSLSASVGDRVTITCRASQSVSSAVAWYQQKPGKAPKLLIYSASSLYSGVPSRFSGSRSGTDFTLTISSLQ
PEDFATYYCQQSYSFPSTFGQGTKVEIKRTVAAPSVFIFPPSDEQLKSGTASVVCLLNNFYPREAKVQWKVDNALQSGNS
QESVTEQDSKDSTYSLSSTLTLSKADYEKHKVYACEVTHQGLSSPVTKSFNRGEC
;
L,B,E,I
3 'polyribonucleotide' GGCACUAUGGGCGCAGCGUCAAUGACGCUGCCGGUACACGCCAGACAAGAAACACUUGUCUGAUAUAGUGCC R,C,F,O
#
# COMPACT_ATOMS: atom_id res chain seq x y z
N SER A 3 -35.63 -2.42 -22.53
CA SER A 3 -35.10 -1.85 -23.78
C SER A 3 -34.90 -0.36 -23.53
N GLU A 4 -36.00 0.31 -23.19
CA GLU A 4 -35.90 1.73 -22.85
C GLU A 4 -35.42 1.96 -21.44
N VAL A 5 -35.40 0.96 -20.59
CA VAL A 5 -34.76 1.13 -19.31
C VAL A 5 -33.27 0.85 -19.50
N GLN A 6 -32.46 1.65 -18.83
CA GLN A 6 -31.04 1.63 -19.11
C GLN A 6 -30.38 2.20 -17.86
N LEU A 7 -29.36 1.53 -17.37
CA LEU A 7 -28.47 2.05 -16.34
C LEU A 7 -27.07 2.12 -16.92
N VAL A 8 -26.49 3.32 -16.88
CA VAL A 8 -25.22 3.58 -17.54
C VAL A 8 -24.25 4.05 -16.48
N GLU A 9 -23.25 3.24 -16.18
CA GLU A 9 -22.36 3.52 -15.06
C GLU A 9 -21.10 4.19 -15.56
N SER A 10 -20.48 4.96 -14.69
CA SER A 10 -19.18 5.55 -15.00
C SER A 10 -18.43 5.82 -13.70
N GLY A 11 -17.18 6.27 -13.80
CA GLY A 11 -16.41 6.67 -12.64
C GLY A 11 -15.41 5.68 -12.11
N GLY A 12 -15.43 4.43 -12.52
CA GLY A 12 -14.43 3.49 -12.08
C GLY A 12 -13.02 3.95 -12.47
N GLY A 13 -12.02 3.22 -12.06
CA GLY A 13 -10.66 3.57 -12.42
C GLY A 13 -9.71 2.99 -11.40
N LEU A 14 -8.48 3.50 -11.42
CA LEU A 14 -7.39 3.00 -10.58
C LEU A 14 -7.05 4.02 -9.53
N VAL A 15 -6.89 3.57 -8.29
CA VAL A 15 -6.65 4.50 -7.21
C VAL A 15 -5.79 3.80 -6.18
N GLN A 16 -4.92 4.56 -5.49
CA GLN A 16 -4.09 3.96 -4.42
C GLN A 16 -4.92 3.64 -3.18
N PRO A 17 -4.51 2.63 -2.41
CA PRO A 17 -5.26 2.28 -1.21
C PRO A 17 -5.40 3.49 -0.27
N GLY A 18 -6.64 3.73 0.14
CA GLY A 18 -6.97 4.91 0.89
C GLY A 18 -7.41 6.07 0.04
N GLY A 19 -7.39 5.92 -1.28
CA GLY A 19 -7.92 6.94 -2.15
C GLY A 19 -9.40 6.81 -2.17
N SER A 20 -10.05 7.67 -2.94
CA SER A 20 -11.50 7.61 -3.06
C SER A 20 -11.93 7.78 -4.51
N LEU A 21 -13.20 7.45 -4.77
CA LEU A 21 -13.72 7.38 -6.13
C LEU A 21 -15.23 7.55 -6.07
N ARG A 22 -15.82 8.37 -6.94
CA ARG A 22 -17.27 8.49 -6.93
C ARG A 22 -17.81 7.80 -8.17
N LEU A 23 -18.51 6.70 -7.97
CA LEU A 23 -19.16 6.00 -9.07
C LEU A 23 -20.52 6.61 -9.36
N SER A 24 -20.95 6.53 -10.61
CA SER A 24 -22.22 7.11 -11.05
C SER A 24 -23.02 6.08 -11.81
N CYS A 25 -24.34 6.15 -11.67
CA CYS A 25 -25.26 5.28 -12.38
C CYS A 25 -26.39 6.14 -12.96
N ALA A 26 -26.27 6.55 -14.22
CA ALA A 26 -27.29 7.41 -14.83
C ALA A 26 -28.42 6.55 -15.38
N ALA A 27 -29.65 6.90 -15.01
CA ALA A 27 -30.81 6.09 -15.33
C ALA A 27 -31.56 6.72 -16.49
N SER A 28 -32.03 5.89 -17.41
CA SER A 28 -32.89 6.42 -18.45
C SER A 28 -34.05 5.47 -18.65
N GLY A 29 -35.16 6.00 -19.13
CA GLY A 29 -36.32 5.17 -19.29
C GLY A 29 -37.25 5.20 -18.12
N PHE A 30 -36.83 5.78 -17.01
CA PHE A 30 -37.66 5.83 -15.82
C PHE A 30 -37.22 6.97 -14.92
N TYR A 31 -38.15 7.43 -14.08
CA TYR A 31 -37.83 8.41 -13.04
C TYR A 31 -37.24 7.64 -11.88
N ILE A 32 -36.02 8.03 -11.48
CA ILE A 32 -35.24 7.26 -10.52
C ILE A 32 -35.83 7.31 -9.12
N SER A 33 -36.63 8.32 -8.83
CA SER A 33 -37.03 8.53 -7.45
C SER A 33 -38.04 7.51 -6.94
N TYR A 34 -38.67 6.75 -7.83
CA TYR A 34 -39.71 5.81 -7.45
C TYR A 34 -39.17 4.39 -7.39
N SER A 35 -37.84 4.26 -7.28
CA SER A 35 -37.19 2.96 -7.23
C SER A 35 -36.13 2.91 -6.15
N SER A 36 -35.89 1.70 -5.62
CA SER A 36 -34.65 1.42 -4.91
C SER A 36 -33.53 1.19 -5.93
N ILE A 37 -32.39 1.85 -5.72
CA ILE A 37 -31.19 1.60 -6.51
C ILE A 37 -30.18 0.87 -5.63
N HIS A 38 -29.65 -0.25 -6.14
CA HIS A 38 -28.66 -1.01 -5.42
C HIS A 38 -27.35 -0.99 -6.19
N TRP A 39 -26.28 -1.10 -5.43
CA TRP A 39 -24.94 -1.32 -5.98
C TRP A 39 -24.51 -2.72 -5.60
N VAL A 40 -24.05 -3.49 -6.56
CA VAL A 40 -23.57 -4.84 -6.32
C VAL A 40 -22.17 -4.91 -6.93
N ARG A 41 -21.25 -5.57 -6.25
CA ARG A 41 -19.90 -5.61 -6.82
C ARG A 41 -19.45 -7.06 -7.01
N GLN A 42 -18.36 -7.20 -7.75
CA GLN A 42 -17.90 -8.55 -8.08
C GLN A 42 -16.40 -8.46 -8.31
N ALA A 43 -15.65 -8.94 -7.31
CA ALA A 43 -14.21 -9.05 -7.40
C ALA A 43 -13.85 -10.06 -8.47
N PRO A 44 -12.72 -9.88 -9.13
CA PRO A 44 -12.36 -10.73 -10.26
C PRO A 44 -12.33 -12.19 -9.86
N GLY A 45 -13.22 -12.97 -10.48
CA GLY A 45 -13.35 -14.38 -10.22
C GLY A 45 -14.27 -14.74 -9.07
N LYS A 46 -14.74 -13.77 -8.31
CA LYS A 46 -15.61 -14.13 -7.21
C LYS A 46 -17.05 -13.92 -7.68
N GLY A 47 -17.99 -14.04 -6.75
CA GLY A 47 -19.39 -13.91 -7.06
C GLY A 47 -19.88 -12.52 -6.75
N LEU A 48 -21.20 -12.37 -6.75
CA LEU A 48 -21.81 -11.07 -6.55
C LEU A 48 -21.86 -10.79 -5.06
N GLU A 49 -21.61 -9.53 -4.69
CA GLU A 49 -21.66 -9.09 -3.31
C GLU A 49 -22.45 -7.79 -3.24
N TRP A 50 -23.63 -7.82 -2.61
CA TRP A 50 -24.41 -6.59 -2.42
C TRP A 50 -23.63 -5.60 -1.57
N VAL A 51 -23.83 -4.31 -1.82
CA VAL A 51 -22.93 -3.31 -1.24
C VAL A 51 -23.64 -2.16 -0.54
N ALA A 52 -24.58 -1.53 -1.23
CA ALA A 52 -25.35 -0.43 -0.68
C ALA A 52 -26.65 -0.32 -1.44
N SER A 53 -27.68 0.19 -0.77
CA SER A 53 -28.95 0.35 -1.45
C SER A 53 -29.60 1.59 -0.88
N ILE A 54 -30.46 2.20 -1.69
CA ILE A 54 -31.23 3.37 -1.25
C ILE A 54 -32.69 3.23 -1.62
N SER A 55 -33.67 3.49 -0.57
CA SER A 55 -35.07 3.20 -0.79
C SER A 55 -35.80 4.46 -1.23
N PRO A 56 -36.86 4.31 -2.03
CA PRO A 56 -37.58 5.48 -2.55
C PRO A 56 -38.44 6.18 -1.51
N TYR A 57 -38.65 7.48 -1.76
CA TYR A 57 -39.52 8.41 -1.01
C TYR A 57 -38.95 8.84 0.33
N SER A 58 -37.96 8.15 0.81
CA SER A 58 -37.42 8.43 2.13
C SER A 58 -35.95 8.75 2.08
N GLY A 59 -35.22 8.27 1.08
CA GLY A 59 -33.79 8.37 1.03
C GLY A 59 -33.06 7.42 1.95
N SER A 60 -33.76 6.47 2.55
CA SER A 60 -33.11 5.56 3.49
C SER A 60 -32.00 4.77 2.80
N THR A 61 -30.83 4.69 3.44
CA THR A 61 -29.71 3.97 2.86
C THR A 61 -29.29 2.83 3.76
N TYR A 62 -28.80 1.75 3.14
CA TYR A 62 -28.34 0.57 3.84
C TYR A 62 -26.97 0.15 3.26
N TYR A 63 -26.16 -0.54 4.07
CA TYR A 63 -24.79 -0.87 3.68
C TYR A 63 -24.37 -2.26 4.11
N ALA A 64 -23.43 -2.82 3.34
CA ALA A 64 -22.75 -4.05 3.73
C ALA A 64 -21.70 -3.76 4.80
N ASP A 65 -21.55 -4.67 5.76
CA ASP A 65 -20.57 -4.38 6.81
C ASP A 65 -19.20 -4.14 6.21
N SER A 66 -18.87 -4.84 5.13
CA SER A 66 -17.56 -4.65 4.51
C SER A 66 -17.36 -3.24 3.94
N VAL A 67 -18.40 -2.41 3.88
CA VAL A 67 -18.24 -1.06 3.34
C VAL A 67 -18.76 -0.01 4.32
N LYS A 68 -19.37 -0.45 5.41
CA LYS A 68 -19.96 0.47 6.38
C LYS A 68 -19.00 1.62 6.72
N GLY A 69 -19.49 2.85 6.62
CA GLY A 69 -18.73 4.03 7.02
C GLY A 69 -17.82 4.61 5.95
N ARG A 70 -17.46 3.81 4.95
CA ARG A 70 -16.57 4.24 3.88
C ARG A 70 -17.29 4.55 2.57
N PHE A 71 -18.46 3.94 2.32
CA PHE A 71 -19.20 4.14 1.09
C PHE A 71 -20.52 4.84 1.39
N THR A 72 -20.98 5.65 0.45
CA THR A 72 -22.23 6.38 0.65
C THR A 72 -23.04 6.30 -0.64
N ILE A 73 -24.14 5.58 -0.59
CA ILE A 73 -25.05 5.55 -1.72
C ILE A 73 -25.88 6.81 -1.63
N SER A 74 -26.17 7.43 -2.78
CA SER A 74 -26.98 8.65 -2.83
C SER A 74 -27.64 8.71 -4.17
N ALA A 75 -28.58 9.66 -4.32
CA ALA A 75 -29.27 9.84 -5.60
C ALA A 75 -29.64 11.29 -5.85
N ASP A 76 -29.37 11.81 -7.05
CA ASP A 76 -29.83 13.13 -7.43
C ASP A 76 -30.98 12.90 -8.41
N THR A 77 -32.19 13.24 -8.01
CA THR A 77 -33.31 13.00 -8.92
C THR A 77 -33.30 14.01 -10.06
N SER A 78 -32.77 15.21 -9.82
CA SER A 78 -32.73 16.18 -10.90
C SER A 78 -31.79 15.72 -12.01
N LYS A 79 -30.75 14.97 -11.67
CA LYS A 79 -29.89 14.39 -12.70
C LYS A 79 -30.28 12.94 -13.04
N ASN A 80 -31.37 12.42 -12.44
CA ASN A 80 -31.88 11.06 -12.65
C ASN A 80 -30.78 10.03 -12.52
N THR A 81 -29.87 10.25 -11.58
CA THR A 81 -28.68 9.42 -11.45
C THR A 81 -28.45 9.06 -9.99
N ALA A 82 -28.02 7.80 -9.76
CA ALA A 82 -27.61 7.32 -8.45
C ALA A 82 -26.08 7.34 -8.41
N TYR A 83 -25.50 7.44 -7.19
CA TYR A 83 -24.05 7.57 -7.00
C TYR A 83 -23.54 6.61 -5.94
N LEU A 84 -22.23 6.36 -5.90
CA LEU A 84 -21.64 5.64 -4.75
C LEU A 84 -20.29 6.24 -4.42
N GLN A 85 -20.25 7.14 -3.44
CA GLN A 85 -18.97 7.68 -3.01
C GLN A 85 -18.25 6.62 -2.17
N MET A 86 -17.05 6.26 -2.60
CA MET A 86 -16.22 5.27 -1.94
C MET A 86 -15.03 6.04 -1.42
N ASN A 87 -14.83 6.04 -0.11
CA ASN A 87 -13.71 6.69 0.54
C ASN A 87 -12.83 5.63 1.16
N SER A 88 -11.58 5.99 1.43
CA SER A 88 -10.58 5.08 2.02
C SER A 88 -10.68 3.65 1.47
N LEU A 89 -10.41 3.54 0.17
CA LEU A 89 -10.56 2.29 -0.54
C LEU A 89 -9.40 1.36 -0.24
N ARG A 90 -9.68 0.06 -0.28
CA ARG A 90 -8.72 -0.97 0.08
C ARG A 90 -8.70 -2.03 -1.01
N ALA A 91 -7.57 -2.72 -1.14
CA ALA A 91 -7.42 -3.65 -2.26
C ALA A 91 -8.45 -4.75 -2.21
N GLU A 92 -8.96 -5.08 -1.03
CA GLU A 92 -10.03 -6.06 -1.01
C GLU A 92 -11.26 -5.55 -1.75
N ASP A 93 -11.40 -4.22 -1.85
CA ASP A 93 -12.53 -3.60 -2.50
C ASP A 93 -12.43 -3.60 -4.00
N THR A 94 -11.31 -4.00 -4.59
CA THR A 94 -11.24 -4.11 -6.04
C THR A 94 -12.29 -5.07 -6.55
N ALA A 95 -13.06 -4.62 -7.57
CA ALA A 95 -14.11 -5.41 -8.18
C ALA A 95 -14.69 -4.64 -9.36
N VAL A 96 -15.52 -5.33 -10.16
CA VAL A 96 -16.37 -4.70 -11.15
C VAL A 96 -17.64 -4.25 -10.44
N TYR A 97 -17.96 -2.96 -10.47
CA TYR A 97 -19.09 -2.46 -9.69
C TYR A 97 -20.33 -2.25 -10.54
N TYR A 98 -21.41 -2.94 -10.15
CA TYR A 98 -22.73 -2.86 -10.77
C TYR A 98 -23.67 -1.98 -9.98
N CYS A 99 -24.49 -1.17 -10.69
CA CYS A 99 -25.72 -0.67 -10.08
C CYS A 99 -26.86 -1.47 -10.63
N ALA A 100 -27.91 -1.61 -9.84
CA ALA A 100 -29.06 -2.36 -10.29
C ALA A 100 -30.29 -1.65 -9.79
N ARG A 101 -31.39 -1.84 -10.52
CA ARG A 101 -32.66 -1.25 -10.13
C ARG A 101 -33.52 -2.33 -9.51
N GLN A 102 -34.11 -2.04 -8.36
CA GLN A 102 -35.08 -2.96 -7.79
C GLN A 102 -36.42 -2.76 -8.49
N GLY A 103 -37.00 -3.84 -8.98
CA GLY A 103 -38.19 -3.73 -9.78
C GLY A 103 -39.32 -3.03 -9.05
N TYR A 104 -40.38 -2.81 -9.80
CA TYR A 104 -41.61 -2.34 -9.19
C TYR A 104 -42.23 -3.49 -8.44
N ARG A 105 -42.71 -3.22 -7.22
CA ARG A 105 -43.11 -4.27 -6.31
C ARG A 105 -44.07 -5.25 -6.96
N ARG A 106 -45.04 -4.74 -7.71
CA ARG A 106 -46.10 -5.58 -8.25
C ARG A 106 -45.63 -6.39 -9.45
N ARG A 107 -44.65 -5.88 -10.18
CA ARG A 107 -44.29 -6.51 -11.44
C ARG A 107 -43.19 -7.56 -11.25
N SER A 108 -42.18 -7.27 -10.41
CA SER A 108 -41.07 -8.20 -10.25
C SER A 108 -40.56 -8.29 -8.80
N GLY A 109 -41.45 -8.10 -7.81
CA GLY A 109 -41.08 -8.25 -6.40
C GLY A 109 -39.98 -7.30 -5.95
N ARG A 110 -38.96 -7.86 -5.31
CA ARG A 110 -37.77 -7.10 -4.94
C ARG A 110 -36.58 -7.48 -5.81
N GLY A 111 -36.83 -8.18 -6.92
CA GLY A 111 -35.76 -8.52 -7.81
C GLY A 111 -35.24 -7.30 -8.52
N PHE A 112 -33.94 -7.33 -8.79
CA PHE A 112 -33.23 -6.29 -9.54
C PHE A 112 -33.41 -6.56 -11.04
N ASP A 113 -34.32 -5.82 -11.69
CA ASP A 113 -34.68 -6.21 -13.05
C ASP A 113 -33.71 -5.66 -14.11
N TYR A 114 -33.09 -4.50 -13.89
CA TYR A 114 -32.18 -3.89 -14.85
C TYR A 114 -30.85 -3.59 -14.17
N TRP A 115 -29.74 -3.91 -14.84
CA TRP A 115 -28.41 -3.72 -14.28
C TRP A 115 -27.54 -2.87 -15.20
N GLY A 116 -26.78 -1.95 -14.61
CA GLY A 116 -25.80 -1.19 -15.32
C GLY A 116 -24.72 -2.07 -15.93
N GLN A 117 -23.81 -1.44 -16.68
CA GLN A 117 -23.00 -2.24 -17.56
C GLN A 117 -21.80 -2.85 -16.86
N GLY A 118 -21.52 -2.41 -15.66
CA GLY A 118 -20.28 -2.72 -14.99
C GLY A 118 -19.37 -1.53 -15.06
N THR A 119 -18.63 -1.22 -13.99
CA THR A 119 -17.53 -0.25 -13.99
C THR A 119 -16.42 -0.82 -13.10
N LEU A 120 -15.18 -0.79 -13.58
CA LEU A 120 -14.08 -1.51 -12.95
C LEU A 120 -13.39 -0.64 -11.91
N VAL A 121 -13.17 -1.18 -10.71
CA VAL A 121 -12.45 -0.44 -9.68
C VAL A 121 -11.24 -1.25 -9.24
N THR A 122 -10.06 -0.66 -9.34
CA THR A 122 -8.82 -1.32 -8.96
C THR A 122 -8.16 -0.46 -7.90
N VAL A 123 -7.91 -1.09 -6.76
CA VAL A 123 -7.21 -0.50 -5.62
C VAL A 123 -5.86 -1.21 -5.52
N SER A 124 -4.80 -0.43 -5.65
CA SER A 124 -3.46 -1.02 -5.67
C SER A 124 -2.47 0.09 -5.35
N SER A 125 -1.38 -0.28 -4.66
CA SER A 125 -0.29 0.68 -4.54
C SER A 125 0.84 0.40 -5.53
N ALA A 126 0.65 -0.56 -6.42
CA ALA A 126 1.61 -0.80 -7.50
C ALA A 126 1.59 0.35 -8.50
N SER A 127 2.74 0.61 -9.08
CA SER A 127 2.82 1.58 -10.15
C SER A 127 3.08 0.87 -11.47
N THR A 128 2.71 1.54 -12.56
CA THR A 128 2.72 1.01 -13.91
C THR A 128 4.05 0.37 -14.28
N LYS A 129 3.99 -0.79 -14.93
CA LYS A 129 5.20 -1.53 -15.25
C LYS A 129 4.89 -2.33 -16.50
N GLY A 130 5.77 -2.27 -17.51
CA GLY A 130 5.56 -3.09 -18.66
C GLY A 130 6.08 -4.50 -18.43
N PRO A 131 5.50 -5.47 -19.13
CA PRO A 131 5.85 -6.87 -18.88
C PRO A 131 7.25 -7.17 -19.37
N SER A 132 7.88 -8.10 -18.69
CA SER A 132 9.02 -8.80 -19.22
C SER A 132 8.51 -10.09 -19.84
N VAL A 133 8.96 -10.35 -21.07
CA VAL A 133 8.50 -11.47 -21.86
C VAL A 133 9.63 -12.49 -21.92
N PHE A 134 9.30 -13.73 -21.59
CA PHE A 134 10.26 -14.81 -21.43
C PHE A 134 9.80 -16.04 -22.21
N PRO A 135 10.68 -16.65 -23.01
CA PRO A 135 10.28 -17.80 -23.81
C PRO A 135 9.88 -18.97 -22.93
N LEU A 136 8.81 -19.65 -23.31
CA LEU A 136 8.55 -20.97 -22.77
C LEU A 136 9.01 -21.95 -23.85
N ALA A 137 10.32 -22.18 -23.89
CA ALA A 137 10.92 -22.89 -25.01
C ALA A 137 10.50 -24.35 -24.98
N PRO A 138 10.29 -24.97 -26.14
CA PRO A 138 10.00 -26.41 -26.19
C PRO A 138 11.29 -27.21 -26.05
N SER A 139 11.16 -28.51 -25.85
CA SER A 139 12.34 -29.30 -25.49
C SER A 139 12.69 -30.32 -26.56
N SER A 140 13.77 -31.03 -26.27
CA SER A 140 14.18 -32.18 -27.07
C SER A 140 13.57 -33.48 -26.58
N LYS A 141 13.43 -33.66 -25.26
CA LYS A 141 12.79 -34.87 -24.74
C LYS A 141 11.35 -35.00 -25.26
N SER A 142 10.76 -36.17 -24.98
CA SER A 142 9.38 -36.51 -25.29
C SER A 142 9.10 -36.06 -26.73
N THR A 143 8.34 -34.97 -26.88
CA THR A 143 7.97 -34.41 -28.17
C THR A 143 7.64 -35.56 -29.13
N SER A 144 6.98 -36.59 -28.60
CA SER A 144 6.67 -37.81 -29.34
C SER A 144 5.20 -37.94 -29.67
N GLY A 145 4.42 -36.87 -29.46
CA GLY A 145 3.00 -36.91 -29.75
C GLY A 145 2.60 -36.30 -31.09
N GLY A 146 3.57 -36.12 -31.99
CA GLY A 146 3.36 -35.42 -33.24
C GLY A 146 3.14 -33.93 -33.07
N THR A 147 2.87 -33.47 -31.85
CA THR A 147 2.71 -32.06 -31.52
C THR A 147 3.60 -31.77 -30.32
N ALA A 148 4.18 -30.59 -30.32
CA ALA A 148 4.95 -30.05 -29.22
C ALA A 148 4.28 -28.76 -28.78
N ALA A 149 4.66 -28.25 -27.60
CA ALA A 149 4.04 -27.07 -27.01
C ALA A 149 5.12 -26.06 -26.71
N LEU A 150 4.80 -24.79 -26.91
CA LEU A 150 5.74 -23.71 -26.67
C LEU A 150 4.93 -22.50 -26.27
N GLY A 151 5.59 -21.46 -25.74
CA GLY A 151 4.81 -20.36 -25.25
C GLY A 151 5.65 -19.18 -24.81
N CYS A 152 4.97 -18.16 -24.25
CA CYS A 152 5.61 -16.97 -23.72
C CYS A 152 5.11 -16.66 -22.32
N LEU A 153 6.04 -16.25 -21.44
CA LEU A 153 5.72 -15.86 -20.08
C LEU A 153 5.69 -14.34 -19.99
N VAL A 154 4.51 -13.79 -19.77
CA VAL A 154 4.33 -12.34 -19.71
C VAL A 154 4.29 -11.95 -18.25
N LYS A 155 5.36 -11.31 -17.78
CA LYS A 155 5.67 -11.32 -16.37
C LYS A 155 5.87 -9.91 -15.86
N ASP A 156 5.28 -9.66 -14.71
CA ASP A 156 5.52 -8.49 -13.90
C ASP A 156 5.00 -7.24 -14.57
N TYR A 157 3.73 -7.24 -14.94
CA TYR A 157 3.17 -5.98 -15.44
C TYR A 157 2.04 -5.49 -14.52
N PHE A 158 1.72 -4.21 -14.66
CA PHE A 158 0.60 -3.59 -13.98
C PHE A 158 0.20 -2.34 -14.74
N PRO A 159 -1.10 -2.11 -14.95
CA PRO A 159 -2.24 -2.95 -14.60
C PRO A 159 -2.57 -3.82 -15.73
N GLU A 160 -3.69 -4.52 -15.66
CA GLU A 160 -4.21 -5.22 -16.81
C GLU A 160 -4.65 -4.19 -17.88
N PRO A 161 -4.77 -4.60 -19.13
CA PRO A 161 -4.47 -5.93 -19.68
C PRO A 161 -3.21 -5.96 -20.56
N VAL A 162 -2.70 -7.13 -20.86
CA VAL A 162 -1.84 -7.24 -22.01
C VAL A 162 -2.65 -7.91 -23.10
N THR A 163 -2.19 -7.75 -24.33
CA THR A 163 -2.64 -8.59 -25.41
C THR A 163 -1.47 -9.40 -25.94
N VAL A 164 -1.68 -10.68 -26.17
CA VAL A 164 -0.66 -11.54 -26.74
C VAL A 164 -1.18 -12.12 -28.04
N SER A 165 -0.45 -11.87 -29.12
CA SER A 165 -0.65 -12.56 -30.40
C SER A 165 0.56 -13.42 -30.64
N TRP A 166 0.43 -14.28 -31.63
CA TRP A 166 1.57 -15.01 -32.15
C TRP A 166 1.74 -14.71 -33.65
N ASN A 167 2.99 -14.69 -34.10
CA ASN A 167 3.29 -14.46 -35.50
C ASN A 167 2.51 -13.27 -36.05
N SER A 168 2.46 -12.21 -35.24
CA SER A 168 1.73 -10.98 -35.59
C SER A 168 0.27 -11.25 -35.95
N GLY A 169 -0.35 -12.21 -35.27
CA GLY A 169 -1.75 -12.53 -35.47
C GLY A 169 -2.01 -13.68 -36.40
N ALA A 170 -0.99 -14.11 -37.13
CA ALA A 170 -1.17 -15.18 -38.09
C ALA A 170 -1.55 -16.51 -37.42
N LEU A 171 -0.96 -16.82 -36.27
CA LEU A 171 -1.11 -18.14 -35.65
C LEU A 171 -2.12 -18.05 -34.52
N THR A 172 -3.24 -18.75 -34.65
CA THR A 172 -4.23 -18.69 -33.58
C THR A 172 -4.76 -20.06 -33.16
N SER A 173 -4.74 -21.04 -34.06
CA SER A 173 -5.34 -22.31 -33.70
C SER A 173 -4.45 -23.00 -32.67
N GLY A 174 -5.08 -23.46 -31.59
CA GLY A 174 -4.33 -24.11 -30.54
C GLY A 174 -3.53 -23.21 -29.64
N VAL A 175 -3.82 -21.94 -29.64
CA VAL A 175 -3.19 -21.01 -28.70
C VAL A 175 -4.07 -20.96 -27.46
N HIS A 176 -3.46 -21.03 -26.31
CA HIS A 176 -4.14 -20.79 -25.06
C HIS A 176 -3.45 -19.62 -24.36
N THR A 177 -4.21 -18.59 -24.05
CA THR A 177 -3.72 -17.45 -23.28
C THR A 177 -4.50 -17.41 -21.98
N PHE A 178 -3.82 -17.70 -20.89
CA PHE A 178 -4.49 -17.94 -19.64
C PHE A 178 -4.93 -16.64 -18.96
N PRO A 179 -5.87 -16.72 -18.04
CA PRO A 179 -6.16 -15.53 -17.25
C PRO A 179 -4.91 -15.10 -16.51
N ALA A 180 -4.68 -13.81 -16.48
CA ALA A 180 -3.59 -13.32 -15.68
C ALA A 180 -3.94 -13.56 -14.23
N VAL A 181 -2.91 -13.87 -13.42
CA VAL A 181 -3.00 -13.98 -11.98
C VAL A 181 -2.25 -12.80 -11.40
N LEU A 182 -2.77 -12.29 -10.29
CA LEU A 182 -2.07 -11.25 -9.53
C LEU A 182 -1.08 -11.93 -8.60
N GLN A 183 0.18 -11.53 -8.69
CA GLN A 183 1.23 -12.13 -7.88
C GLN A 183 1.26 -11.44 -6.53
N SER A 184 1.95 -12.06 -5.58
CA SER A 184 2.02 -11.43 -4.27
C SER A 184 2.77 -10.11 -4.31
N SER A 185 3.58 -9.88 -5.33
CA SER A 185 4.21 -8.57 -5.42
C SER A 185 3.22 -7.50 -5.87
N GLY A 186 2.02 -7.88 -6.26
CA GLY A 186 1.11 -6.86 -6.73
C GLY A 186 1.26 -6.55 -8.19
N LEU A 187 2.17 -7.21 -8.86
CA LEU A 187 2.24 -7.19 -10.30
C LEU A 187 1.61 -8.49 -10.82
N TYR A 188 1.18 -8.45 -12.09
CA TYR A 188 0.50 -9.55 -12.78
C TYR A 188 1.42 -10.37 -13.71
N SER A 189 0.96 -11.60 -14.03
CA SER A 189 1.62 -12.52 -14.96
C SER A 189 0.63 -13.45 -15.59
N LEU A 190 0.75 -13.62 -16.89
CA LEU A 190 0.06 -14.69 -17.54
C LEU A 190 1.06 -15.32 -18.47
N SER A 191 0.61 -16.33 -19.19
CA SER A 191 1.52 -16.91 -20.16
C SER A 191 0.69 -17.42 -21.33
N SER A 192 1.26 -17.29 -22.50
CA SER A 192 0.58 -17.67 -23.70
C SER A 192 1.36 -18.83 -24.30
N VAL A 193 0.63 -19.88 -24.67
CA VAL A 193 1.22 -21.11 -25.16
C VAL A 193 0.44 -21.57 -26.39
N VAL A 194 1.12 -22.31 -27.23
CA VAL A 194 0.50 -22.74 -28.46
C VAL A 194 1.02 -24.13 -28.72
N THR A 195 0.14 -25.00 -29.17
CA THR A 195 0.59 -26.29 -29.62
C THR A 195 0.78 -26.21 -31.12
N VAL A 196 1.87 -26.82 -31.59
CA VAL A 196 2.29 -26.75 -32.98
C VAL A 196 2.72 -28.17 -33.41
N PRO A 197 2.75 -28.40 -34.72
CA PRO A 197 3.32 -29.68 -35.20
C PRO A 197 4.79 -29.81 -34.83
N SER A 198 5.13 -30.92 -34.18
CA SER A 198 6.47 -31.10 -33.64
C SER A 198 7.54 -31.25 -34.69
N SER A 199 7.18 -31.43 -35.96
CA SER A 199 8.09 -31.46 -37.08
C SER A 199 8.52 -30.07 -37.59
N SER A 200 7.83 -29.01 -37.19
CA SER A 200 8.17 -27.66 -37.64
C SER A 200 9.12 -26.88 -36.72
N LEU A 201 9.62 -27.49 -35.62
CA LEU A 201 10.22 -26.69 -34.55
C LEU A 201 11.40 -25.85 -35.04
N GLY A 202 12.33 -26.44 -35.73
CA GLY A 202 13.48 -25.68 -36.19
C GLY A 202 13.24 -24.97 -37.51
N THR A 203 12.26 -25.46 -38.25
CA THR A 203 11.97 -24.99 -39.60
C THR A 203 11.07 -23.77 -39.58
N GLN A 204 10.19 -23.71 -38.60
CA GLN A 204 9.18 -22.68 -38.49
C GLN A 204 9.55 -21.74 -37.33
N THR A 205 9.50 -20.43 -37.59
CA THR A 205 9.70 -19.42 -36.56
C THR A 205 8.39 -19.09 -35.84
N TYR A 206 8.43 -19.04 -34.51
CA TYR A 206 7.28 -18.69 -33.70
C TYR A 206 7.63 -17.44 -32.93
N ILE A 207 6.81 -16.39 -33.07
CA ILE A 207 7.06 -15.13 -32.36
C ILE A 207 5.81 -14.76 -31.58
N CYS A 208 5.98 -14.47 -30.28
CA CYS A 208 4.88 -13.94 -29.51
C CYS A 208 5.05 -12.44 -29.39
N ASN A 209 3.96 -11.74 -29.65
CA ASN A 209 3.88 -10.28 -29.64
C ASN A 209 2.98 -9.88 -28.50
N VAL A 210 3.53 -9.08 -27.58
CA VAL A 210 2.88 -8.70 -26.33
C VAL A 210 2.71 -7.20 -26.35
N ASN A 211 1.48 -6.72 -26.20
CA ASN A 211 1.25 -5.28 -26.18
C ASN A 211 0.71 -4.95 -24.80
N HIS A 212 1.24 -3.91 -24.19
CA HIS A 212 0.84 -3.45 -22.86
C HIS A 212 0.61 -1.97 -23.05
N LYS A 213 -0.62 -1.61 -23.44
CA LYS A 213 -0.90 -0.22 -23.80
C LYS A 213 -0.51 0.75 -22.70
N PRO A 214 -0.83 0.49 -21.40
CA PRO A 214 -0.60 1.51 -20.35
C PRO A 214 0.83 2.00 -20.26
N SER A 215 1.79 1.12 -20.45
CA SER A 215 3.20 1.47 -20.45
C SER A 215 3.75 1.72 -21.85
N ASN A 216 2.89 1.71 -22.88
CA ASN A 216 3.30 1.94 -24.25
C ASN A 216 4.40 0.98 -24.66
N THR A 217 4.26 -0.28 -24.31
CA THR A 217 5.30 -1.24 -24.62
C THR A 217 4.69 -2.32 -25.47
N LYS A 218 5.27 -2.50 -26.65
CA LYS A 218 5.01 -3.64 -27.51
C LYS A 218 6.28 -4.49 -27.48
N VAL A 219 6.15 -5.81 -27.35
CA VAL A 219 7.32 -6.70 -27.37
C VAL A 219 7.07 -7.92 -28.24
N ASP A 220 8.07 -8.28 -29.05
CA ASP A 220 8.01 -9.48 -29.87
C ASP A 220 9.14 -10.39 -29.45
N LYS A 221 8.81 -11.61 -29.09
CA LYS A 221 9.77 -12.59 -28.59
C LYS A 221 9.80 -13.83 -29.48
N LYS A 222 11.00 -14.19 -29.93
CA LYS A 222 11.14 -15.39 -30.74
C LYS A 222 11.39 -16.55 -29.80
N VAL A 223 10.56 -17.59 -29.89
CA VAL A 223 10.68 -18.78 -29.06
C VAL A 223 11.35 -19.88 -29.89
N GLU A 224 12.68 -20.14 -29.62
CA GLU A 224 13.59 -21.07 -30.28
C GLU A 224 13.83 -22.33 -29.46
N PRO A 225 14.07 -23.47 -30.09
CA PRO A 225 14.47 -24.65 -29.33
C PRO A 225 15.91 -24.49 -28.82
N LYS A 226 16.25 -25.32 -27.85
CA LYS A 226 17.64 -25.60 -27.50
C LYS A 226 17.95 -27.06 -27.83
N SER A 227 19.01 -27.30 -28.64
CA SER A 227 19.20 -28.60 -29.28
C SER A 227 20.37 -29.35 -28.66
N CYS A 228 20.12 -30.63 -28.37
CA CYS A 228 21.11 -31.72 -28.23
C CYS A 228 20.35 -33.02 -27.96
N SER B 1 -28.38 -11.90 12.91
CA SER B 1 -27.39 -10.96 12.37
C SER B 1 -27.52 -10.86 10.85
N ASP B 2 -26.52 -11.32 10.12
CA ASP B 2 -26.65 -11.39 8.67
C ASP B 2 -27.15 -12.75 8.26
N ILE B 3 -27.90 -12.75 7.16
CA ILE B 3 -28.50 -13.96 6.61
C ILE B 3 -27.50 -14.58 5.64
N GLN B 4 -27.33 -15.89 5.73
CA GLN B 4 -26.42 -16.62 4.85
C GLN B 4 -27.24 -17.37 3.79
N MET B 5 -26.88 -17.20 2.53
CA MET B 5 -27.42 -18.02 1.46
C MET B 5 -26.33 -18.97 0.98
N THR B 6 -26.59 -20.27 1.00
CA THR B 6 -25.57 -21.23 0.59
C THR B 6 -26.11 -22.07 -0.56
N GLN B 7 -25.44 -21.98 -1.71
CA GLN B 7 -25.89 -22.56 -2.98
C GLN B 7 -25.32 -23.96 -3.19
N SER B 8 -25.98 -24.69 -4.09
CA SER B 8 -25.58 -26.04 -4.35
C SER B 8 -25.99 -26.43 -5.75
N PRO B 9 -25.13 -27.13 -6.51
CA PRO B 9 -23.72 -27.47 -6.26
C PRO B 9 -22.93 -26.26 -6.64
N SER B 10 -21.66 -26.09 -6.32
CA SER B 10 -21.01 -24.87 -6.77
C SER B 10 -20.62 -24.92 -8.24
N SER B 11 -20.47 -26.10 -8.84
CA SER B 11 -20.44 -26.17 -10.29
C SER B 11 -21.11 -27.46 -10.71
N LEU B 12 -21.58 -27.49 -11.95
CA LEU B 12 -22.45 -28.56 -12.41
C LEU B 12 -22.15 -28.82 -13.87
N SER B 13 -22.12 -30.10 -14.25
CA SER B 13 -21.69 -30.54 -15.58
C SER B 13 -22.84 -31.24 -16.28
N ALA B 14 -23.56 -30.56 -17.14
CA ALA B 14 -24.70 -31.18 -17.79
C ALA B 14 -24.60 -31.03 -19.30
N SER B 15 -25.35 -31.88 -19.99
CA SER B 15 -25.48 -31.82 -21.44
C SER B 15 -26.86 -31.29 -21.78
N VAL B 16 -27.01 -30.91 -23.04
CA VAL B 16 -28.25 -30.34 -23.51
C VAL B 16 -29.43 -31.30 -23.26
N GLY B 17 -30.57 -30.72 -22.90
CA GLY B 17 -31.77 -31.49 -22.66
C GLY B 17 -31.89 -32.01 -21.25
N ASP B 18 -30.91 -31.74 -20.40
CA ASP B 18 -30.97 -32.21 -19.04
C ASP B 18 -32.00 -31.42 -18.23
N ARG B 19 -32.45 -32.05 -17.15
CA ARG B 19 -33.08 -31.34 -16.05
C ARG B 19 -31.96 -30.91 -15.12
N VAL B 20 -31.88 -29.63 -14.84
CA VAL B 20 -30.86 -29.11 -13.95
C VAL B 20 -31.58 -28.46 -12.80
N THR B 21 -31.26 -28.92 -11.60
CA THR B 21 -31.77 -28.27 -10.40
C THR B 21 -30.59 -27.71 -9.64
N ILE B 22 -30.64 -26.41 -9.38
CA ILE B 22 -29.72 -25.72 -8.50
C ILE B 22 -30.47 -25.40 -7.21
N THR B 23 -29.84 -25.66 -6.08
CA THR B 23 -30.47 -25.47 -4.78
C THR B 23 -29.66 -24.49 -3.94
N CYS B 24 -30.37 -23.69 -3.11
CA CYS B 24 -29.76 -22.64 -2.29
C CYS B 24 -30.46 -22.59 -0.93
N ARG B 25 -29.67 -22.59 0.16
CA ARG B 25 -30.22 -22.84 1.52
C ARG B 25 -29.97 -21.67 2.46
N ALA B 26 -31.04 -21.09 3.00
CA ALA B 26 -30.95 -19.87 3.78
C ALA B 26 -30.82 -20.17 5.27
N SER B 27 -30.10 -19.28 5.97
CA SER B 27 -29.77 -19.46 7.38
C SER B 27 -30.83 -18.98 8.36
N GLN B 28 -31.73 -18.09 7.96
CA GLN B 28 -32.86 -17.66 8.77
C GLN B 28 -34.08 -17.61 7.85
N SER B 29 -35.21 -17.19 8.41
CA SER B 29 -36.37 -16.98 7.55
C SER B 29 -36.11 -15.81 6.62
N VAL B 30 -36.14 -16.07 5.31
CA VAL B 30 -36.16 -14.99 4.33
C VAL B 30 -37.55 -14.79 3.75
N SER B 31 -38.55 -15.47 4.29
CA SER B 31 -39.91 -15.49 3.73
C SER B 31 -39.80 -15.94 2.27
N SER B 32 -40.35 -15.19 1.31
CA SER B 32 -40.24 -15.57 -0.09
C SER B 32 -39.45 -14.55 -0.92
N ALA B 33 -38.64 -13.70 -0.28
CA ALA B 33 -37.91 -12.69 -1.02
C ALA B 33 -36.59 -13.26 -1.55
N VAL B 34 -36.67 -14.32 -2.34
CA VAL B 34 -35.49 -14.90 -2.99
C VAL B 34 -35.58 -14.64 -4.49
N ALA B 35 -34.50 -14.14 -5.07
CA ALA B 35 -34.44 -13.92 -6.50
C ALA B 35 -33.29 -14.73 -7.08
N TRP B 36 -33.47 -15.20 -8.31
CA TRP B 36 -32.45 -15.93 -9.04
C TRP B 36 -32.01 -15.12 -10.24
N TYR B 37 -30.73 -15.20 -10.57
CA TYR B 37 -30.11 -14.43 -11.64
C TYR B 37 -29.28 -15.34 -12.53
N GLN B 38 -29.13 -14.95 -13.78
CA GLN B 38 -28.19 -15.60 -14.67
C GLN B 38 -27.11 -14.63 -15.10
N GLN B 39 -25.85 -15.03 -14.93
CA GLN B 39 -24.71 -14.21 -15.37
C GLN B 39 -23.84 -15.04 -16.29
N LYS B 40 -23.50 -14.45 -17.41
CA LYS B 40 -22.55 -14.88 -18.41
C LYS B 40 -21.28 -14.02 -18.34
N PRO B 41 -20.14 -14.54 -18.79
CA PRO B 41 -18.88 -13.84 -18.54
C PRO B 41 -18.90 -12.46 -19.13
N GLY B 42 -18.32 -11.51 -18.42
CA GLY B 42 -18.21 -10.17 -18.93
C GLY B 42 -19.49 -9.42 -18.94
N LYS B 43 -20.60 -10.03 -18.52
CA LYS B 43 -21.91 -9.41 -18.73
C LYS B 43 -22.68 -9.26 -17.43
N ALA B 44 -23.63 -8.32 -17.44
CA ALA B 44 -24.40 -8.01 -16.25
C ALA B 44 -25.33 -9.18 -15.97
N PRO B 45 -25.70 -9.42 -14.72
CA PRO B 45 -26.58 -10.53 -14.44
C PRO B 45 -27.96 -10.20 -14.95
N LYS B 46 -28.73 -11.23 -15.25
CA LYS B 46 -30.09 -11.04 -15.74
C LYS B 46 -31.04 -11.70 -14.77
N LEU B 47 -32.17 -11.06 -14.51
CA LEU B 47 -33.14 -11.60 -13.55
C LEU B 47 -33.91 -12.74 -14.19
N LEU B 48 -33.98 -13.89 -13.49
CA LEU B 48 -34.77 -15.01 -13.96
C LEU B 48 -36.02 -15.25 -13.13
N ILE B 49 -35.92 -15.16 -11.80
CA ILE B 49 -36.99 -15.50 -10.87
C ILE B 49 -37.08 -14.41 -9.81
N TYR B 50 -38.30 -14.01 -9.45
CA TYR B 50 -38.51 -13.11 -8.33
C TYR B 50 -39.54 -13.73 -7.39
N SER B 51 -39.52 -13.29 -6.12
CA SER B 51 -40.40 -13.84 -5.08
C SER B 51 -40.34 -15.36 -5.04
N ALA B 52 -39.12 -15.88 -5.17
CA ALA B 52 -38.74 -17.27 -4.94
C ALA B 52 -39.29 -18.21 -6.00
N SER B 53 -40.38 -17.84 -6.65
CA SER B 53 -41.05 -18.78 -7.55
C SER B 53 -41.66 -18.16 -8.81
N SER B 54 -41.57 -16.83 -8.98
CA SER B 54 -42.34 -16.16 -10.02
C SER B 54 -41.48 -15.84 -11.23
N LEU B 55 -42.04 -16.08 -12.41
CA LEU B 55 -41.28 -16.04 -13.65
C LEU B 55 -41.20 -14.59 -14.13
N TYR B 56 -39.99 -14.05 -14.12
CA TYR B 56 -39.78 -12.68 -14.56
C TYR B 56 -40.17 -12.52 -16.03
N SER B 57 -40.75 -11.36 -16.34
CA SER B 57 -41.26 -11.08 -17.67
C SER B 57 -40.15 -11.21 -18.71
N GLY B 58 -40.40 -12.00 -19.75
CA GLY B 58 -39.48 -12.18 -20.86
C GLY B 58 -38.56 -13.38 -20.75
N VAL B 59 -38.45 -13.97 -19.57
CA VAL B 59 -37.60 -15.13 -19.32
C VAL B 59 -38.27 -16.38 -19.90
N PRO B 60 -37.51 -17.31 -20.47
CA PRO B 60 -38.09 -18.56 -20.95
C PRO B 60 -38.85 -19.30 -19.87
N SER B 61 -39.91 -19.99 -20.27
CA SER B 61 -40.73 -20.68 -19.28
C SER B 61 -40.12 -22.02 -18.85
N ARG B 62 -38.94 -22.37 -19.37
CA ARG B 62 -38.22 -23.54 -18.87
C ARG B 62 -37.58 -23.27 -17.51
N PHE B 63 -37.46 -22.01 -17.10
CA PHE B 63 -37.00 -21.67 -15.77
C PHE B 63 -38.14 -21.67 -14.77
N SER B 64 -37.93 -22.32 -13.63
CA SER B 64 -38.87 -22.28 -12.53
C SER B 64 -38.12 -22.12 -11.21
N GLY B 65 -38.75 -21.37 -10.29
CA GLY B 65 -38.28 -21.24 -8.93
C GLY B 65 -39.26 -21.92 -8.00
N SER B 66 -38.73 -22.44 -6.88
CA SER B 66 -39.52 -23.19 -5.91
C SER B 66 -39.08 -22.75 -4.51
N ARG B 67 -39.99 -22.91 -3.54
CA ARG B 67 -39.66 -22.59 -2.16
C ARG B 67 -40.02 -23.77 -1.27
N SER B 68 -39.14 -24.07 -0.33
CA SER B 68 -39.46 -25.06 0.69
C SER B 68 -38.81 -24.61 2.00
N GLY B 69 -39.60 -23.94 2.85
CA GLY B 69 -39.10 -23.43 4.11
C GLY B 69 -38.03 -22.38 3.89
N THR B 70 -36.79 -22.72 4.23
CA THR B 70 -35.63 -21.89 3.93
C THR B 70 -34.79 -22.49 2.81
N ASP B 71 -35.28 -23.55 2.17
CA ASP B 71 -34.54 -24.27 1.14
C ASP B 71 -35.14 -23.94 -0.24
N PHE B 72 -34.43 -23.12 -1.03
CA PHE B 72 -34.87 -22.65 -2.35
C PHE B 72 -34.11 -23.32 -3.48
N THR B 73 -34.85 -23.81 -4.47
CA THR B 73 -34.25 -24.45 -5.63
C THR B 73 -34.73 -23.80 -6.92
N LEU B 74 -33.78 -23.44 -7.77
CA LEU B 74 -34.04 -23.12 -9.17
C LEU B 74 -33.84 -24.38 -9.99
N THR B 75 -34.81 -24.73 -10.82
CA THR B 75 -34.64 -25.84 -11.73
C THR B 75 -34.89 -25.34 -13.16
N ILE B 76 -34.00 -25.70 -14.07
CA ILE B 76 -34.15 -25.43 -15.50
C ILE B 76 -34.67 -26.71 -16.11
N SER B 77 -35.90 -26.67 -16.62
CA SER B 77 -36.57 -27.88 -17.04
C SER B 77 -35.83 -28.58 -18.17
N SER B 78 -35.31 -27.81 -19.14
CA SER B 78 -34.61 -28.38 -20.30
C SER B 78 -33.45 -27.48 -20.72
N LEU B 79 -32.22 -27.94 -20.47
CA LEU B 79 -31.04 -27.13 -20.77
C LEU B 79 -30.88 -26.90 -22.27
N GLN B 80 -30.63 -25.63 -22.65
CA GLN B 80 -30.33 -25.09 -23.97
C GLN B 80 -28.89 -24.58 -24.05
N PRO B 81 -28.28 -24.56 -25.23
CA PRO B 81 -26.86 -24.14 -25.31
C PRO B 81 -26.63 -22.73 -24.81
N GLU B 82 -27.63 -21.85 -24.91
CA GLU B 82 -27.40 -20.52 -24.40
C GLU B 82 -27.56 -20.44 -22.89
N ASP B 83 -27.82 -21.57 -22.21
CA ASP B 83 -28.04 -21.56 -20.79
C ASP B 83 -26.81 -21.94 -19.99
N PHE B 84 -25.71 -22.29 -20.65
CA PHE B 84 -24.47 -22.54 -19.93
C PHE B 84 -23.94 -21.20 -19.45
N ALA B 85 -24.11 -20.93 -18.17
CA ALA B 85 -23.63 -19.69 -17.57
C ALA B 85 -23.44 -19.97 -16.09
N THR B 86 -23.32 -18.92 -15.28
CA THR B 86 -23.36 -19.02 -13.82
C THR B 86 -24.66 -18.44 -13.27
N TYR B 87 -25.27 -19.12 -12.27
CA TYR B 87 -26.53 -18.71 -11.65
C TYR B 87 -26.34 -18.37 -10.18
N TYR B 88 -27.07 -17.35 -9.72
CA TYR B 88 -27.04 -16.85 -8.35
C TYR B 88 -28.42 -16.77 -7.74
N CYS B 89 -28.56 -17.12 -6.46
CA CYS B 89 -29.73 -16.79 -5.67
C CYS B 89 -29.48 -15.51 -4.88
N GLN B 90 -30.58 -14.84 -4.47
CA GLN B 90 -30.48 -13.64 -3.65
C GLN B 90 -31.60 -13.58 -2.61
N GLN B 91 -31.29 -13.16 -1.37
CA GLN B 91 -32.34 -12.81 -0.41
C GLN B 91 -32.40 -11.30 -0.24
N SER B 92 -33.61 -10.78 -0.21
CA SER B 92 -33.92 -9.36 -0.02
C SER B 92 -34.97 -9.23 1.06
N TYR B 93 -35.02 -10.22 1.98
CA TYR B 93 -35.95 -10.15 3.10
C TYR B 93 -35.50 -9.09 4.07
N SER B 94 -34.19 -8.97 4.26
CA SER B 94 -33.65 -7.96 5.15
C SER B 94 -32.24 -7.60 4.72
N PHE B 95 -31.77 -6.44 5.18
CA PHE B 95 -30.45 -5.86 4.95
C PHE B 95 -29.46 -6.36 5.98
N PRO B 96 -28.24 -6.68 5.56
CA PRO B 96 -27.71 -6.57 4.21
C PRO B 96 -28.33 -7.58 3.28
N SER B 97 -28.44 -7.23 2.00
CA SER B 97 -28.81 -8.22 0.99
C SER B 97 -27.68 -9.23 0.80
N THR B 98 -28.04 -10.45 0.49
CA THR B 98 -27.01 -11.48 0.42
C THR B 98 -27.18 -12.35 -0.80
N PHE B 99 -26.07 -12.65 -1.48
CA PHE B 99 -26.12 -13.48 -2.69
C PHE B 99 -25.52 -14.83 -2.37
N GLY B 100 -26.09 -15.89 -2.92
CA GLY B 100 -25.41 -17.16 -2.84
C GLY B 100 -24.06 -17.09 -3.51
N GLN B 101 -23.21 -18.07 -3.23
CA GLN B 101 -21.84 -18.03 -3.74
C GLN B 101 -21.78 -18.22 -5.25
N GLY B 102 -22.77 -18.90 -5.84
CA GLY B 102 -22.86 -19.07 -7.29
C GLY B 102 -22.86 -20.53 -7.71
N THR B 103 -23.53 -20.87 -8.81
CA THR B 103 -23.43 -22.19 -9.42
C THR B 103 -23.04 -22.01 -10.86
N LYS B 104 -22.01 -22.70 -11.31
CA LYS B 104 -21.58 -22.63 -12.69
C LYS B 104 -22.04 -23.87 -13.42
N VAL B 105 -22.76 -23.68 -14.53
CA VAL B 105 -23.31 -24.76 -15.34
C VAL B 105 -22.45 -24.90 -16.58
N GLU B 106 -21.90 -26.10 -16.78
CA GLU B 106 -20.82 -26.36 -17.71
C GLU B 106 -21.19 -27.50 -18.65
N ILE B 107 -20.42 -27.61 -19.74
CA ILE B 107 -20.70 -28.59 -20.80
C ILE B 107 -20.13 -29.96 -20.43
N LYS B 108 -20.99 -31.00 -20.42
CA LYS B 108 -20.52 -32.37 -20.23
C LYS B 108 -19.85 -32.86 -21.50
N ARG B 109 -18.84 -33.71 -21.34
CA ARG B 109 -18.21 -34.34 -22.50
C ARG B 109 -17.39 -35.52 -22.01
N THR B 110 -16.88 -36.30 -22.96
CA THR B 110 -16.10 -37.47 -22.56
C THR B 110 -14.79 -37.01 -21.91
N VAL B 111 -14.30 -37.83 -21.00
CA VAL B 111 -13.05 -37.50 -20.33
C VAL B 111 -11.94 -37.37 -21.35
N ALA B 112 -11.11 -36.34 -21.17
CA ALA B 112 -9.96 -36.08 -22.01
C ALA B 112 -8.77 -35.92 -21.08
N ALA B 113 -7.76 -36.75 -21.27
CA ALA B 113 -6.59 -36.68 -20.42
C ALA B 113 -5.85 -35.36 -20.66
N PRO B 114 -5.28 -34.76 -19.63
CA PRO B 114 -4.47 -33.54 -19.81
C PRO B 114 -3.13 -33.92 -20.40
N SER B 115 -2.79 -33.34 -21.53
CA SER B 115 -1.47 -33.58 -22.09
C SER B 115 -0.54 -32.54 -21.48
N VAL B 116 0.52 -33.02 -20.83
CA VAL B 116 1.26 -32.25 -19.84
C VAL B 116 2.65 -31.89 -20.37
N PHE B 117 3.10 -30.67 -20.06
CA PHE B 117 4.40 -30.15 -20.46
C PHE B 117 5.02 -29.33 -19.32
N ILE B 118 6.35 -29.35 -19.22
CA ILE B 118 7.06 -28.57 -18.19
C ILE B 118 8.07 -27.66 -18.88
N PHE B 119 8.18 -26.42 -18.42
CA PHE B 119 9.04 -25.45 -19.08
C PHE B 119 9.99 -24.84 -18.06
N PRO B 120 11.30 -24.98 -18.24
CA PRO B 120 12.26 -24.39 -17.32
C PRO B 120 12.46 -22.92 -17.58
N PRO B 121 13.00 -22.17 -16.63
CA PRO B 121 13.23 -20.73 -16.82
C PRO B 121 14.27 -20.37 -17.88
N SER B 122 14.01 -19.25 -18.53
CA SER B 122 14.96 -18.65 -19.44
C SER B 122 16.17 -18.11 -18.70
N ASP B 123 17.35 -18.30 -19.28
CA ASP B 123 18.51 -17.63 -18.72
C ASP B 123 18.31 -16.12 -18.69
N GLU B 124 17.45 -15.58 -19.56
CA GLU B 124 17.17 -14.15 -19.52
C GLU B 124 16.49 -13.78 -18.22
N GLN B 125 15.63 -14.66 -17.72
CA GLN B 125 14.87 -14.32 -16.53
C GLN B 125 15.75 -14.33 -15.30
N LEU B 126 16.72 -15.27 -15.26
CA LEU B 126 17.59 -15.39 -14.10
C LEU B 126 18.36 -14.10 -13.87
N LYS B 127 18.60 -13.34 -14.93
CA LYS B 127 19.21 -12.04 -14.79
C LYS B 127 18.37 -11.13 -13.91
N SER B 128 17.08 -11.45 -13.73
CA SER B 128 16.20 -10.63 -12.90
C SER B 128 16.13 -11.10 -11.46
N GLY B 129 16.79 -12.19 -11.13
CA GLY B 129 16.81 -12.66 -9.78
C GLY B 129 15.66 -13.57 -9.45
N THR B 130 14.64 -13.62 -10.27
CA THR B 130 13.54 -14.54 -10.09
C THR B 130 13.59 -15.60 -11.17
N ALA B 131 13.01 -16.75 -10.88
CA ALA B 131 12.92 -17.89 -11.78
C ALA B 131 11.52 -18.46 -11.70
N SER B 132 10.89 -18.66 -12.84
CA SER B 132 9.57 -19.26 -12.92
C SER B 132 9.67 -20.59 -13.63
N VAL B 133 9.04 -21.61 -13.06
CA VAL B 133 8.92 -22.90 -13.72
C VAL B 133 7.45 -23.07 -14.03
N VAL B 134 7.14 -23.43 -15.27
CA VAL B 134 5.76 -23.46 -15.72
C VAL B 134 5.38 -24.89 -16.08
N CYS B 135 4.24 -25.31 -15.58
CA CYS B 135 3.67 -26.59 -15.90
C CYS B 135 2.36 -26.34 -16.61
N LEU B 136 2.16 -27.00 -17.77
CA LEU B 136 1.01 -26.76 -18.63
C LEU B 136 0.17 -28.03 -18.74
N LEU B 137 -1.13 -27.90 -18.50
CA LEU B 137 -2.06 -28.99 -18.76
C LEU B 137 -2.95 -28.60 -19.92
N ASN B 138 -2.90 -29.37 -20.99
CA ASN B 138 -3.55 -28.96 -22.22
C ASN B 138 -4.78 -29.82 -22.51
N ASN B 139 -5.92 -29.15 -22.71
CA ASN B 139 -7.09 -29.75 -23.36
C ASN B 139 -7.55 -31.00 -22.62
N PHE B 140 -8.04 -30.78 -21.40
CA PHE B 140 -8.46 -31.88 -20.55
C PHE B 140 -9.87 -31.65 -20.05
N TYR B 141 -10.52 -32.73 -19.63
CA TYR B 141 -11.86 -32.71 -19.10
C TYR B 141 -12.03 -33.94 -18.22
N PRO B 142 -12.67 -33.83 -17.05
CA PRO B 142 -13.33 -32.63 -16.52
C PRO B 142 -12.32 -31.66 -15.92
N ARG B 143 -12.79 -30.58 -15.32
CA ARG B 143 -11.87 -29.52 -14.91
C ARG B 143 -11.00 -29.94 -13.74
N GLU B 144 -11.49 -30.82 -12.88
CA GLU B 144 -10.79 -31.08 -11.62
C GLU B 144 -9.44 -31.72 -11.90
N ALA B 145 -8.38 -31.10 -11.39
CA ALA B 145 -7.04 -31.61 -11.66
C ALA B 145 -6.10 -31.06 -10.61
N LYS B 146 -5.35 -31.94 -9.96
CA LYS B 146 -4.41 -31.55 -8.93
C LYS B 146 -3.02 -31.50 -9.55
N VAL B 147 -2.35 -30.36 -9.43
CA VAL B 147 -0.97 -30.16 -9.90
C VAL B 147 -0.10 -29.96 -8.66
N GLN B 148 0.93 -30.81 -8.53
CA GLN B 148 1.75 -30.90 -7.33
C GLN B 148 3.21 -30.69 -7.72
N TRP B 149 3.84 -29.71 -7.11
CA TRP B 149 5.20 -29.35 -7.44
C TRP B 149 6.16 -30.06 -6.51
N LYS B 150 7.28 -30.53 -7.07
CA LYS B 150 8.33 -31.16 -6.30
C LYS B 150 9.69 -30.67 -6.78
N VAL B 151 10.53 -30.26 -5.84
CA VAL B 151 11.93 -29.93 -6.11
C VAL B 151 12.82 -30.91 -5.37
N ASP B 152 13.47 -31.82 -6.11
CA ASP B 152 14.22 -32.94 -5.52
C ASP B 152 13.33 -33.80 -4.62
N ASN B 153 12.15 -34.16 -5.12
CA ASN B 153 11.17 -35.02 -4.46
C ASN B 153 10.53 -34.33 -3.26
N ALA B 154 10.90 -33.09 -2.94
CA ALA B 154 10.29 -32.34 -1.84
C ALA B 154 9.13 -31.50 -2.37
N LEU B 155 7.92 -31.72 -1.86
CA LEU B 155 6.80 -30.90 -2.33
C LEU B 155 7.05 -29.43 -2.04
N GLN B 156 6.50 -28.59 -2.89
CA GLN B 156 6.46 -27.17 -2.59
C GLN B 156 5.09 -26.74 -2.05
N SER B 157 5.09 -25.62 -1.33
CA SER B 157 3.85 -25.09 -0.79
C SER B 157 3.93 -23.57 -0.80
N GLY B 158 2.86 -22.95 -1.26
CA GLY B 158 2.72 -21.51 -1.20
C GLY B 158 3.59 -20.75 -2.16
N ASN B 159 4.22 -21.43 -3.12
CA ASN B 159 5.03 -20.73 -4.10
C ASN B 159 4.60 -21.07 -5.53
N SER B 160 3.34 -21.44 -5.74
CA SER B 160 2.86 -21.67 -7.08
C SER B 160 1.50 -21.01 -7.27
N GLN B 161 1.20 -20.62 -8.52
CA GLN B 161 -0.11 -20.06 -8.85
C GLN B 161 -0.68 -20.76 -10.06
N GLU B 162 -2.01 -20.95 -10.05
CA GLU B 162 -2.73 -21.57 -11.16
C GLU B 162 -3.59 -20.58 -11.93
N SER B 163 -3.95 -20.97 -13.15
CA SER B 163 -4.85 -20.19 -13.98
C SER B 163 -5.45 -21.09 -15.04
N VAL B 164 -6.77 -21.09 -15.14
CA VAL B 164 -7.52 -22.00 -15.99
C VAL B 164 -8.23 -21.22 -17.07
N THR B 165 -8.21 -21.75 -18.29
CA THR B 165 -8.98 -21.12 -19.35
C THR B 165 -10.41 -21.56 -19.24
N GLU B 166 -11.28 -20.82 -19.89
CA GLU B 166 -12.63 -21.32 -19.87
C GLU B 166 -12.78 -22.48 -20.82
N GLN B 167 -13.96 -23.09 -20.77
CA GLN B 167 -14.20 -24.29 -21.55
C GLN B 167 -14.12 -23.94 -23.03
N ASP B 168 -13.21 -24.61 -23.74
CA ASP B 168 -12.90 -24.28 -25.13
C ASP B 168 -14.17 -24.29 -25.99
N SER B 169 -14.26 -23.34 -26.92
CA SER B 169 -15.50 -23.24 -27.70
C SER B 169 -15.72 -24.47 -28.56
N LYS B 170 -14.66 -25.11 -29.05
CA LYS B 170 -14.81 -26.19 -30.03
C LYS B 170 -14.82 -27.57 -29.40
N ASP B 171 -13.78 -27.94 -28.65
CA ASP B 171 -13.75 -29.25 -28.02
C ASP B 171 -14.08 -29.21 -26.54
N SER B 172 -14.48 -28.04 -26.04
CA SER B 172 -14.91 -27.83 -24.67
C SER B 172 -14.02 -28.60 -23.70
N THR B 173 -12.73 -28.58 -23.97
CA THR B 173 -11.75 -28.94 -22.97
C THR B 173 -11.35 -27.70 -22.21
N TYR B 174 -10.72 -27.94 -21.08
CA TYR B 174 -10.03 -26.91 -20.34
C TYR B 174 -8.53 -26.94 -20.61
N SER B 175 -7.86 -25.86 -20.24
CA SER B 175 -6.42 -25.86 -20.17
C SER B 175 -6.02 -25.06 -18.94
N LEU B 176 -4.96 -25.50 -18.28
CA LEU B 176 -4.54 -24.93 -16.99
C LEU B 176 -3.04 -24.70 -17.00
N SER B 177 -2.62 -23.62 -16.40
CA SER B 177 -1.20 -23.41 -16.20
C SER B 177 -0.90 -23.31 -14.70
N SER B 178 0.24 -23.87 -14.28
CA SER B 178 0.73 -23.69 -12.92
C SER B 178 2.16 -23.17 -12.93
N THR B 179 2.40 -22.09 -12.20
CA THR B 179 3.69 -21.40 -12.21
C THR B 179 4.32 -21.51 -10.83
N LEU B 180 5.48 -22.12 -10.77
CA LEU B 180 6.26 -22.19 -9.54
C LEU B 180 7.23 -21.03 -9.55
N THR B 181 7.18 -20.17 -8.53
CA THR B 181 8.06 -19.01 -8.47
C THR B 181 9.13 -19.23 -7.43
N LEU B 182 10.37 -18.96 -7.80
CA LEU B 182 11.51 -19.15 -6.93
C LEU B 182 12.49 -18.00 -7.11
N SER B 183 13.28 -17.76 -6.07
CA SER B 183 14.49 -16.98 -6.25
C SER B 183 15.47 -17.76 -7.10
N LYS B 184 16.32 -17.04 -7.83
CA LYS B 184 17.42 -17.69 -8.53
C LYS B 184 18.31 -18.47 -7.55
N ALA B 185 18.59 -17.90 -6.38
CA ALA B 185 19.43 -18.60 -5.41
C ALA B 185 18.85 -19.96 -5.05
N ASP B 186 17.56 -19.99 -4.70
CA ASP B 186 16.90 -21.27 -4.43
C ASP B 186 16.81 -22.13 -5.68
N TYR B 187 16.74 -21.50 -6.86
CA TYR B 187 16.60 -22.27 -8.08
C TYR B 187 17.85 -23.09 -8.34
N GLU B 188 19.02 -22.54 -8.04
CA GLU B 188 20.24 -23.26 -8.29
C GLU B 188 20.71 -24.11 -7.12
N LYS B 189 20.02 -24.06 -5.98
CA LYS B 189 20.23 -24.98 -4.88
C LYS B 189 19.61 -26.33 -5.14
N HIS B 190 19.06 -26.54 -6.33
CA HIS B 190 18.38 -27.78 -6.63
C HIS B 190 18.60 -28.17 -8.08
N LYS B 191 18.32 -29.45 -8.34
CA LYS B 191 18.52 -30.04 -9.66
C LYS B 191 17.20 -30.49 -10.28
N VAL B 192 16.44 -31.32 -9.61
CA VAL B 192 15.31 -32.02 -10.22
C VAL B 192 14.04 -31.21 -10.01
N TYR B 193 13.51 -30.70 -11.11
CA TYR B 193 12.30 -29.86 -11.09
C TYR B 193 11.18 -30.61 -11.78
N ALA B 194 10.12 -30.88 -11.03
CA ALA B 194 9.13 -31.85 -11.47
C ALA B 194 7.73 -31.35 -11.23
N CYS B 195 6.85 -31.80 -12.10
CA CYS B 195 5.44 -31.45 -12.09
C CYS B 195 4.66 -32.75 -12.10
N GLU B 196 3.69 -32.86 -11.19
CA GLU B 196 2.95 -34.10 -10.99
C GLU B 196 1.49 -33.78 -11.19
N VAL B 197 0.80 -34.56 -12.01
CA VAL B 197 -0.56 -34.18 -12.34
C VAL B 197 -1.48 -35.35 -12.10
N THR B 198 -2.54 -35.11 -11.35
CA THR B 198 -3.59 -36.09 -11.16
C THR B 198 -4.85 -35.58 -11.82
N HIS B 199 -5.44 -36.43 -12.66
CA HIS B 199 -6.63 -36.10 -13.40
C HIS B 199 -7.40 -37.38 -13.68
N GLN B 200 -8.70 -37.23 -13.88
CA GLN B 200 -9.56 -38.38 -14.07
C GLN B 200 -9.15 -39.18 -15.31
N GLY B 201 -8.72 -38.51 -16.37
CA GLY B 201 -8.24 -39.23 -17.53
C GLY B 201 -6.85 -39.80 -17.44
N LEU B 202 -6.18 -39.67 -16.30
CA LEU B 202 -4.84 -40.21 -16.12
C LEU B 202 -4.97 -41.48 -15.29
N SER B 203 -4.48 -42.59 -15.83
CA SER B 203 -4.62 -43.86 -15.12
C SER B 203 -3.98 -43.77 -13.75
N SER B 204 -2.77 -43.22 -13.71
CA SER B 204 -2.02 -42.95 -12.51
C SER B 204 -1.38 -41.60 -12.73
N PRO B 205 -1.09 -40.86 -11.66
CA PRO B 205 -0.62 -39.48 -11.86
C PRO B 205 0.59 -39.43 -12.79
N VAL B 206 0.53 -38.48 -13.72
CA VAL B 206 1.55 -38.27 -14.73
C VAL B 206 2.53 -37.22 -14.23
N THR B 207 3.80 -37.43 -14.54
CA THR B 207 4.84 -36.56 -14.02
C THR B 207 5.79 -36.18 -15.13
N LYS B 208 6.04 -34.89 -15.26
CA LYS B 208 7.01 -34.36 -16.19
C LYS B 208 8.06 -33.61 -15.36
N SER B 209 9.32 -33.75 -15.72
CA SER B 209 10.39 -33.12 -14.95
C SER B 209 11.54 -32.83 -15.89
N PHE B 210 12.46 -31.98 -15.42
CA PHE B 210 13.75 -31.80 -16.07
C PHE B 210 14.85 -31.68 -15.00
N ASN B 211 16.10 -31.76 -15.46
CA ASN B 211 17.25 -31.49 -14.60
C ASN B 211 17.88 -30.18 -15.02
N ARG B 212 18.06 -29.28 -14.06
CA ARG B 212 18.54 -27.94 -14.36
C ARG B 212 19.90 -28.01 -15.04
N GLY B 213 19.98 -27.51 -16.28
CA GLY B 213 21.21 -27.60 -17.07
C GLY B 213 21.36 -28.66 -18.16
N GLU B 214 20.40 -28.76 -19.07
CA GLU B 214 20.42 -29.73 -20.17
C GLU B 214 20.50 -28.95 -21.49
N CYS B 215 21.50 -29.27 -22.33
CA CYS B 215 21.79 -28.50 -23.55
C CYS B 215 20.91 -28.85 -24.76
N SER D 3 -14.77 -16.79 -37.03
CA SER D 3 -14.74 -16.76 -35.56
C SER D 3 -13.36 -16.38 -35.09
N GLU D 4 -12.36 -17.21 -35.41
CA GLU D 4 -10.98 -16.88 -35.08
C GLU D 4 -10.32 -15.97 -36.11
N VAL D 5 -10.99 -15.69 -37.24
CA VAL D 5 -10.56 -14.66 -38.18
C VAL D 5 -11.18 -13.32 -37.81
N GLN D 6 -10.40 -12.25 -37.94
CA GLN D 6 -10.79 -10.94 -37.42
C GLN D 6 -10.05 -9.86 -38.18
N LEU D 7 -10.75 -8.81 -38.62
CA LEU D 7 -10.11 -7.61 -39.16
C LEU D 7 -10.42 -6.44 -38.23
N VAL D 8 -9.38 -5.76 -37.78
CA VAL D 8 -9.47 -4.77 -36.73
C VAL D 8 -8.80 -3.52 -37.24
N GLU D 9 -9.56 -2.44 -37.42
CA GLU D 9 -9.06 -1.27 -38.13
C GLU D 9 -8.72 -0.17 -37.15
N SER D 10 -7.82 0.72 -37.54
CA SER D 10 -7.61 1.94 -36.77
C SER D 10 -7.12 3.02 -37.72
N GLY D 11 -6.93 4.21 -37.18
CA GLY D 11 -6.44 5.35 -37.92
C GLY D 11 -7.48 6.38 -38.34
N GLY D 12 -8.77 6.07 -38.26
CA GLY D 12 -9.76 7.06 -38.62
C GLY D 12 -9.61 8.33 -37.82
N GLY D 13 -10.36 9.33 -38.22
CA GLY D 13 -10.31 10.58 -37.50
C GLY D 13 -10.76 11.70 -38.41
N LEU D 14 -10.46 12.91 -37.99
CA LEU D 14 -10.91 14.12 -38.65
C LEU D 14 -9.71 14.81 -39.28
N VAL D 15 -9.89 15.27 -40.52
CA VAL D 15 -8.81 15.88 -41.25
C VAL D 15 -9.36 16.98 -42.17
N GLN D 16 -8.54 18.05 -42.39
CA GLN D 16 -8.90 19.15 -43.30
C GLN D 16 -8.77 18.71 -44.75
N PRO D 17 -9.53 19.31 -45.66
CA PRO D 17 -9.42 18.92 -47.08
C PRO D 17 -7.98 19.08 -47.56
N GLY D 18 -7.45 18.03 -48.19
CA GLY D 18 -6.06 18.05 -48.60
C GLY D 18 -5.08 17.45 -47.62
N GLY D 19 -5.54 17.04 -46.44
CA GLY D 19 -4.68 16.35 -45.50
C GLY D 19 -4.55 14.90 -45.85
N SER D 20 -3.80 14.17 -45.02
CA SER D 20 -3.56 12.74 -45.24
C SER D 20 -3.80 11.93 -43.98
N LEU D 21 -3.92 10.62 -44.18
CA LEU D 21 -4.37 9.70 -43.16
C LEU D 21 -3.98 8.31 -43.61
N ARG D 22 -3.43 7.50 -42.70
CA ARG D 22 -3.15 6.11 -43.01
C ARG D 22 -4.05 5.25 -42.15
N LEU D 23 -4.92 4.50 -42.80
CA LEU D 23 -5.79 3.56 -42.13
C LEU D 23 -5.10 2.20 -42.04
N SER D 24 -5.47 1.41 -41.01
CA SER D 24 -4.83 0.14 -40.69
C SER D 24 -5.86 -0.96 -40.64
N CYS D 25 -5.47 -2.15 -41.10
CA CYS D 25 -6.35 -3.30 -41.11
C CYS D 25 -5.52 -4.48 -40.60
N ALA D 26 -5.53 -4.69 -39.28
CA ALA D 26 -4.74 -5.73 -38.67
C ALA D 26 -5.50 -7.04 -38.69
N ALA D 27 -4.88 -8.06 -39.25
CA ALA D 27 -5.53 -9.32 -39.53
C ALA D 27 -5.10 -10.33 -38.51
N SER D 28 -6.03 -11.12 -38.07
CA SER D 28 -5.63 -12.24 -37.26
C SER D 28 -6.46 -13.43 -37.70
N GLY D 29 -5.90 -14.62 -37.49
CA GLY D 29 -6.46 -15.88 -37.93
C GLY D 29 -5.87 -16.39 -39.21
N PHE D 30 -5.16 -15.56 -39.96
CA PHE D 30 -4.67 -15.99 -41.26
C PHE D 30 -3.50 -15.14 -41.67
N TYR D 31 -2.66 -15.69 -42.55
CA TYR D 31 -1.56 -14.92 -43.11
C TYR D 31 -2.11 -14.05 -44.25
N ILE D 32 -1.92 -12.75 -44.12
CA ILE D 32 -2.45 -11.76 -45.05
C ILE D 32 -1.83 -11.85 -46.43
N SER D 33 -0.64 -12.46 -46.55
CA SER D 33 0.05 -12.42 -47.85
C SER D 33 -0.55 -13.37 -48.87
N TYR D 34 -1.45 -14.26 -48.47
CA TYR D 34 -2.10 -15.20 -49.34
C TYR D 34 -3.55 -14.79 -49.62
N SER D 35 -3.90 -13.54 -49.35
CA SER D 35 -5.28 -13.12 -49.58
C SER D 35 -5.28 -11.79 -50.32
N SER D 36 -6.27 -11.60 -51.18
CA SER D 36 -6.51 -10.24 -51.67
C SER D 36 -7.15 -9.48 -50.53
N ILE D 37 -6.65 -8.27 -50.26
CA ILE D 37 -7.26 -7.36 -49.29
C ILE D 37 -7.84 -6.15 -50.02
N HIS D 38 -9.08 -5.83 -49.69
CA HIS D 38 -9.81 -4.71 -50.23
C HIS D 38 -10.12 -3.67 -49.15
N TRP D 39 -10.26 -2.40 -49.56
CA TRP D 39 -10.83 -1.32 -48.76
C TRP D 39 -12.15 -0.87 -49.38
N VAL D 40 -13.19 -0.80 -48.56
CA VAL D 40 -14.52 -0.36 -48.98
C VAL D 40 -15.02 0.70 -48.00
N ARG D 41 -15.54 1.81 -48.51
CA ARG D 41 -16.03 2.89 -47.66
C ARG D 41 -17.50 3.12 -47.92
N GLN D 42 -18.12 3.96 -47.09
CA GLN D 42 -19.57 4.12 -47.12
C GLN D 42 -19.93 5.49 -46.54
N ALA D 43 -20.33 6.43 -47.39
CA ALA D 43 -20.62 7.76 -46.90
C ALA D 43 -21.80 7.73 -45.93
N PRO D 44 -21.85 8.65 -44.97
CA PRO D 44 -22.94 8.64 -43.99
C PRO D 44 -24.28 8.72 -44.71
N GLY D 45 -25.10 7.70 -44.52
CA GLY D 45 -26.39 7.70 -45.16
C GLY D 45 -26.39 7.21 -46.58
N LYS D 46 -25.23 7.02 -47.20
CA LYS D 46 -25.16 6.47 -48.55
C LYS D 46 -24.83 4.97 -48.47
N GLY D 47 -24.53 4.38 -49.63
CA GLY D 47 -24.27 2.96 -49.74
C GLY D 47 -22.80 2.66 -49.93
N LEU D 48 -22.53 1.42 -50.31
CA LEU D 48 -21.15 0.93 -50.38
C LEU D 48 -20.47 1.38 -51.67
N GLU D 49 -19.21 1.75 -51.53
CA GLU D 49 -18.35 2.19 -52.63
C GLU D 49 -16.98 1.54 -52.47
N TRP D 50 -16.61 0.65 -53.40
CA TRP D 50 -15.29 0.02 -53.36
C TRP D 50 -14.19 1.09 -53.50
N VAL D 51 -13.00 0.79 -52.96
CA VAL D 51 -11.99 1.83 -52.91
C VAL D 51 -10.63 1.40 -53.49
N ALA D 52 -10.05 0.30 -52.98
CA ALA D 52 -8.77 -0.21 -53.48
C ALA D 52 -8.61 -1.68 -53.13
N SER D 53 -7.72 -2.38 -53.85
CA SER D 53 -7.45 -3.79 -53.49
C SER D 53 -5.99 -4.08 -53.77
N ILE D 54 -5.45 -5.07 -53.05
CA ILE D 54 -4.08 -5.56 -53.24
C ILE D 54 -4.10 -7.07 -53.36
N SER D 55 -3.35 -7.61 -54.41
CA SER D 55 -3.55 -8.99 -54.80
C SER D 55 -2.48 -9.89 -54.24
N PRO D 56 -2.81 -11.13 -53.96
CA PRO D 56 -1.81 -12.05 -53.40
C PRO D 56 -0.73 -12.44 -54.39
N TYR D 57 0.42 -12.75 -53.81
CA TYR D 57 1.64 -13.28 -54.40
C TYR D 57 2.37 -12.32 -55.31
N SER D 58 1.70 -11.27 -55.77
CA SER D 58 2.29 -10.42 -56.78
C SER D 58 2.38 -8.98 -56.36
N GLY D 59 1.56 -8.55 -55.42
CA GLY D 59 1.49 -7.17 -55.03
C GLY D 59 0.76 -6.25 -55.96
N SER D 60 0.05 -6.79 -56.96
CA SER D 60 -0.71 -5.94 -57.87
C SER D 60 -1.78 -5.18 -57.10
N THR D 61 -1.90 -3.89 -57.39
CA THR D 61 -2.86 -3.04 -56.72
C THR D 61 -3.80 -2.44 -57.76
N TYR D 62 -5.06 -2.24 -57.35
CA TYR D 62 -6.10 -1.66 -58.18
C TYR D 62 -6.86 -0.59 -57.40
N TYR D 63 -7.40 0.42 -58.07
CA TYR D 63 -8.05 1.55 -57.38
C TYR D 63 -9.30 2.02 -58.11
N ALA D 64 -10.22 2.54 -57.31
CA ALA D 64 -11.37 3.26 -57.85
C ALA D 64 -10.93 4.61 -58.40
N ASP D 65 -11.57 5.04 -59.49
CA ASP D 65 -11.15 6.28 -60.14
C ASP D 65 -11.28 7.49 -59.23
N SER D 66 -12.32 7.53 -58.38
CA SER D 66 -12.48 8.68 -57.50
C SER D 66 -11.35 8.79 -56.51
N VAL D 67 -10.45 7.81 -56.46
CA VAL D 67 -9.33 7.91 -55.53
C VAL D 67 -8.03 7.75 -56.26
N LYS D 68 -8.07 7.28 -57.49
CA LYS D 68 -6.82 6.92 -58.15
C LYS D 68 -5.87 8.10 -58.18
N GLY D 69 -4.66 7.88 -57.70
CA GLY D 69 -3.69 8.94 -57.59
C GLY D 69 -3.56 9.58 -56.22
N ARG D 70 -4.54 9.41 -55.32
CA ARG D 70 -4.46 9.96 -53.97
C ARG D 70 -4.32 8.92 -52.87
N PHE D 71 -4.83 7.72 -53.08
CA PHE D 71 -4.80 6.70 -52.06
C PHE D 71 -3.84 5.60 -52.46
N THR D 72 -3.30 4.93 -51.46
CA THR D 72 -2.34 3.85 -51.68
C THR D 72 -2.68 2.69 -50.77
N ILE D 73 -3.07 1.57 -51.35
CA ILE D 73 -3.19 0.35 -50.57
C ILE D 73 -1.80 -0.27 -50.46
N SER D 74 -1.51 -0.87 -49.31
CA SER D 74 -0.29 -1.66 -49.18
C SER D 74 -0.52 -2.73 -48.12
N ALA D 75 0.45 -3.63 -48.01
CA ALA D 75 0.38 -4.69 -47.02
C ALA D 75 1.76 -4.90 -46.38
N ASP D 76 1.78 -5.03 -45.08
CA ASP D 76 3.03 -5.35 -44.40
C ASP D 76 2.92 -6.81 -44.01
N THR D 77 3.68 -7.68 -44.67
CA THR D 77 3.52 -9.07 -44.30
C THR D 77 4.14 -9.38 -42.92
N SER D 78 5.24 -8.71 -42.55
CA SER D 78 5.83 -9.07 -41.25
C SER D 78 4.94 -8.66 -40.08
N LYS D 79 4.13 -7.59 -40.22
CA LYS D 79 3.17 -7.15 -39.20
C LYS D 79 1.78 -7.69 -39.44
N ASN D 80 1.59 -8.53 -40.48
CA ASN D 80 0.31 -9.13 -40.89
C ASN D 80 -0.84 -8.12 -41.05
N THR D 81 -0.54 -6.90 -41.52
CA THR D 81 -1.51 -5.79 -41.57
C THR D 81 -1.56 -5.06 -42.89
N ALA D 82 -2.76 -4.62 -43.27
CA ALA D 82 -2.95 -3.81 -44.48
C ALA D 82 -3.15 -2.34 -44.12
N TYR D 83 -2.87 -1.47 -45.09
CA TYR D 83 -2.90 -0.04 -44.86
C TYR D 83 -3.61 0.63 -46.03
N LEU D 84 -4.04 1.87 -45.82
CA LEU D 84 -4.54 2.65 -46.94
C LEU D 84 -4.06 4.07 -46.68
N GLN D 85 -2.97 4.45 -47.32
CA GLN D 85 -2.53 5.82 -47.22
C GLN D 85 -3.45 6.66 -48.07
N MET D 86 -4.15 7.60 -47.45
CA MET D 86 -5.03 8.49 -48.19
C MET D 86 -4.34 9.84 -48.16
N ASN D 87 -4.06 10.39 -49.33
CA ASN D 87 -3.43 11.68 -49.41
C ASN D 87 -4.37 12.69 -50.07
N SER D 88 -4.12 13.97 -49.79
CA SER D 88 -4.90 15.09 -50.33
C SER D 88 -6.39 14.79 -50.34
N LEU D 89 -6.92 14.58 -49.14
CA LEU D 89 -8.30 14.15 -48.97
C LEU D 89 -9.27 15.28 -49.28
N ARG D 90 -10.45 14.90 -49.72
CA ARG D 90 -11.52 15.82 -50.05
C ARG D 90 -12.67 15.54 -49.11
N ALA D 91 -13.60 16.50 -49.01
CA ALA D 91 -14.75 16.29 -48.14
C ALA D 91 -15.62 15.12 -48.59
N GLU D 92 -15.67 14.85 -49.90
CA GLU D 92 -16.42 13.74 -50.43
C GLU D 92 -15.92 12.40 -49.92
N ASP D 93 -14.68 12.37 -49.41
CA ASP D 93 -14.09 11.14 -48.89
C ASP D 93 -14.61 10.78 -47.52
N THR D 94 -15.43 11.63 -46.91
CA THR D 94 -15.99 11.28 -45.61
C THR D 94 -16.77 9.99 -45.71
N ALA D 95 -16.45 9.05 -44.83
CA ALA D 95 -17.18 7.80 -44.81
C ALA D 95 -16.65 6.95 -43.65
N VAL D 96 -17.33 5.83 -43.42
CA VAL D 96 -16.76 4.71 -42.69
C VAL D 96 -16.00 3.86 -43.71
N TYR D 97 -14.70 3.69 -43.51
CA TYR D 97 -13.86 2.91 -44.41
C TYR D 97 -13.73 1.53 -43.79
N TYR D 98 -14.14 0.51 -44.56
CA TYR D 98 -14.02 -0.91 -44.20
C TYR D 98 -12.85 -1.55 -44.91
N CYS D 99 -12.19 -2.49 -44.27
CA CYS D 99 -11.36 -3.35 -45.08
C CYS D 99 -12.06 -4.68 -45.16
N ALA D 100 -11.76 -5.42 -46.19
CA ALA D 100 -12.37 -6.73 -46.30
C ALA D 100 -11.35 -7.70 -46.91
N ARG D 101 -11.54 -8.96 -46.62
CA ARG D 101 -10.71 -10.03 -47.13
C ARG D 101 -11.42 -10.75 -48.29
N GLN D 102 -10.70 -10.98 -49.37
CA GLN D 102 -11.28 -11.81 -50.41
C GLN D 102 -11.18 -13.25 -49.95
N GLY D 103 -12.27 -14.00 -50.09
CA GLY D 103 -12.28 -15.36 -49.58
C GLY D 103 -11.22 -16.26 -50.18
N TYR D 104 -11.11 -17.49 -49.69
CA TYR D 104 -10.26 -18.44 -50.37
C TYR D 104 -11.07 -19.00 -51.53
N ARG D 105 -10.42 -19.04 -52.70
CA ARG D 105 -11.15 -19.05 -53.97
C ARG D 105 -12.23 -20.12 -54.03
N ARG D 106 -11.94 -21.34 -53.57
CA ARG D 106 -12.89 -22.43 -53.73
C ARG D 106 -14.12 -22.28 -52.85
N ARG D 107 -14.00 -21.55 -51.73
CA ARG D 107 -15.08 -21.56 -50.76
C ARG D 107 -16.05 -20.39 -50.90
N SER D 108 -15.60 -19.17 -51.26
CA SER D 108 -16.58 -18.09 -51.31
C SER D 108 -16.37 -17.17 -52.53
N GLY D 109 -15.85 -17.70 -53.63
CA GLY D 109 -15.72 -16.92 -54.86
C GLY D 109 -14.84 -15.68 -54.71
N ARG D 110 -15.41 -14.55 -55.14
CA ARG D 110 -14.78 -13.25 -54.96
C ARG D 110 -15.56 -12.41 -53.95
N GLY D 111 -16.42 -13.07 -53.18
CA GLY D 111 -17.10 -12.40 -52.12
C GLY D 111 -16.12 -12.07 -51.01
N PHE D 112 -16.38 -10.95 -50.33
CA PHE D 112 -15.61 -10.54 -49.17
C PHE D 112 -16.20 -11.21 -47.93
N ASP D 113 -15.55 -12.27 -47.39
CA ASP D 113 -16.18 -13.05 -46.33
C ASP D 113 -16.08 -12.41 -44.93
N TYR D 114 -15.04 -11.59 -44.68
CA TYR D 114 -14.79 -10.95 -43.40
C TYR D 114 -14.56 -9.47 -43.58
N TRP D 115 -15.15 -8.67 -42.69
CA TRP D 115 -15.02 -7.21 -42.71
C TRP D 115 -14.55 -6.66 -41.38
N GLY D 116 -13.64 -5.69 -41.44
CA GLY D 116 -13.29 -4.95 -40.26
C GLY D 116 -14.48 -4.19 -39.77
N GLN D 117 -14.33 -3.48 -38.69
CA GLN D 117 -15.47 -2.88 -38.03
C GLN D 117 -15.84 -1.51 -38.60
N GLY D 118 -15.02 -0.96 -39.46
CA GLY D 118 -15.27 0.41 -39.85
C GLY D 118 -14.43 1.37 -39.06
N THR D 119 -13.94 2.40 -39.73
CA THR D 119 -13.31 3.51 -39.04
C THR D 119 -13.73 4.80 -39.73
N LEU D 120 -14.18 5.76 -38.95
CA LEU D 120 -14.81 6.94 -39.52
C LEU D 120 -13.71 7.90 -39.92
N VAL D 121 -13.77 8.39 -41.16
CA VAL D 121 -12.85 9.40 -41.63
C VAL D 121 -13.71 10.59 -42.01
N THR D 122 -13.45 11.75 -41.40
CA THR D 122 -14.28 12.92 -41.60
C THR D 122 -13.41 14.02 -42.16
N VAL D 123 -13.73 14.50 -43.36
CA VAL D 123 -12.98 15.58 -44.00
C VAL D 123 -13.84 16.84 -43.99
N SER D 124 -13.39 17.82 -43.24
CA SER D 124 -14.16 19.03 -43.04
C SER D 124 -13.17 20.08 -42.64
N SER D 125 -13.45 21.29 -43.07
CA SER D 125 -12.66 22.45 -42.66
C SER D 125 -13.32 23.20 -41.52
N ALA D 126 -14.43 22.66 -41.00
CA ALA D 126 -15.11 23.24 -39.86
C ALA D 126 -14.23 23.13 -38.61
N SER D 127 -14.47 24.07 -37.69
CA SER D 127 -13.89 24.07 -36.36
C SER D 127 -14.99 23.70 -35.39
N THR D 128 -14.59 23.19 -34.22
CA THR D 128 -15.54 22.70 -33.24
C THR D 128 -16.54 23.78 -32.78
N LYS D 129 -17.82 23.41 -32.71
CA LYS D 129 -18.87 24.32 -32.25
C LYS D 129 -20.00 23.54 -31.59
N GLY D 130 -20.35 23.93 -30.38
CA GLY D 130 -21.47 23.34 -29.69
C GLY D 130 -22.76 23.97 -30.20
N PRO D 131 -23.86 23.24 -30.04
CA PRO D 131 -25.12 23.72 -30.62
C PRO D 131 -25.68 24.92 -29.88
N SER D 132 -26.46 25.72 -30.60
CA SER D 132 -27.43 26.60 -29.94
C SER D 132 -28.71 25.80 -29.81
N VAL D 133 -29.26 25.80 -28.62
CA VAL D 133 -30.43 24.99 -28.31
C VAL D 133 -31.60 25.93 -28.19
N PHE D 134 -32.66 25.64 -28.95
CA PHE D 134 -33.79 26.54 -29.08
C PHE D 134 -35.04 25.76 -28.73
N PRO D 135 -35.82 26.21 -27.77
CA PRO D 135 -37.05 25.49 -27.43
C PRO D 135 -38.00 25.50 -28.61
N LEU D 136 -38.68 24.36 -28.81
CA LEU D 136 -39.84 24.28 -29.69
C LEU D 136 -41.05 24.31 -28.75
N ALA D 137 -41.45 25.52 -28.40
CA ALA D 137 -42.34 25.69 -27.26
C ALA D 137 -43.70 25.10 -27.56
N PRO D 138 -44.35 24.49 -26.58
CA PRO D 138 -45.73 24.04 -26.73
C PRO D 138 -46.69 25.19 -26.42
N SER D 139 -47.69 25.37 -27.27
CA SER D 139 -48.67 26.42 -27.05
C SER D 139 -49.96 26.03 -27.78
N SER D 140 -50.94 26.93 -27.80
CA SER D 140 -51.95 26.80 -28.84
C SER D 140 -51.22 26.83 -30.18
N LYS D 141 -51.71 26.04 -31.14
CA LYS D 141 -51.13 25.72 -32.45
C LYS D 141 -50.07 24.60 -32.39
N SER D 142 -49.84 23.97 -31.23
CA SER D 142 -49.08 22.72 -31.13
C SER D 142 -49.83 21.73 -30.24
N THR D 143 -51.16 21.76 -30.32
CA THR D 143 -52.08 20.88 -29.59
C THR D 143 -52.96 20.19 -30.62
N SER D 144 -52.57 18.98 -31.03
CA SER D 144 -53.30 18.23 -32.04
C SER D 144 -54.06 17.12 -31.32
N GLY D 145 -55.27 17.46 -30.86
CA GLY D 145 -56.13 16.53 -30.16
C GLY D 145 -55.82 16.39 -28.68
N GLY D 146 -55.79 15.14 -28.20
CA GLY D 146 -55.56 14.84 -26.80
C GLY D 146 -54.11 14.84 -26.35
N THR D 147 -53.17 14.93 -27.29
CA THR D 147 -51.74 14.97 -26.99
C THR D 147 -51.13 16.21 -27.66
N ALA D 148 -50.04 16.70 -27.07
CA ALA D 148 -49.35 17.88 -27.56
C ALA D 148 -47.96 17.45 -28.05
N ALA D 149 -47.27 18.36 -28.74
CA ALA D 149 -45.95 18.07 -29.28
C ALA D 149 -45.01 19.22 -28.94
N LEU D 150 -43.80 18.85 -28.55
CA LEU D 150 -42.76 19.79 -28.22
C LEU D 150 -41.43 19.11 -28.45
N GLY D 151 -40.37 19.89 -28.38
CA GLY D 151 -39.06 19.35 -28.66
C GLY D 151 -38.04 20.42 -28.46
N CYS D 152 -36.81 20.10 -28.83
CA CYS D 152 -35.69 21.03 -28.82
C CYS D 152 -35.04 21.02 -30.19
N LEU D 153 -34.60 22.19 -30.63
CA LEU D 153 -33.88 22.30 -31.89
C LEU D 153 -32.38 22.46 -31.60
N VAL D 154 -31.60 21.47 -32.03
CA VAL D 154 -30.16 21.44 -31.82
C VAL D 154 -29.47 21.92 -33.08
N LYS D 155 -28.88 23.11 -33.02
CA LYS D 155 -28.58 23.87 -34.22
C LYS D 155 -27.12 24.27 -34.30
N ASP D 156 -26.55 24.10 -35.50
CA ASP D 156 -25.27 24.67 -35.91
C ASP D 156 -24.10 24.13 -35.10
N TYR D 157 -23.99 22.80 -35.03
CA TYR D 157 -22.86 22.23 -34.31
C TYR D 157 -21.93 21.44 -35.25
N PHE D 158 -20.69 21.25 -34.77
CA PHE D 158 -19.70 20.42 -35.45
C PHE D 158 -18.71 19.91 -34.42
N PRO D 159 -18.29 18.64 -34.50
CA PRO D 159 -18.72 17.58 -35.39
C PRO D 159 -19.80 16.75 -34.77
N GLU D 160 -20.12 15.62 -35.35
CA GLU D 160 -20.94 14.66 -34.66
C GLU D 160 -20.12 14.07 -33.51
N PRO D 161 -20.78 13.55 -32.47
CA PRO D 161 -22.21 13.49 -32.25
C PRO D 161 -22.65 14.47 -31.20
N VAL D 162 -23.94 14.74 -31.12
CA VAL D 162 -24.55 15.29 -29.94
C VAL D 162 -25.33 14.16 -29.34
N THR D 163 -25.67 14.30 -28.08
CA THR D 163 -26.65 13.43 -27.42
C THR D 163 -27.77 14.28 -26.87
N VAL D 164 -29.02 13.83 -27.03
CA VAL D 164 -30.20 14.53 -26.52
C VAL D 164 -31.00 13.56 -25.66
N SER D 165 -31.24 13.94 -24.41
CA SER D 165 -32.17 13.25 -23.52
C SER D 165 -33.32 14.18 -23.14
N TRP D 166 -34.35 13.63 -22.53
CA TRP D 166 -35.39 14.48 -21.98
C TRP D 166 -35.51 14.24 -20.49
N ASN D 167 -35.67 15.31 -19.73
CA ASN D 167 -35.84 15.24 -18.29
C ASN D 167 -34.79 14.31 -17.66
N SER D 168 -33.54 14.51 -18.11
CA SER D 168 -32.36 13.75 -17.69
C SER D 168 -32.50 12.26 -17.94
N GLY D 169 -33.16 11.92 -19.04
CA GLY D 169 -33.26 10.55 -19.45
C GLY D 169 -34.44 9.86 -18.88
N ALA D 170 -35.09 10.47 -17.90
CA ALA D 170 -36.23 9.82 -17.30
C ALA D 170 -37.28 9.61 -18.37
N LEU D 171 -37.42 10.57 -19.26
CA LEU D 171 -38.44 10.56 -20.29
C LEU D 171 -37.80 10.09 -21.60
N THR D 172 -38.26 8.92 -22.09
CA THR D 172 -37.73 8.32 -23.30
C THR D 172 -38.84 7.87 -24.26
N SER D 173 -40.01 7.53 -23.74
CA SER D 173 -41.06 7.01 -24.60
C SER D 173 -41.67 8.11 -25.44
N GLY D 174 -41.81 7.86 -26.74
CA GLY D 174 -42.36 8.88 -27.62
C GLY D 174 -41.42 9.99 -27.99
N VAL D 175 -40.14 9.83 -27.72
CA VAL D 175 -39.15 10.80 -28.13
C VAL D 175 -38.72 10.42 -29.54
N HIS D 176 -38.65 11.42 -30.40
CA HIS D 176 -38.09 11.27 -31.72
C HIS D 176 -36.97 12.28 -31.80
N THR D 177 -35.76 11.79 -32.06
CA THR D 177 -34.58 12.62 -32.26
C THR D 177 -34.04 12.35 -33.66
N PHE D 178 -34.12 13.34 -34.54
CA PHE D 178 -33.89 13.04 -35.93
C PHE D 178 -32.41 13.00 -36.24
N PRO D 179 -32.03 12.30 -37.30
CA PRO D 179 -30.65 12.38 -37.77
C PRO D 179 -30.26 13.80 -38.07
N ALA D 180 -29.01 14.11 -37.74
CA ALA D 180 -28.43 15.39 -38.09
C ALA D 180 -28.29 15.48 -39.59
N VAL D 181 -28.49 16.70 -40.11
CA VAL D 181 -28.34 16.99 -41.52
C VAL D 181 -27.07 17.81 -41.70
N LEU D 182 -26.32 17.52 -42.75
CA LEU D 182 -25.12 18.27 -43.03
C LEU D 182 -25.48 19.52 -43.80
N GLN D 183 -25.23 20.69 -43.24
CA GLN D 183 -25.67 21.87 -43.96
C GLN D 183 -24.55 22.36 -44.89
N SER D 184 -24.93 23.20 -45.87
CA SER D 184 -23.92 23.72 -46.77
C SER D 184 -22.91 24.58 -46.05
N SER D 185 -23.22 24.99 -44.81
CA SER D 185 -22.34 25.73 -43.93
C SER D 185 -21.23 24.85 -43.40
N GLY D 186 -21.32 23.54 -43.62
CA GLY D 186 -20.37 22.59 -43.09
C GLY D 186 -20.68 22.13 -41.69
N LEU D 187 -21.73 22.67 -41.09
CA LEU D 187 -22.17 22.30 -39.76
C LEU D 187 -23.37 21.39 -39.82
N TYR D 188 -23.52 20.63 -38.76
CA TYR D 188 -24.63 19.72 -38.55
C TYR D 188 -25.66 20.42 -37.67
N SER D 189 -26.91 19.94 -37.74
CA SER D 189 -27.97 20.38 -36.85
C SER D 189 -29.07 19.34 -36.89
N LEU D 190 -29.60 19.02 -35.73
CA LEU D 190 -30.72 18.11 -35.64
C LEU D 190 -31.76 18.69 -34.70
N SER D 191 -32.80 17.92 -34.44
CA SER D 191 -33.80 18.33 -33.49
C SER D 191 -34.46 17.08 -32.94
N SER D 192 -34.85 17.18 -31.68
CA SER D 192 -35.48 16.12 -30.92
C SER D 192 -36.86 16.60 -30.50
N VAL D 193 -37.85 15.74 -30.64
CA VAL D 193 -39.24 16.10 -30.40
C VAL D 193 -39.86 15.01 -29.55
N VAL D 194 -40.89 15.40 -28.81
CA VAL D 194 -41.56 14.47 -27.92
C VAL D 194 -43.04 14.83 -27.86
N THR D 195 -43.88 13.80 -27.81
CA THR D 195 -45.31 13.96 -27.55
C THR D 195 -45.64 13.66 -26.10
N VAL D 196 -46.51 14.50 -25.53
CA VAL D 196 -46.93 14.42 -24.13
C VAL D 196 -48.44 14.65 -24.06
N PRO D 197 -49.06 14.22 -22.95
CA PRO D 197 -50.47 14.59 -22.73
C PRO D 197 -50.63 16.10 -22.61
N SER D 198 -51.61 16.63 -23.35
CA SER D 198 -51.78 18.09 -23.43
C SER D 198 -52.27 18.70 -22.13
N SER D 199 -52.70 17.89 -21.18
CA SER D 199 -53.10 18.37 -19.86
C SER D 199 -51.93 18.63 -18.93
N SER D 200 -50.73 18.13 -19.22
CA SER D 200 -49.58 18.35 -18.36
C SER D 200 -48.75 19.57 -18.77
N LEU D 201 -49.13 20.29 -19.82
CA LEU D 201 -48.25 21.33 -20.35
C LEU D 201 -47.88 22.33 -19.27
N GLY D 202 -48.85 22.74 -18.47
CA GLY D 202 -48.59 23.61 -17.36
C GLY D 202 -48.17 22.89 -16.10
N THR D 203 -48.49 21.61 -15.94
CA THR D 203 -48.20 20.96 -14.65
C THR D 203 -46.82 20.29 -14.54
N GLN D 204 -46.29 19.69 -15.61
CA GLN D 204 -45.02 18.96 -15.54
C GLN D 204 -43.97 19.72 -16.33
N THR D 205 -42.79 19.91 -15.75
CA THR D 205 -41.71 20.60 -16.43
C THR D 205 -40.95 19.64 -17.34
N TYR D 206 -40.72 20.06 -18.58
CA TYR D 206 -40.04 19.27 -19.60
C TYR D 206 -38.73 19.93 -19.99
N ILE D 207 -37.63 19.21 -19.83
CA ILE D 207 -36.30 19.73 -20.13
C ILE D 207 -35.59 18.80 -21.10
N CYS D 208 -34.98 19.39 -22.12
CA CYS D 208 -34.10 18.69 -23.04
C CYS D 208 -32.65 18.86 -22.64
N ASN D 209 -31.92 17.75 -22.56
CA ASN D 209 -30.54 17.76 -22.13
C ASN D 209 -29.68 17.45 -23.34
N VAL D 210 -28.86 18.42 -23.75
CA VAL D 210 -28.06 18.33 -24.96
C VAL D 210 -26.60 18.35 -24.55
N ASN D 211 -25.89 17.28 -24.87
CA ASN D 211 -24.47 17.10 -24.56
C ASN D 211 -23.67 16.90 -25.85
N HIS D 212 -22.56 17.61 -25.99
CA HIS D 212 -21.71 17.52 -27.19
C HIS D 212 -20.25 17.38 -26.76
N LYS D 213 -19.79 16.14 -26.58
CA LYS D 213 -18.44 15.88 -26.07
C LYS D 213 -17.32 16.62 -26.81
N PRO D 214 -17.33 16.71 -28.15
CA PRO D 214 -16.24 17.45 -28.80
C PRO D 214 -16.07 18.89 -28.33
N SER D 215 -17.14 19.62 -28.05
CA SER D 215 -16.98 20.96 -27.51
C SER D 215 -17.17 21.05 -26.00
N ASN D 216 -17.35 19.93 -25.31
CA ASN D 216 -17.45 19.90 -23.86
C ASN D 216 -18.56 20.84 -23.38
N THR D 217 -19.73 20.72 -24.03
CA THR D 217 -20.90 21.56 -23.75
C THR D 217 -22.11 20.73 -23.38
N LYS D 218 -22.71 21.01 -22.23
CA LYS D 218 -24.04 20.53 -21.90
C LYS D 218 -24.98 21.71 -21.88
N VAL D 219 -26.15 21.52 -22.45
CA VAL D 219 -27.20 22.52 -22.37
C VAL D 219 -28.48 21.82 -21.98
N ASP D 220 -29.19 22.42 -21.05
CA ASP D 220 -30.52 22.02 -20.65
C ASP D 220 -31.41 23.21 -20.94
N LYS D 221 -32.43 22.98 -21.75
CA LYS D 221 -33.36 24.04 -22.16
C LYS D 221 -34.74 23.60 -21.72
N LYS D 222 -35.47 24.45 -20.99
CA LYS D 222 -36.81 24.04 -20.61
C LYS D 222 -37.79 24.48 -21.68
N VAL D 223 -38.57 23.52 -22.17
CA VAL D 223 -39.58 23.79 -23.17
C VAL D 223 -40.88 24.05 -22.41
N GLU D 224 -41.18 25.33 -22.18
CA GLU D 224 -42.26 25.97 -21.46
C GLU D 224 -43.31 26.40 -22.46
N PRO D 225 -44.57 26.44 -22.03
CA PRO D 225 -45.63 26.88 -22.94
C PRO D 225 -45.54 28.37 -23.26
N LYS D 226 -46.24 28.72 -24.35
CA LYS D 226 -46.59 30.10 -24.68
C LYS D 226 -48.08 30.27 -24.45
N SER D 227 -48.48 31.30 -23.73
CA SER D 227 -49.84 31.42 -23.25
C SER D 227 -50.55 32.54 -24.00
N CYS D 228 -51.76 32.26 -24.48
CA CYS D 228 -52.80 33.26 -24.70
C CYS D 228 -54.04 32.55 -25.27
N SER E 1 -13.97 1.25 -69.23
CA SER E 1 -15.33 1.72 -68.94
C SER E 1 -15.98 0.83 -67.87
N ASP E 2 -15.86 1.35 -66.66
CA ASP E 2 -16.49 0.88 -65.43
C ASP E 2 -17.88 0.29 -65.64
N ILE E 3 -18.11 -0.93 -65.07
CA ILE E 3 -19.40 -1.62 -65.10
C ILE E 3 -20.33 -0.98 -64.09
N GLN E 4 -21.59 -0.78 -64.46
CA GLN E 4 -22.57 -0.26 -63.51
C GLN E 4 -23.53 -1.36 -63.13
N MET E 5 -23.69 -1.56 -61.82
CA MET E 5 -24.67 -2.45 -61.20
C MET E 5 -25.78 -1.58 -60.64
N THR E 6 -27.02 -1.89 -60.99
CA THR E 6 -28.17 -1.07 -60.61
C THR E 6 -29.22 -1.93 -59.92
N GLN E 7 -29.60 -1.55 -58.70
CA GLN E 7 -30.52 -2.34 -57.90
C GLN E 7 -31.95 -1.81 -57.98
N SER E 8 -32.90 -2.71 -57.71
CA SER E 8 -34.34 -2.44 -57.64
C SER E 8 -35.00 -3.45 -56.72
N PRO E 9 -35.97 -3.01 -55.91
CA PRO E 9 -36.34 -1.61 -55.72
C PRO E 9 -35.32 -1.00 -54.83
N SER E 10 -35.22 0.30 -54.71
CA SER E 10 -34.26 0.75 -53.72
C SER E 10 -34.80 0.59 -52.29
N SER E 11 -36.12 0.54 -52.09
CA SER E 11 -36.67 0.13 -50.81
C SER E 11 -37.91 -0.71 -51.05
N LEU E 12 -38.24 -1.50 -50.04
CA LEU E 12 -39.25 -2.53 -50.18
C LEU E 12 -39.92 -2.68 -48.84
N SER E 13 -41.26 -2.88 -48.84
CA SER E 13 -42.03 -3.00 -47.60
C SER E 13 -42.77 -4.32 -47.55
N ALA E 14 -42.31 -5.23 -46.71
CA ALA E 14 -42.81 -6.60 -46.60
C ALA E 14 -43.22 -6.94 -45.15
N SER E 15 -43.99 -8.04 -45.05
CA SER E 15 -44.37 -8.65 -43.78
C SER E 15 -43.52 -9.91 -43.55
N VAL E 16 -43.51 -10.38 -42.31
CA VAL E 16 -42.75 -11.58 -41.99
C VAL E 16 -43.29 -12.71 -42.86
N GLY E 17 -42.39 -13.54 -43.40
CA GLY E 17 -42.88 -14.69 -44.15
C GLY E 17 -43.22 -14.49 -45.64
N ASP E 18 -43.03 -13.29 -46.19
CA ASP E 18 -43.32 -13.01 -47.59
C ASP E 18 -42.29 -13.65 -48.51
N ARG E 19 -42.66 -13.79 -49.79
CA ARG E 19 -41.67 -13.99 -50.84
C ARG E 19 -41.24 -12.59 -51.29
N VAL E 20 -39.94 -12.33 -51.22
CA VAL E 20 -39.34 -11.03 -51.50
C VAL E 20 -38.28 -11.19 -52.58
N THR E 21 -38.36 -10.41 -53.66
CA THR E 21 -37.30 -10.39 -54.66
C THR E 21 -36.63 -9.02 -54.72
N ILE E 22 -35.30 -9.02 -54.56
CA ILE E 22 -34.43 -7.86 -54.73
C ILE E 22 -33.71 -8.05 -56.06
N THR E 23 -33.69 -7.02 -56.92
CA THR E 23 -33.14 -7.20 -58.26
C THR E 23 -31.95 -6.27 -58.48
N CYS E 24 -30.94 -6.76 -59.21
CA CYS E 24 -29.70 -6.04 -59.50
C CYS E 24 -29.22 -6.38 -60.90
N ARG E 25 -29.26 -5.40 -61.79
CA ARG E 25 -29.02 -5.59 -63.22
C ARG E 25 -27.66 -5.00 -63.61
N ALA E 26 -26.85 -5.79 -64.32
CA ALA E 26 -25.50 -5.40 -64.70
C ALA E 26 -25.42 -4.79 -66.10
N SER E 27 -24.46 -3.89 -66.30
CA SER E 27 -24.36 -3.22 -67.57
C SER E 27 -23.56 -3.99 -68.62
N GLN E 28 -22.72 -4.94 -68.23
CA GLN E 28 -21.96 -5.74 -69.18
C GLN E 28 -21.91 -7.16 -68.67
N SER E 29 -21.16 -8.01 -69.37
CA SER E 29 -20.91 -9.34 -68.83
C SER E 29 -19.99 -9.23 -67.61
N VAL E 30 -20.49 -9.71 -66.46
CA VAL E 30 -19.65 -9.92 -65.28
C VAL E 30 -19.34 -11.40 -65.09
N SER E 31 -19.60 -12.22 -66.11
CA SER E 31 -19.65 -13.67 -65.96
C SER E 31 -20.74 -13.84 -64.91
N SER E 32 -20.54 -14.64 -63.87
CA SER E 32 -21.47 -14.65 -62.75
C SER E 32 -20.78 -14.24 -61.45
N ALA E 33 -19.59 -13.63 -61.55
CA ALA E 33 -18.83 -13.30 -60.37
C ALA E 33 -19.52 -12.10 -59.73
N VAL E 34 -20.76 -12.34 -59.28
CA VAL E 34 -21.56 -11.38 -58.52
C VAL E 34 -21.69 -11.91 -57.10
N ALA E 35 -21.50 -11.04 -56.11
CA ALA E 35 -21.70 -11.38 -54.71
C ALA E 35 -22.75 -10.47 -54.07
N TRP E 36 -23.50 -11.03 -53.13
CA TRP E 36 -24.56 -10.35 -52.37
C TRP E 36 -24.17 -10.28 -50.90
N TYR E 37 -24.49 -9.14 -50.27
CA TYR E 37 -24.14 -8.82 -48.88
C TYR E 37 -25.37 -8.32 -48.14
N GLN E 38 -25.37 -8.53 -46.84
CA GLN E 38 -26.40 -7.95 -45.99
C GLN E 38 -25.80 -6.95 -45.01
N GLN E 39 -26.38 -5.76 -44.95
CA GLN E 39 -25.92 -4.77 -44.00
C GLN E 39 -27.02 -4.39 -43.02
N LYS E 40 -26.72 -4.46 -41.75
CA LYS E 40 -27.59 -3.89 -40.76
C LYS E 40 -26.99 -2.59 -40.25
N PRO E 41 -27.81 -1.62 -39.86
CA PRO E 41 -27.29 -0.28 -39.58
C PRO E 41 -26.25 -0.35 -38.49
N GLY E 42 -25.25 0.50 -38.62
CA GLY E 42 -24.27 0.53 -37.56
C GLY E 42 -23.35 -0.66 -37.53
N LYS E 43 -23.54 -1.63 -38.43
CA LYS E 43 -22.73 -2.84 -38.42
C LYS E 43 -22.24 -3.15 -39.83
N ALA E 44 -21.16 -3.93 -39.89
CA ALA E 44 -20.54 -4.22 -41.15
C ALA E 44 -21.40 -5.19 -41.93
N PRO E 45 -21.28 -5.17 -43.25
CA PRO E 45 -22.02 -6.10 -44.07
C PRO E 45 -21.46 -7.52 -43.98
N LYS E 46 -22.35 -8.50 -44.21
CA LYS E 46 -22.04 -9.92 -44.18
C LYS E 46 -22.33 -10.62 -45.51
N LEU E 47 -21.48 -11.57 -45.86
CA LEU E 47 -21.61 -12.25 -47.14
C LEU E 47 -22.69 -13.32 -47.09
N LEU E 48 -23.67 -13.19 -47.98
CA LEU E 48 -24.75 -14.16 -48.12
C LEU E 48 -24.57 -15.00 -49.37
N ILE E 49 -24.28 -14.33 -50.49
CA ILE E 49 -24.24 -14.95 -51.80
C ILE E 49 -22.96 -14.51 -52.50
N TYR E 50 -22.29 -15.48 -53.11
CA TYR E 50 -21.16 -15.25 -53.99
C TYR E 50 -21.40 -16.07 -55.27
N SER E 51 -20.78 -15.68 -56.38
CA SER E 51 -21.00 -16.35 -57.69
C SER E 51 -22.50 -16.44 -58.05
N ALA E 52 -23.23 -15.36 -57.75
CA ALA E 52 -24.58 -15.08 -58.20
C ALA E 52 -25.67 -15.96 -57.61
N SER E 53 -25.34 -17.18 -57.14
CA SER E 53 -26.38 -18.13 -56.73
C SER E 53 -26.06 -18.94 -55.50
N SER E 54 -24.83 -18.89 -55.01
CA SER E 54 -24.32 -19.81 -54.00
C SER E 54 -24.29 -19.15 -52.61
N LEU E 55 -24.71 -19.92 -51.61
CA LEU E 55 -24.86 -19.44 -50.24
C LEU E 55 -23.57 -19.70 -49.44
N TYR E 56 -22.93 -18.61 -48.98
CA TYR E 56 -21.73 -18.69 -48.16
C TYR E 56 -22.01 -19.46 -46.88
N SER E 57 -20.96 -20.07 -46.33
CA SER E 57 -21.12 -20.95 -45.19
C SER E 57 -21.92 -20.28 -44.07
N GLY E 58 -22.96 -20.96 -43.63
CA GLY E 58 -23.83 -20.50 -42.59
C GLY E 58 -25.07 -19.76 -43.03
N VAL E 59 -25.11 -19.25 -44.24
CA VAL E 59 -26.28 -18.43 -44.55
C VAL E 59 -27.53 -19.31 -44.56
N PRO E 60 -28.66 -18.82 -44.03
CA PRO E 60 -29.89 -19.59 -44.12
C PRO E 60 -30.23 -19.86 -45.56
N SER E 61 -30.79 -21.03 -45.79
CA SER E 61 -31.08 -21.43 -47.16
C SER E 61 -32.37 -20.82 -47.67
N ARG E 62 -33.02 -19.93 -46.92
CA ARG E 62 -34.11 -19.14 -47.48
C ARG E 62 -33.61 -18.02 -48.41
N PHE E 63 -32.31 -17.73 -48.40
CA PHE E 63 -31.75 -16.76 -49.32
C PHE E 63 -31.43 -17.40 -50.67
N SER E 64 -31.81 -16.75 -51.75
CA SER E 64 -31.37 -17.25 -53.03
C SER E 64 -30.96 -16.09 -53.92
N GLY E 65 -29.95 -16.36 -54.73
CA GLY E 65 -29.52 -15.45 -55.78
C GLY E 65 -29.76 -16.09 -57.13
N SER E 66 -30.06 -15.27 -58.13
CA SER E 66 -30.34 -15.75 -59.47
C SER E 66 -29.68 -14.83 -60.47
N ARG E 67 -29.42 -15.37 -61.68
CA ARG E 67 -28.88 -14.62 -62.81
C ARG E 67 -29.70 -14.88 -64.05
N SER E 68 -29.87 -13.85 -64.86
CA SER E 68 -30.37 -14.00 -66.22
C SER E 68 -29.57 -12.98 -67.03
N GLY E 69 -28.53 -13.47 -67.72
CA GLY E 69 -27.66 -12.58 -68.49
C GLY E 69 -26.92 -11.62 -67.59
N THR E 70 -27.37 -10.38 -67.61
CA THR E 70 -26.84 -9.36 -66.72
C THR E 70 -27.81 -9.00 -65.58
N ASP E 71 -28.89 -9.77 -65.43
CA ASP E 71 -29.95 -9.47 -64.48
C ASP E 71 -29.86 -10.43 -63.29
N PHE E 72 -29.37 -9.93 -62.14
CA PHE E 72 -29.21 -10.70 -60.91
C PHE E 72 -30.26 -10.30 -59.89
N THR E 73 -30.93 -11.30 -59.33
CA THR E 73 -31.93 -11.03 -58.29
C THR E 73 -31.68 -11.89 -57.04
N LEU E 74 -31.64 -11.25 -55.89
CA LEU E 74 -31.72 -12.00 -54.65
C LEU E 74 -33.19 -12.06 -54.32
N THR E 75 -33.71 -13.26 -54.05
CA THR E 75 -35.10 -13.42 -53.63
C THR E 75 -35.10 -14.14 -52.28
N ILE E 76 -35.90 -13.66 -51.33
CA ILE E 76 -36.01 -14.30 -50.02
C ILE E 76 -37.31 -15.08 -49.97
N SER E 77 -37.21 -16.40 -49.82
CA SER E 77 -38.41 -17.22 -49.98
C SER E 77 -39.44 -16.88 -48.92
N SER E 78 -39.02 -16.74 -47.67
CA SER E 78 -39.96 -16.39 -46.62
C SER E 78 -39.22 -15.58 -45.56
N LEU E 79 -39.55 -14.29 -45.49
CA LEU E 79 -38.86 -13.36 -44.61
C LEU E 79 -38.92 -13.78 -43.16
N GLN E 80 -37.78 -13.71 -42.48
CA GLN E 80 -37.65 -13.92 -41.04
C GLN E 80 -37.30 -12.59 -40.39
N PRO E 81 -37.59 -12.41 -39.10
CA PRO E 81 -37.33 -11.09 -38.49
C PRO E 81 -35.86 -10.66 -38.53
N GLU E 82 -34.92 -11.59 -38.49
CA GLU E 82 -33.52 -11.14 -38.52
C GLU E 82 -33.07 -10.74 -39.91
N ASP E 83 -33.98 -10.74 -40.87
CA ASP E 83 -33.68 -10.50 -42.26
C ASP E 83 -34.04 -9.12 -42.78
N PHE E 84 -34.68 -8.27 -41.98
CA PHE E 84 -34.90 -6.90 -42.44
C PHE E 84 -33.57 -6.17 -42.42
N ALA E 85 -33.01 -5.88 -43.58
CA ALA E 85 -31.74 -5.18 -43.60
C ALA E 85 -31.63 -4.39 -44.90
N THR E 86 -30.44 -3.92 -45.21
CA THR E 86 -30.12 -3.43 -46.55
C THR E 86 -29.21 -4.48 -47.19
N TYR E 87 -29.43 -4.76 -48.47
CA TYR E 87 -28.66 -5.78 -49.18
C TYR E 87 -27.98 -5.18 -50.39
N TYR E 88 -26.74 -5.60 -50.66
CA TYR E 88 -25.99 -5.11 -51.81
C TYR E 88 -25.55 -6.27 -52.71
N CYS E 89 -25.66 -6.07 -54.01
CA CYS E 89 -25.00 -6.93 -54.96
C CYS E 89 -23.65 -6.35 -55.31
N GLN E 90 -22.75 -7.23 -55.72
CA GLN E 90 -21.42 -6.76 -56.11
C GLN E 90 -20.92 -7.56 -57.30
N GLN E 91 -20.24 -6.90 -58.24
CA GLN E 91 -19.52 -7.62 -59.27
C GLN E 91 -18.03 -7.55 -59.00
N SER E 92 -17.37 -8.69 -59.23
CA SER E 92 -15.92 -8.80 -59.08
C SER E 92 -15.27 -9.43 -60.30
N TYR E 93 -15.92 -9.29 -61.48
CA TYR E 93 -15.34 -9.80 -62.72
C TYR E 93 -14.16 -8.94 -63.18
N SER E 94 -14.27 -7.62 -63.03
CA SER E 94 -13.12 -6.79 -63.35
C SER E 94 -13.14 -5.53 -62.50
N PHE E 95 -11.97 -4.92 -62.37
CA PHE E 95 -11.69 -3.72 -61.59
C PHE E 95 -11.99 -2.50 -62.42
N PRO E 96 -12.64 -1.46 -61.88
CA PRO E 96 -13.08 -1.29 -60.49
C PRO E 96 -14.26 -2.18 -60.12
N SER E 97 -14.29 -2.64 -58.86
CA SER E 97 -15.43 -3.34 -58.32
C SER E 97 -16.58 -2.38 -58.11
N THR E 98 -17.82 -2.87 -58.29
CA THR E 98 -19.03 -2.06 -58.33
C THR E 98 -20.10 -2.68 -57.47
N PHE E 99 -20.75 -1.87 -56.63
CA PHE E 99 -21.76 -2.33 -55.70
C PHE E 99 -23.11 -1.84 -56.16
N GLY E 100 -24.12 -2.66 -55.95
CA GLY E 100 -25.47 -2.16 -56.15
C GLY E 100 -25.75 -0.99 -55.22
N GLN E 101 -26.67 -0.13 -55.63
CA GLN E 101 -27.05 0.92 -54.69
C GLN E 101 -27.83 0.36 -53.53
N GLY E 102 -28.02 -0.95 -53.46
CA GLY E 102 -28.61 -1.55 -52.29
C GLY E 102 -30.11 -1.40 -52.22
N THR E 103 -30.74 -2.43 -51.69
CA THR E 103 -32.18 -2.48 -51.47
C THR E 103 -32.46 -2.64 -49.98
N LYS E 104 -33.33 -1.78 -49.46
CA LYS E 104 -33.69 -1.78 -48.05
C LYS E 104 -34.99 -2.56 -47.87
N VAL E 105 -34.95 -3.60 -47.05
CA VAL E 105 -36.09 -4.48 -46.87
C VAL E 105 -36.75 -4.14 -45.57
N GLU E 106 -37.97 -3.63 -45.61
CA GLU E 106 -38.55 -3.04 -44.42
C GLU E 106 -39.93 -3.60 -44.11
N ILE E 107 -40.39 -3.35 -42.88
CA ILE E 107 -41.56 -3.99 -42.28
C ILE E 107 -42.87 -3.40 -42.80
N LYS E 108 -43.90 -4.24 -42.93
CA LYS E 108 -45.24 -3.79 -43.29
C LYS E 108 -46.14 -3.80 -42.07
N ARG E 109 -46.98 -2.77 -41.95
CA ARG E 109 -48.02 -2.70 -40.94
C ARG E 109 -49.24 -1.99 -41.57
N THR E 110 -50.28 -1.77 -40.78
CA THR E 110 -51.42 -1.08 -41.36
C THR E 110 -51.00 0.34 -41.73
N VAL E 111 -51.65 0.90 -42.75
CA VAL E 111 -51.37 2.28 -43.13
C VAL E 111 -51.69 3.17 -41.94
N ALA E 112 -50.82 4.15 -41.68
CA ALA E 112 -51.03 5.08 -40.60
C ALA E 112 -50.87 6.52 -41.08
N ALA E 113 -51.88 7.34 -40.80
CA ALA E 113 -51.80 8.75 -41.16
C ALA E 113 -50.79 9.50 -40.28
N PRO E 114 -50.03 10.42 -40.83
CA PRO E 114 -49.12 11.24 -40.00
C PRO E 114 -49.85 12.33 -39.25
N SER E 115 -49.58 12.44 -37.96
CA SER E 115 -50.04 13.58 -37.16
C SER E 115 -48.99 14.69 -37.19
N VAL E 116 -49.41 15.90 -37.56
CA VAL E 116 -48.53 16.98 -38.03
C VAL E 116 -48.54 18.17 -37.06
N PHE E 117 -47.36 18.78 -36.86
CA PHE E 117 -47.24 19.95 -35.99
C PHE E 117 -46.32 20.99 -36.61
N ILE E 118 -46.56 22.25 -36.27
CA ILE E 118 -45.76 23.37 -36.76
C ILE E 118 -45.28 24.19 -35.57
N PHE E 119 -44.02 24.62 -35.64
CA PHE E 119 -43.36 25.36 -34.57
C PHE E 119 -42.78 26.65 -35.13
N PRO E 120 -43.09 27.79 -34.53
CA PRO E 120 -42.39 29.00 -34.87
C PRO E 120 -41.02 29.02 -34.21
N PRO E 121 -40.13 29.91 -34.65
CA PRO E 121 -38.86 30.07 -33.96
C PRO E 121 -39.07 30.61 -32.56
N SER E 122 -38.19 30.20 -31.63
CA SER E 122 -38.28 30.69 -30.27
C SER E 122 -37.95 32.18 -30.20
N ASP E 123 -38.27 32.77 -29.05
CA ASP E 123 -37.74 34.09 -28.71
C ASP E 123 -36.22 34.07 -28.80
N GLU E 124 -35.60 33.00 -28.31
CA GLU E 124 -34.15 32.96 -28.24
C GLU E 124 -33.54 32.89 -29.63
N GLN E 125 -34.20 32.23 -30.59
CA GLN E 125 -33.61 32.10 -31.92
C GLN E 125 -33.67 33.40 -32.70
N LEU E 126 -34.75 34.18 -32.55
CA LEU E 126 -34.83 35.43 -33.29
C LEU E 126 -33.69 36.36 -32.90
N LYS E 127 -33.27 36.34 -31.64
CA LYS E 127 -32.13 37.14 -31.21
C LYS E 127 -30.82 36.73 -31.86
N SER E 128 -30.71 35.50 -32.39
CA SER E 128 -29.45 35.07 -33.00
C SER E 128 -29.37 35.37 -34.49
N GLY E 129 -30.39 35.97 -35.10
CA GLY E 129 -30.33 36.38 -36.49
C GLY E 129 -30.78 35.34 -37.49
N THR E 130 -30.99 34.11 -37.05
CA THR E 130 -31.45 33.04 -37.92
C THR E 130 -32.92 32.77 -37.61
N ALA E 131 -33.62 32.18 -38.58
CA ALA E 131 -35.00 31.74 -38.35
C ALA E 131 -35.23 30.38 -38.98
N SER E 132 -35.58 29.39 -38.16
CA SER E 132 -35.86 28.03 -38.61
C SER E 132 -37.32 27.72 -38.30
N VAL E 133 -38.05 27.24 -39.30
CA VAL E 133 -39.44 26.82 -39.12
C VAL E 133 -39.53 25.31 -39.32
N VAL E 134 -40.14 24.63 -38.36
CA VAL E 134 -40.07 23.19 -38.24
C VAL E 134 -41.47 22.61 -38.38
N CYS E 135 -41.61 21.59 -39.23
CA CYS E 135 -42.85 20.83 -39.35
C CYS E 135 -42.52 19.34 -39.14
N LEU E 136 -43.33 18.65 -38.33
CA LEU E 136 -43.08 17.26 -37.93
C LEU E 136 -44.19 16.34 -38.41
N LEU E 137 -43.82 15.23 -39.04
CA LEU E 137 -44.76 14.17 -39.37
C LEU E 137 -44.45 12.99 -38.47
N ASN E 138 -45.41 12.60 -37.65
CA ASN E 138 -45.17 11.71 -36.53
C ASN E 138 -45.85 10.37 -36.74
N ASN E 139 -45.10 9.29 -36.59
CA ASN E 139 -45.61 7.94 -36.42
C ASN E 139 -46.59 7.61 -37.56
N PHE E 140 -46.04 7.56 -38.76
CA PHE E 140 -46.84 7.34 -39.96
C PHE E 140 -46.25 6.23 -40.82
N TYR E 141 -47.10 5.66 -41.64
CA TYR E 141 -46.71 4.60 -42.51
C TYR E 141 -47.68 4.73 -43.69
N PRO E 142 -47.18 4.61 -44.93
CA PRO E 142 -45.82 4.26 -45.35
C PRO E 142 -44.80 5.41 -45.30
N ARG E 143 -43.58 5.18 -45.78
CA ARG E 143 -42.55 6.21 -45.66
C ARG E 143 -42.83 7.41 -46.55
N GLU E 144 -43.44 7.19 -47.72
CA GLU E 144 -43.58 8.20 -48.77
C GLU E 144 -44.50 9.32 -48.33
N ALA E 145 -44.05 10.56 -48.50
CA ALA E 145 -44.78 11.68 -47.94
C ALA E 145 -44.43 12.96 -48.65
N LYS E 146 -45.45 13.73 -48.99
CA LYS E 146 -45.27 14.99 -49.71
C LYS E 146 -45.13 16.10 -48.68
N VAL E 147 -44.04 16.85 -48.82
CA VAL E 147 -43.76 18.00 -47.97
C VAL E 147 -43.91 19.26 -48.81
N GLN E 148 -44.81 20.16 -48.39
CA GLN E 148 -45.08 21.38 -49.14
C GLN E 148 -45.04 22.56 -48.18
N TRP E 149 -44.14 23.49 -48.44
CA TRP E 149 -44.00 24.71 -47.65
C TRP E 149 -44.58 25.93 -48.36
N LYS E 150 -45.21 26.81 -47.58
CA LYS E 150 -45.78 28.07 -48.07
C LYS E 150 -45.40 29.20 -47.11
N VAL E 151 -44.82 30.28 -47.65
CA VAL E 151 -44.49 31.49 -46.91
C VAL E 151 -45.38 32.60 -47.46
N ASP E 152 -46.41 32.99 -46.70
CA ASP E 152 -47.50 33.82 -47.23
C ASP E 152 -48.04 33.18 -48.50
N ASN E 153 -48.32 31.88 -48.41
CA ASN E 153 -48.88 31.07 -49.48
C ASN E 153 -47.92 30.85 -50.64
N ALA E 154 -46.69 31.34 -50.57
CA ALA E 154 -45.73 31.15 -51.63
C ALA E 154 -44.92 29.89 -51.38
N LEU E 155 -44.96 28.94 -52.33
CA LEU E 155 -44.07 27.79 -52.20
C LEU E 155 -42.63 28.27 -52.20
N GLN E 156 -41.81 27.65 -51.38
CA GLN E 156 -40.39 27.92 -51.44
C GLN E 156 -39.63 26.77 -52.08
N SER E 157 -38.39 27.08 -52.47
CA SER E 157 -37.51 26.17 -53.16
C SER E 157 -36.08 26.38 -52.69
N GLY E 158 -35.41 25.29 -52.36
CA GLY E 158 -34.01 25.29 -51.96
C GLY E 158 -33.73 25.80 -50.57
N ASN E 159 -34.77 25.95 -49.75
CA ASN E 159 -34.63 26.41 -48.37
C ASN E 159 -35.23 25.42 -47.38
N SER E 160 -35.35 24.16 -47.76
CA SER E 160 -35.90 23.13 -46.87
C SER E 160 -35.00 21.91 -46.82
N GLN E 161 -35.04 21.21 -45.70
CA GLN E 161 -34.34 19.95 -45.50
C GLN E 161 -35.27 18.92 -44.87
N GLU E 162 -35.14 17.66 -45.28
CA GLU E 162 -35.83 16.58 -44.60
C GLU E 162 -34.83 15.77 -43.78
N SER E 163 -35.37 14.99 -42.86
CA SER E 163 -34.57 14.09 -42.04
C SER E 163 -35.58 13.06 -41.52
N VAL E 164 -35.36 11.77 -41.80
CA VAL E 164 -36.36 10.73 -41.55
C VAL E 164 -35.83 9.79 -40.48
N THR E 165 -36.70 9.37 -39.56
CA THR E 165 -36.20 8.40 -38.60
C THR E 165 -36.25 7.00 -39.18
N GLU E 166 -35.52 6.09 -38.56
CA GLU E 166 -35.61 4.70 -38.93
C GLU E 166 -36.93 4.14 -38.41
N GLN E 167 -37.24 2.94 -38.86
CA GLN E 167 -38.52 2.33 -38.54
C GLN E 167 -38.56 2.03 -37.04
N ASP E 168 -39.58 2.57 -36.37
CA ASP E 168 -39.69 2.49 -34.92
C ASP E 168 -39.57 1.06 -34.44
N SER E 169 -38.91 0.88 -33.29
CA SER E 169 -38.61 -0.45 -32.79
C SER E 169 -39.88 -1.22 -32.47
N LYS E 170 -40.91 -0.51 -32.00
CA LYS E 170 -42.09 -1.10 -31.42
C LYS E 170 -43.29 -1.11 -32.36
N ASP E 171 -43.69 0.04 -32.93
CA ASP E 171 -44.83 0.08 -33.86
C ASP E 171 -44.45 0.30 -35.32
N SER E 172 -43.15 0.27 -35.64
CA SER E 172 -42.62 0.41 -37.00
C SER E 172 -43.32 1.49 -37.82
N THR E 173 -43.68 2.59 -37.19
CA THR E 173 -43.96 3.79 -37.95
C THR E 173 -42.69 4.63 -38.12
N TYR E 174 -42.70 5.48 -39.13
CA TYR E 174 -41.65 6.45 -39.38
C TYR E 174 -42.07 7.78 -38.80
N SER E 175 -41.10 8.66 -38.65
CA SER E 175 -41.36 10.04 -38.30
C SER E 175 -40.43 10.87 -39.16
N LEU E 176 -40.86 12.07 -39.52
CA LEU E 176 -40.10 12.86 -40.46
C LEU E 176 -40.08 14.32 -40.01
N SER E 177 -39.00 15.00 -40.34
CA SER E 177 -38.90 16.45 -40.16
C SER E 177 -38.68 17.12 -41.51
N SER E 178 -39.29 18.29 -41.67
CA SER E 178 -39.07 19.23 -42.76
C SER E 178 -38.76 20.58 -42.15
N THR E 179 -37.62 21.17 -42.50
CA THR E 179 -37.18 22.39 -41.85
C THR E 179 -37.10 23.52 -42.88
N LEU E 180 -37.90 24.55 -42.69
CA LEU E 180 -37.85 25.74 -43.54
C LEU E 180 -37.01 26.80 -42.82
N THR E 181 -35.94 27.25 -43.47
CA THR E 181 -35.00 28.21 -42.91
C THR E 181 -35.15 29.56 -43.62
N LEU E 182 -35.19 30.64 -42.85
CA LEU E 182 -35.29 31.99 -43.39
C LEU E 182 -34.40 32.95 -42.60
N SER E 183 -34.08 34.08 -43.23
CA SER E 183 -33.56 35.20 -42.46
C SER E 183 -34.66 35.81 -41.63
N LYS E 184 -34.28 36.34 -40.46
CA LYS E 184 -35.21 37.08 -39.61
C LYS E 184 -35.86 38.22 -40.39
N ALA E 185 -35.08 38.90 -41.23
CA ALA E 185 -35.67 39.92 -42.09
C ALA E 185 -36.72 39.29 -43.01
N ASP E 186 -36.36 38.21 -43.69
CA ASP E 186 -37.30 37.49 -44.54
C ASP E 186 -38.43 36.86 -43.74
N TYR E 187 -38.15 36.43 -42.52
CA TYR E 187 -39.20 35.85 -41.69
C TYR E 187 -40.23 36.90 -41.26
N GLU E 188 -39.77 38.11 -40.93
CA GLU E 188 -40.71 39.15 -40.52
C GLU E 188 -41.24 39.94 -41.70
N LYS E 189 -40.73 39.69 -42.90
CA LYS E 189 -41.33 40.19 -44.13
C LYS E 189 -42.51 39.33 -44.60
N HIS E 190 -42.91 38.35 -43.78
CA HIS E 190 -44.06 37.49 -44.07
C HIS E 190 -44.77 37.17 -42.76
N LYS E 191 -46.05 36.80 -42.86
CA LYS E 191 -46.87 36.57 -41.67
C LYS E 191 -47.36 35.14 -41.54
N VAL E 192 -48.11 34.63 -42.52
CA VAL E 192 -48.85 33.37 -42.40
C VAL E 192 -47.97 32.24 -42.91
N TYR E 193 -47.57 31.34 -42.01
CA TYR E 193 -46.62 30.27 -42.32
C TYR E 193 -47.31 28.92 -42.21
N ALA E 194 -47.30 28.15 -43.30
CA ALA E 194 -48.13 26.97 -43.43
C ALA E 194 -47.33 25.76 -43.88
N CYS E 195 -47.81 24.59 -43.47
CA CYS E 195 -47.23 23.29 -43.77
C CYS E 195 -48.29 22.37 -44.31
N GLU E 196 -48.02 21.73 -45.45
CA GLU E 196 -49.03 20.90 -46.10
C GLU E 196 -48.49 19.49 -46.32
N VAL E 197 -49.29 18.50 -45.96
CA VAL E 197 -48.86 17.12 -45.97
C VAL E 197 -49.86 16.26 -46.73
N THR E 198 -49.36 15.48 -47.67
CA THR E 198 -50.16 14.52 -48.39
C THR E 198 -49.61 13.14 -48.08
N HIS E 199 -50.47 12.23 -47.67
CA HIS E 199 -49.99 10.93 -47.28
C HIS E 199 -51.05 9.89 -47.62
N GLN E 200 -50.60 8.66 -47.82
CA GLN E 200 -51.49 7.60 -48.27
C GLN E 200 -52.65 7.41 -47.29
N GLY E 201 -52.36 7.50 -45.98
CA GLY E 201 -53.36 7.45 -44.94
C GLY E 201 -54.14 8.72 -44.76
N LEU E 202 -53.85 9.73 -45.56
CA LEU E 202 -54.65 10.95 -45.62
C LEU E 202 -55.36 10.98 -46.96
N SER E 203 -56.69 10.86 -46.92
CA SER E 203 -57.46 10.88 -48.14
C SER E 203 -57.34 12.24 -48.82
N SER E 204 -57.21 13.31 -48.05
CA SER E 204 -56.98 14.63 -48.60
C SER E 204 -55.92 15.32 -47.75
N PRO E 205 -55.10 16.19 -48.35
CA PRO E 205 -54.00 16.83 -47.62
C PRO E 205 -54.46 17.67 -46.42
N VAL E 206 -53.70 17.54 -45.31
CA VAL E 206 -53.89 18.28 -44.06
C VAL E 206 -52.87 19.43 -44.01
N THR E 207 -53.25 20.54 -43.40
CA THR E 207 -52.39 21.71 -43.28
C THR E 207 -52.49 22.39 -41.93
N LYS E 208 -51.34 22.72 -41.34
CA LYS E 208 -51.22 23.50 -40.09
C LYS E 208 -50.47 24.81 -40.33
N SER E 209 -50.86 25.86 -39.60
CA SER E 209 -50.28 27.17 -39.81
C SER E 209 -50.25 27.99 -38.52
N PHE E 210 -49.42 29.04 -38.55
CA PHE E 210 -49.40 30.08 -37.53
C PHE E 210 -49.17 31.44 -38.20
N ASN E 211 -49.38 32.51 -37.44
CA ASN E 211 -49.10 33.87 -37.87
C ASN E 211 -48.02 34.48 -36.99
N ARG E 212 -46.99 35.08 -37.60
CA ARG E 212 -45.93 35.70 -36.80
C ARG E 212 -46.52 36.78 -35.91
N GLY E 213 -46.49 36.58 -34.59
CA GLY E 213 -47.06 37.59 -33.72
C GLY E 213 -48.50 37.32 -33.35
N GLU E 214 -48.81 36.10 -32.91
CA GLU E 214 -50.18 35.71 -32.61
C GLU E 214 -50.36 35.42 -31.13
N CYS E 215 -51.43 35.98 -30.56
CA CYS E 215 -51.88 35.70 -29.20
C CYS E 215 -51.92 34.19 -28.94
N SER H 3 27.77 -7.95 18.32
CA SER H 3 27.44 -7.68 19.72
C SER H 3 28.27 -6.53 20.29
N GLU H 4 29.59 -6.79 20.35
CA GLU H 4 30.55 -5.84 20.86
C GLU H 4 30.94 -4.74 19.89
N VAL H 5 30.43 -4.72 18.68
CA VAL H 5 30.62 -3.51 17.92
C VAL H 5 29.64 -2.47 18.44
N GLN H 6 30.07 -1.22 18.48
CA GLN H 6 29.36 -0.18 19.18
C GLN H 6 29.76 1.10 18.46
N LEU H 7 28.81 1.91 18.09
CA LEU H 7 29.09 3.24 17.56
C LEU H 7 28.42 4.24 18.49
N VAL H 8 29.18 5.23 18.96
CA VAL H 8 28.68 6.15 19.98
C VAL H 8 28.79 7.55 19.46
N GLU H 9 27.66 8.20 19.26
CA GLU H 9 27.73 9.48 18.57
C GLU H 9 27.78 10.59 19.59
N SER H 10 28.44 11.67 19.20
CA SER H 10 28.46 12.88 20.00
C SER H 10 28.63 14.09 19.09
N GLY H 11 28.45 15.28 19.67
CA GLY H 11 28.67 16.51 18.95
C GLY H 11 27.44 17.24 18.48
N GLY H 12 26.26 16.60 18.52
CA GLY H 12 25.04 17.29 18.14
C GLY H 12 24.81 18.50 19.00
N GLY H 13 23.79 19.29 18.66
CA GLY H 13 23.44 20.45 19.47
C GLY H 13 22.70 21.46 18.64
N LEU H 14 22.58 22.67 19.15
CA LEU H 14 21.80 23.73 18.48
C LEU H 14 22.75 24.74 17.87
N VAL H 15 22.49 25.16 16.64
CA VAL H 15 23.40 26.08 15.97
C VAL H 15 22.57 27.04 15.14
N GLN H 16 23.04 28.28 15.04
CA GLN H 16 22.32 29.26 14.26
C GLN H 16 22.55 28.97 12.79
N PRO H 17 21.60 29.32 11.93
CA PRO H 17 21.82 29.07 10.50
C PRO H 17 23.12 29.74 10.09
N GLY H 18 23.96 28.97 9.42
CA GLY H 18 25.27 29.47 9.03
C GLY H 18 26.41 29.20 9.99
N GLY H 19 26.14 28.65 11.17
CA GLY H 19 27.21 28.17 12.00
C GLY H 19 27.61 26.79 11.55
N SER H 20 28.59 26.20 12.25
CA SER H 20 29.08 24.88 11.87
C SER H 20 29.11 23.97 13.09
N LEU H 21 29.33 22.68 12.83
CA LEU H 21 29.17 21.65 13.85
C LEU H 21 30.01 20.42 13.46
N ARG H 22 30.75 19.82 14.41
CA ARG H 22 31.52 18.60 14.14
C ARG H 22 30.91 17.44 14.91
N LEU H 23 30.37 16.45 14.20
CA LEU H 23 29.84 15.25 14.83
C LEU H 23 30.93 14.19 14.93
N SER H 24 30.79 13.28 15.92
CA SER H 24 31.74 12.22 16.10
C SER H 24 31.04 10.90 16.19
N CYS H 25 31.72 9.87 15.74
CA CYS H 25 31.26 8.49 15.78
C CYS H 25 32.44 7.70 16.31
N ALA H 26 32.48 7.45 17.60
CA ALA H 26 33.57 6.67 18.18
C ALA H 26 33.19 5.19 18.07
N ALA H 27 34.05 4.40 17.45
CA ALA H 27 33.77 3.01 17.14
C ALA H 27 34.49 2.10 18.12
N SER H 28 33.83 1.03 18.50
CA SER H 28 34.53 0.04 19.30
C SER H 28 34.07 -1.32 18.83
N GLY H 29 34.92 -2.31 19.08
CA GLY H 29 34.65 -3.66 18.66
C GLY H 29 35.24 -4.03 17.33
N PHE H 30 35.68 -3.05 16.54
CA PHE H 30 36.19 -3.28 15.19
C PHE H 30 37.11 -2.14 14.81
N TYR H 31 38.04 -2.37 13.87
CA TYR H 31 38.90 -1.30 13.39
C TYR H 31 38.19 -0.52 12.28
N ILE H 32 38.02 0.80 12.47
CA ILE H 32 37.21 1.63 11.57
C ILE H 32 37.78 1.70 10.14
N SER H 33 39.08 1.50 9.98
CA SER H 33 39.66 1.67 8.66
C SER H 33 39.41 0.52 7.72
N TYR H 34 38.80 -0.57 8.17
CA TYR H 34 38.52 -1.67 7.25
C TYR H 34 37.04 -1.74 6.84
N SER H 35 36.29 -0.65 7.07
CA SER H 35 34.86 -0.53 6.77
C SER H 35 34.57 0.79 6.07
N SER H 36 33.54 0.79 5.23
CA SER H 36 32.94 2.07 4.87
C SER H 36 32.16 2.59 6.07
N ILE H 37 32.31 3.86 6.43
CA ILE H 37 31.47 4.48 7.43
C ILE H 37 30.49 5.43 6.76
N HIS H 38 29.24 5.37 7.16
CA HIS H 38 28.22 6.26 6.62
C HIS H 38 27.62 7.16 7.68
N TRP H 39 27.18 8.32 7.21
CA TRP H 39 26.32 9.19 7.97
C TRP H 39 24.99 9.26 7.28
N VAL H 40 23.93 8.91 8.01
CA VAL H 40 22.56 8.89 7.52
C VAL H 40 21.77 9.72 8.51
N ARG H 41 20.89 10.61 8.02
CA ARG H 41 20.18 11.50 8.93
C ARG H 41 18.68 11.41 8.72
N GLN H 42 17.90 12.00 9.63
CA GLN H 42 16.46 11.82 9.59
C GLN H 42 15.78 13.02 10.24
N ALA H 43 15.27 13.95 9.43
CA ALA H 43 14.62 15.13 9.95
C ALA H 43 13.35 14.74 10.69
N PRO H 44 12.95 15.51 11.69
CA PRO H 44 11.80 15.10 12.52
C PRO H 44 10.52 14.77 11.75
N GLY H 45 10.03 13.52 11.92
CA GLY H 45 8.81 13.04 11.30
C GLY H 45 9.01 12.50 9.91
N LYS H 46 10.18 12.71 9.34
CA LYS H 46 10.56 12.29 8.00
C LYS H 46 11.27 10.94 8.07
N GLY H 47 11.82 10.48 6.93
CA GLY H 47 12.48 9.22 6.83
C GLY H 47 13.98 9.35 6.75
N LEU H 48 14.64 8.24 6.39
CA LEU H 48 16.11 8.19 6.40
C LEU H 48 16.64 8.79 5.11
N GLU H 49 17.69 9.57 5.22
CA GLU H 49 18.33 10.23 4.09
C GLU H 49 19.84 10.05 4.22
N TRP H 50 20.44 9.36 3.25
CA TRP H 50 21.89 9.17 3.20
C TRP H 50 22.56 10.52 3.02
N VAL H 51 23.75 10.67 3.58
CA VAL H 51 24.39 11.99 3.66
C VAL H 51 25.81 11.94 3.10
N ALA H 52 26.66 11.08 3.67
CA ALA H 52 28.05 10.96 3.26
C ALA H 52 28.56 9.59 3.63
N SER H 53 29.62 9.15 2.94
CA SER H 53 30.26 7.88 3.24
C SER H 53 31.74 8.03 2.92
N ILE H 54 32.55 7.18 3.56
CA ILE H 54 34.00 7.16 3.33
C ILE H 54 34.46 5.72 3.14
N SER H 55 35.44 5.53 2.16
CA SER H 55 35.63 4.15 1.77
C SER H 55 36.87 3.59 2.43
N PRO H 56 36.89 2.30 2.68
CA PRO H 56 38.10 1.70 3.24
C PRO H 56 39.20 1.60 2.20
N TYR H 57 40.44 1.74 2.69
CA TYR H 57 41.73 1.68 2.00
C TYR H 57 41.99 2.86 1.09
N SER H 58 40.97 3.60 0.72
CA SER H 58 41.17 4.66 -0.26
C SER H 58 40.84 6.02 0.29
N GLY H 59 40.06 6.08 1.36
CA GLY H 59 39.63 7.36 1.86
C GLY H 59 38.65 8.06 0.96
N SER H 60 38.11 7.35 -0.04
CA SER H 60 37.17 7.96 -0.96
C SER H 60 35.94 8.44 -0.20
N THR H 61 35.54 9.66 -0.46
CA THR H 61 34.38 10.22 0.19
C THR H 61 33.33 10.53 -0.86
N TYR H 62 32.07 10.37 -0.46
CA TYR H 62 30.91 10.64 -1.28
C TYR H 62 29.92 11.44 -0.46
N TYR H 63 29.07 12.18 -1.13
CA TYR H 63 28.17 13.07 -0.44
C TYR H 63 26.83 13.08 -1.14
N ALA H 64 25.77 13.26 -0.36
CA ALA H 64 24.46 13.52 -0.95
C ALA H 64 24.46 14.90 -1.57
N ASP H 65 23.72 15.03 -2.68
CA ASP H 65 23.76 16.29 -3.41
C ASP H 65 23.32 17.46 -2.55
N SER H 66 22.40 17.24 -1.60
CA SER H 66 21.94 18.31 -0.72
C SER H 66 23.00 18.85 0.24
N VAL H 67 24.15 18.21 0.40
CA VAL H 67 25.17 18.71 1.33
C VAL H 67 26.54 18.88 0.66
N LYS H 68 26.67 18.40 -0.57
CA LYS H 68 27.97 18.41 -1.24
C LYS H 68 28.52 19.82 -1.21
N GLY H 69 29.75 19.97 -0.76
CA GLY H 69 30.39 21.27 -0.63
C GLY H 69 30.30 21.86 0.76
N ARG H 70 29.35 21.42 1.57
CA ARG H 70 29.24 21.91 2.93
C ARG H 70 29.63 20.90 3.99
N PHE H 71 29.62 19.60 3.70
CA PHE H 71 29.98 18.61 4.70
C PHE H 71 31.24 17.84 4.32
N THR H 72 31.98 17.40 5.33
CA THR H 72 33.22 16.66 5.11
C THR H 72 33.25 15.46 6.01
N ILE H 73 33.15 14.28 5.43
CA ILE H 73 33.35 13.06 6.21
C ILE H 73 34.85 12.77 6.29
N SER H 74 35.31 12.29 7.45
CA SER H 74 36.68 11.83 7.57
C SER H 74 36.67 10.75 8.63
N ALA H 75 37.82 10.09 8.77
CA ALA H 75 37.99 9.04 9.76
C ALA H 75 39.40 9.11 10.29
N ASP H 76 39.54 9.07 11.61
CA ASP H 76 40.83 9.05 12.28
C ASP H 76 41.08 7.61 12.72
N THR H 77 42.06 6.97 12.10
CA THR H 77 42.29 5.58 12.45
C THR H 77 42.96 5.44 13.82
N SER H 78 43.78 6.42 14.21
CA SER H 78 44.43 6.35 15.53
C SER H 78 43.43 6.48 16.66
N LYS H 79 42.34 7.20 16.45
CA LYS H 79 41.28 7.36 17.43
C LYS H 79 40.10 6.47 17.17
N ASN H 80 40.22 5.57 16.19
CA ASN H 80 39.16 4.64 15.85
C ASN H 80 37.81 5.34 15.76
N THR H 81 37.79 6.55 15.17
CA THR H 81 36.60 7.38 15.15
C THR H 81 36.34 8.00 13.79
N ALA H 82 35.08 8.11 13.41
CA ALA H 82 34.64 8.80 12.21
C ALA H 82 34.08 10.18 12.55
N TYR H 83 34.09 11.08 11.58
CA TYR H 83 33.65 12.44 11.81
C TYR H 83 32.73 12.94 10.71
N LEU H 84 31.98 14.00 11.01
CA LEU H 84 31.20 14.71 9.99
C LEU H 84 31.22 16.20 10.31
N GLN H 85 32.06 16.91 9.58
CA GLN H 85 32.17 18.35 9.71
C GLN H 85 31.10 19.00 8.85
N MET H 86 30.23 19.75 9.48
CA MET H 86 29.14 20.38 8.79
C MET H 86 29.39 21.87 8.80
N ASN H 87 29.46 22.49 7.62
CA ASN H 87 29.65 23.92 7.58
C ASN H 87 28.44 24.63 6.95
N SER H 88 28.32 25.92 7.29
CA SER H 88 27.24 26.79 6.85
C SER H 88 25.93 26.03 6.85
N LEU H 89 25.47 25.64 8.03
CA LEU H 89 24.30 24.78 8.18
C LEU H 89 23.02 25.55 7.86
N ARG H 90 22.01 24.81 7.42
CA ARG H 90 20.73 25.37 7.02
C ARG H 90 19.63 24.65 7.79
N ALA H 91 18.48 25.33 7.95
CA ALA H 91 17.44 24.80 8.82
C ALA H 91 16.99 23.45 8.37
N GLU H 92 16.99 23.20 7.05
CA GLU H 92 16.64 21.87 6.52
C GLU H 92 17.58 20.81 6.99
N ASP H 93 18.77 21.19 7.49
CA ASP H 93 19.72 20.20 7.98
C ASP H 93 19.32 19.67 9.34
N THR H 94 18.28 20.23 9.96
CA THR H 94 17.80 19.74 11.24
C THR H 94 17.42 18.28 11.09
N ALA H 95 17.96 17.44 11.97
CA ALA H 95 17.62 16.01 11.93
C ALA H 95 18.37 15.31 13.05
N VAL H 96 17.99 14.07 13.27
CA VAL H 96 18.84 13.14 14.00
C VAL H 96 19.88 12.58 13.07
N TYR H 97 21.15 12.70 13.45
CA TYR H 97 22.26 12.17 12.68
C TYR H 97 22.76 10.87 13.27
N TYR H 98 22.74 9.84 12.45
CA TYR H 98 23.26 8.50 12.63
C TYR H 98 24.62 8.29 11.94
N CYS H 99 25.50 7.51 12.58
CA CYS H 99 26.63 6.94 11.88
C CYS H 99 26.29 5.48 11.67
N ALA H 100 26.78 4.91 10.60
CA ALA H 100 26.53 3.51 10.45
C ALA H 100 27.70 2.87 9.75
N ARG H 101 27.91 1.61 10.05
CA ARG H 101 28.97 0.82 9.47
C ARG H 101 28.35 -0.04 8.40
N GLN H 102 28.96 -0.03 7.24
CA GLN H 102 28.62 -0.95 6.18
C GLN H 102 29.27 -2.29 6.49
N GLY H 103 28.50 -3.36 6.44
CA GLY H 103 29.01 -4.66 6.79
C GLY H 103 30.21 -5.15 5.99
N TYR H 104 30.68 -6.33 6.36
CA TYR H 104 31.70 -7.00 5.57
C TYR H 104 31.04 -7.59 4.33
N ARG H 105 31.65 -7.36 3.18
CA ARG H 105 31.05 -7.69 1.89
C ARG H 105 30.55 -9.13 1.90
N ARG H 106 31.34 -10.03 2.50
CA ARG H 106 31.05 -11.46 2.51
C ARG H 106 29.97 -11.86 3.50
N ARG H 107 29.74 -11.07 4.54
CA ARG H 107 28.84 -11.54 5.57
C ARG H 107 27.48 -10.90 5.48
N SER H 108 27.40 -9.61 5.19
CA SER H 108 26.10 -8.93 5.17
C SER H 108 25.98 -7.96 4.00
N GLY H 109 26.58 -8.33 2.85
CA GLY H 109 26.41 -7.55 1.65
C GLY H 109 27.00 -6.17 1.75
N ARG H 110 26.17 -5.18 1.42
CA ARG H 110 26.45 -3.77 1.63
C ARG H 110 25.46 -3.16 2.63
N GLY H 111 24.74 -3.99 3.36
CA GLY H 111 23.81 -3.47 4.36
C GLY H 111 24.54 -2.80 5.51
N PHE H 112 23.90 -1.84 6.16
CA PHE H 112 24.55 -1.21 7.31
C PHE H 112 24.29 -2.08 8.53
N ASP H 113 25.30 -2.86 8.98
CA ASP H 113 24.95 -3.82 10.04
C ASP H 113 24.90 -3.17 11.43
N TYR H 114 25.62 -2.08 11.66
CA TYR H 114 25.65 -1.41 12.93
C TYR H 114 25.37 0.08 12.74
N TRP H 115 24.51 0.62 13.63
CA TRP H 115 24.14 2.02 13.60
C TRP H 115 24.38 2.63 14.97
N GLY H 116 24.96 3.81 15.02
CA GLY H 116 25.00 4.55 16.26
C GLY H 116 23.61 4.93 16.77
N GLN H 117 23.59 5.63 17.92
CA GLN H 117 22.36 5.91 18.67
C GLN H 117 21.62 7.13 18.17
N GLY H 118 22.21 7.92 17.32
CA GLY H 118 21.60 9.19 16.97
C GLY H 118 22.19 10.38 17.69
N THR H 119 22.40 11.50 17.01
CA THR H 119 22.69 12.73 17.72
C THR H 119 22.00 13.88 17.01
N LEU H 120 21.28 14.68 17.78
CA LEU H 120 20.35 15.65 17.23
C LEU H 120 21.05 16.93 16.84
N VAL H 121 20.81 17.40 15.63
CA VAL H 121 21.30 18.69 15.17
C VAL H 121 20.08 19.55 14.87
N THR H 122 20.01 20.71 15.51
CA THR H 122 18.93 21.66 15.36
C THR H 122 19.58 22.93 14.82
N VAL H 123 19.17 23.33 13.64
CA VAL H 123 19.60 24.58 13.05
C VAL H 123 18.38 25.46 13.12
N SER H 124 18.46 26.51 13.93
CA SER H 124 17.34 27.41 14.21
C SER H 124 17.91 28.74 14.62
N SER H 125 17.21 29.81 14.25
CA SER H 125 17.60 31.14 14.68
C SER H 125 16.77 31.64 15.85
N ALA H 126 15.85 30.83 16.37
CA ALA H 126 15.06 31.22 17.53
C ALA H 126 15.94 31.32 18.77
N SER H 127 15.55 32.20 19.67
CA SER H 127 16.29 32.28 20.91
C SER H 127 15.50 31.54 21.98
N THR H 128 16.21 31.06 22.99
CA THR H 128 15.55 30.29 24.03
C THR H 128 14.44 31.14 24.63
N LYS H 129 13.26 30.55 24.79
CA LYS H 129 12.10 31.25 25.28
C LYS H 129 11.18 30.23 25.93
N GLY H 130 10.66 30.55 27.12
CA GLY H 130 9.75 29.66 27.81
C GLY H 130 8.31 29.73 27.33
N PRO H 131 7.56 28.65 27.57
CA PRO H 131 6.20 28.56 27.05
C PRO H 131 5.23 29.47 27.79
N SER H 132 4.25 29.99 27.05
CA SER H 132 3.02 30.50 27.62
C SER H 132 1.97 29.38 27.55
N VAL H 133 1.32 29.13 28.68
CA VAL H 133 0.39 28.01 28.84
C VAL H 133 -1.03 28.57 28.98
N PHE H 134 -1.96 28.08 28.17
CA PHE H 134 -3.29 28.67 28.12
C PHE H 134 -4.31 27.60 28.42
N PRO H 135 -5.14 27.77 29.45
CA PRO H 135 -6.12 26.73 29.75
C PRO H 135 -7.07 26.53 28.59
N LEU H 136 -7.31 25.26 28.29
CA LEU H 136 -8.34 24.82 27.35
C LEU H 136 -9.51 24.32 28.18
N ALA H 137 -10.46 25.24 28.47
CA ALA H 137 -11.49 25.05 29.49
C ALA H 137 -12.52 23.99 29.12
N PRO H 138 -12.97 23.17 30.09
CA PRO H 138 -13.98 22.10 29.93
C PRO H 138 -15.45 22.51 30.09
N SER H 139 -15.98 23.35 29.22
CA SER H 139 -17.37 23.75 29.37
C SER H 139 -18.27 22.83 28.54
N SER H 140 -19.51 23.24 28.32
CA SER H 140 -20.29 22.68 27.21
C SER H 140 -19.54 22.91 25.89
N LYS H 141 -19.89 22.11 24.86
CA LYS H 141 -19.18 21.93 23.58
C LYS H 141 -17.88 21.15 23.81
N SER H 142 -17.59 20.83 25.07
CA SER H 142 -16.58 19.87 25.49
C SER H 142 -17.22 18.84 26.41
N THR H 143 -18.51 18.57 26.17
CA THR H 143 -19.31 17.63 26.95
C THR H 143 -19.79 16.50 26.04
N SER H 144 -19.08 15.37 26.06
CA SER H 144 -19.47 14.20 25.28
C SER H 144 -20.18 13.19 26.19
N GLY H 145 -21.25 13.67 26.83
CA GLY H 145 -22.06 12.90 27.75
C GLY H 145 -21.58 12.96 29.20
N GLY H 146 -21.22 11.79 29.75
CA GLY H 146 -20.73 11.69 31.11
C GLY H 146 -19.29 12.12 31.29
N THR H 147 -18.56 12.37 30.21
CA THR H 147 -17.16 12.79 30.29
C THR H 147 -16.94 14.08 29.51
N ALA H 148 -16.06 14.93 30.05
CA ALA H 148 -15.70 16.20 29.46
C ALA H 148 -14.21 16.20 29.14
N ALA H 149 -13.78 17.24 28.44
CA ALA H 149 -12.39 17.37 28.02
C ALA H 149 -11.87 18.75 28.35
N LEU H 150 -10.64 18.78 28.85
CA LEU H 150 -9.95 20.01 29.21
C LEU H 150 -8.46 19.80 29.01
N GLY H 151 -7.71 20.89 29.06
CA GLY H 151 -6.29 20.77 28.77
C GLY H 151 -5.54 22.06 28.96
N CYS H 152 -4.29 22.02 28.56
CA CYS H 152 -3.43 23.18 28.55
C CYS H 152 -2.83 23.28 27.17
N LEU H 153 -2.74 24.49 26.67
CA LEU H 153 -2.11 24.77 25.40
C LEU H 153 -0.73 25.30 25.73
N VAL H 154 0.31 24.54 25.41
CA VAL H 154 1.66 24.93 25.72
C VAL H 154 2.21 25.58 24.44
N LYS H 155 2.46 26.90 24.48
CA LYS H 155 2.54 27.72 23.28
C LYS H 155 3.80 28.57 23.25
N ASP H 156 4.43 28.71 22.08
CA ASP H 156 5.49 29.69 21.84
C ASP H 156 6.76 29.44 22.66
N TYR H 157 7.28 28.22 22.59
CA TYR H 157 8.51 27.92 23.31
C TYR H 157 9.64 27.49 22.40
N PHE H 158 10.86 27.65 22.90
CA PHE H 158 12.00 27.17 22.18
C PHE H 158 13.13 26.93 23.17
N PRO H 159 13.86 25.84 23.05
CA PRO H 159 13.70 24.71 22.14
C PRO H 159 12.89 23.56 22.72
N GLU H 160 12.87 22.39 22.08
CA GLU H 160 12.28 21.23 22.74
C GLU H 160 13.17 20.75 23.89
N PRO H 161 12.59 20.04 24.87
CA PRO H 161 11.19 19.65 25.05
C PRO H 161 10.44 20.45 26.08
N VAL H 162 9.15 20.21 26.15
CA VAL H 162 8.36 20.51 27.33
C VAL H 162 8.02 19.18 27.98
N THR H 163 7.72 19.22 29.26
CA THR H 163 7.07 18.09 29.92
C THR H 163 5.75 18.58 30.44
N VAL H 164 4.73 17.75 30.35
CA VAL H 164 3.48 18.14 30.95
C VAL H 164 2.97 17.01 31.83
N SER H 165 2.72 17.31 33.10
CA SER H 165 1.99 16.42 33.97
C SER H 165 0.66 17.07 34.32
N TRP H 166 -0.23 16.29 34.90
CA TRP H 166 -1.47 16.82 35.46
C TRP H 166 -1.59 16.52 36.94
N ASN H 167 -2.12 17.50 37.67
CA ASN H 167 -2.32 17.35 39.10
C ASN H 167 -1.08 16.75 39.74
N SER H 168 0.07 17.27 39.33
CA SER H 168 1.35 16.84 39.88
C SER H 168 1.54 15.32 39.76
N GLY H 169 1.02 14.73 38.72
CA GLY H 169 1.24 13.32 38.52
C GLY H 169 0.16 12.45 39.07
N ALA H 170 -0.76 13.01 39.86
CA ALA H 170 -1.87 12.21 40.38
C ALA H 170 -2.75 11.68 39.26
N LEU H 171 -2.91 12.48 38.21
CA LEU H 171 -3.82 12.19 37.11
C LEU H 171 -3.04 11.72 35.91
N THR H 172 -3.30 10.48 35.46
CA THR H 172 -2.59 9.98 34.28
C THR H 172 -3.49 9.33 33.24
N SER H 173 -4.61 8.68 33.61
CA SER H 173 -5.43 8.01 32.59
C SER H 173 -6.23 9.02 31.78
N GLY H 174 -6.25 8.79 30.46
CA GLY H 174 -6.91 9.67 29.54
C GLY H 174 -6.16 10.95 29.25
N VAL H 175 -4.89 11.05 29.63
CA VAL H 175 -4.08 12.20 29.22
C VAL H 175 -3.52 11.89 27.84
N HIS H 176 -3.58 12.88 26.96
CA HIS H 176 -2.88 12.80 25.70
C HIS H 176 -2.01 14.03 25.66
N THR H 177 -0.72 13.85 25.45
CA THR H 177 0.14 15.00 25.23
C THR H 177 0.58 14.96 23.78
N PHE H 178 0.21 15.95 23.02
CA PHE H 178 0.45 15.80 21.59
C PHE H 178 1.89 16.10 21.23
N PRO H 179 2.30 15.66 20.05
CA PRO H 179 3.57 16.12 19.48
C PRO H 179 3.56 17.62 19.28
N ALA H 180 4.70 18.22 19.58
CA ALA H 180 4.91 19.63 19.31
C ALA H 180 4.95 19.89 17.81
N VAL H 181 4.37 21.01 17.38
CA VAL H 181 4.43 21.44 16.00
C VAL H 181 5.28 22.69 15.94
N LEU H 182 6.15 22.76 14.93
CA LEU H 182 6.95 23.94 14.70
C LEU H 182 6.18 24.94 13.85
N GLN H 183 6.08 26.16 14.36
CA GLN H 183 5.33 27.24 13.76
C GLN H 183 6.22 28.08 12.83
N SER H 184 5.59 28.93 12.03
CA SER H 184 6.35 29.79 11.13
C SER H 184 7.24 30.76 11.90
N SER H 185 7.00 30.92 13.20
CA SER H 185 7.84 31.70 14.10
C SER H 185 9.14 31.02 14.49
N GLY H 186 9.29 29.73 14.26
CA GLY H 186 10.46 29.07 14.78
C GLY H 186 10.32 28.63 16.21
N LEU H 187 9.19 28.93 16.86
CA LEU H 187 8.87 28.45 18.19
C LEU H 187 7.87 27.30 18.10
N TYR H 188 7.92 26.44 19.09
CA TYR H 188 7.07 25.26 19.15
C TYR H 188 5.84 25.55 19.98
N SER H 189 4.83 24.70 19.78
CA SER H 189 3.63 24.75 20.59
C SER H 189 3.00 23.38 20.59
N LEU H 190 2.56 22.95 21.75
CA LEU H 190 1.78 21.74 21.86
C LEU H 190 0.61 21.97 22.81
N SER H 191 -0.09 20.88 23.08
CA SER H 191 -1.19 20.90 24.01
C SER H 191 -1.28 19.53 24.65
N SER H 192 -1.72 19.52 25.89
CA SER H 192 -1.95 18.30 26.64
C SER H 192 -3.41 18.34 27.05
N VAL H 193 -4.13 17.23 26.84
CA VAL H 193 -5.56 17.22 27.10
C VAL H 193 -5.83 15.97 27.91
N VAL H 194 -6.93 16.01 28.66
CA VAL H 194 -7.34 14.84 29.44
C VAL H 194 -8.87 14.84 29.47
N THR H 195 -9.44 13.64 29.38
CA THR H 195 -10.87 13.45 29.56
C THR H 195 -11.11 12.99 30.99
N VAL H 196 -12.15 13.53 31.61
CA VAL H 196 -12.48 13.25 33.00
C VAL H 196 -13.98 13.02 33.12
N PRO H 197 -14.43 12.42 34.21
CA PRO H 197 -15.88 12.38 34.47
C PRO H 197 -16.45 13.78 34.60
N SER H 198 -17.54 14.04 33.87
CA SER H 198 -18.19 15.35 33.94
C SER H 198 -18.97 15.51 35.25
N SER H 199 -19.15 14.42 36.01
CA SER H 199 -19.75 14.50 37.34
C SER H 199 -18.73 14.94 38.37
N SER H 200 -17.45 14.74 38.10
CA SER H 200 -16.40 15.15 39.01
C SER H 200 -15.89 16.55 38.68
N LEU H 201 -16.43 17.18 37.62
CA LEU H 201 -15.93 18.48 37.18
C LEU H 201 -16.04 19.52 38.30
N GLY H 202 -17.13 19.48 39.07
CA GLY H 202 -17.30 20.43 40.15
C GLY H 202 -16.56 20.10 41.45
N THR H 203 -16.20 18.83 41.68
CA THR H 203 -15.52 18.46 42.92
C THR H 203 -14.01 18.57 42.80
N GLN H 204 -13.46 18.31 41.62
CA GLN H 204 -12.02 18.17 41.43
C GLN H 204 -11.44 19.32 40.62
N THR H 205 -10.38 19.95 41.16
CA THR H 205 -9.64 21.00 40.48
C THR H 205 -8.54 20.34 39.68
N TYR H 206 -8.37 20.77 38.44
CA TYR H 206 -7.38 20.20 37.55
C TYR H 206 -6.33 21.24 37.25
N ILE H 207 -5.07 20.88 37.46
CA ILE H 207 -3.92 21.73 37.23
C ILE H 207 -3.00 20.98 36.29
N CYS H 208 -2.52 21.65 35.24
CA CYS H 208 -1.50 21.08 34.35
C CYS H 208 -0.15 21.64 34.75
N ASN H 209 0.86 20.78 34.84
CA ASN H 209 2.19 21.16 35.30
C ASN H 209 3.14 21.09 34.12
N VAL H 210 3.73 22.24 33.79
CA VAL H 210 4.56 22.42 32.61
C VAL H 210 5.97 22.75 33.05
N ASN H 211 6.93 21.92 32.63
CA ASN H 211 8.34 22.11 32.95
C ASN H 211 9.13 22.31 31.67
N HIS H 212 9.90 23.39 31.61
CA HIS H 212 10.70 23.68 30.43
C HIS H 212 12.12 23.97 30.86
N LYS H 213 12.90 22.89 30.99
CA LYS H 213 14.29 22.96 31.45
C LYS H 213 15.13 23.95 30.69
N PRO H 214 15.09 24.03 29.35
CA PRO H 214 16.00 24.95 28.64
C PRO H 214 15.87 26.42 29.04
N SER H 215 14.67 26.94 29.22
CA SER H 215 14.53 28.32 29.67
C SER H 215 14.38 28.40 31.16
N ASN H 216 14.46 27.24 31.84
CA ASN H 216 14.39 27.17 33.30
C ASN H 216 13.10 27.79 33.80
N THR H 217 11.99 27.46 33.14
CA THR H 217 10.70 27.96 33.58
C THR H 217 9.85 26.75 33.94
N LYS H 218 9.35 26.73 35.17
CA LYS H 218 8.30 25.83 35.61
C LYS H 218 7.04 26.67 35.81
N VAL H 219 5.92 26.14 35.31
CA VAL H 219 4.61 26.79 35.39
C VAL H 219 3.55 25.75 35.76
N ASP H 220 2.63 26.12 36.66
CA ASP H 220 1.48 25.30 37.02
C ASP H 220 0.23 26.11 36.76
N LYS H 221 -0.68 25.57 35.94
CA LYS H 221 -1.85 26.31 35.48
C LYS H 221 -3.12 25.64 35.95
N LYS H 222 -4.00 26.42 36.59
CA LYS H 222 -5.31 25.93 37.04
C LYS H 222 -6.30 26.11 35.91
N VAL H 223 -6.82 24.99 35.43
CA VAL H 223 -7.71 24.94 34.27
C VAL H 223 -9.12 24.77 34.81
N GLU H 224 -9.89 25.87 34.79
CA GLU H 224 -11.22 26.16 35.27
C GLU H 224 -12.22 26.18 34.12
N PRO H 225 -13.46 25.79 34.38
CA PRO H 225 -14.52 25.88 33.35
C PRO H 225 -15.01 27.31 33.11
N LYS H 226 -15.69 27.47 31.98
CA LYS H 226 -16.49 28.65 31.69
C LYS H 226 -17.95 28.21 31.79
N SER H 227 -18.62 28.63 32.87
CA SER H 227 -19.89 28.05 33.29
C SER H 227 -21.04 29.05 33.27
N CYS H 228 -22.17 28.64 32.70
CA CYS H 228 -23.53 29.16 32.98
C CYS H 228 -24.57 28.38 32.16
N SER I 1 21.40 13.03 -7.20
CA SER I 1 20.74 12.00 -6.42
C SER I 1 20.12 10.90 -7.26
N ASP I 2 20.69 10.59 -8.43
CA ASP I 2 19.96 9.93 -9.50
C ASP I 2 18.93 8.86 -9.05
N ILE I 3 19.31 7.74 -8.44
CA ILE I 3 18.40 6.58 -8.38
C ILE I 3 17.27 6.81 -7.39
N GLN I 4 16.04 6.51 -7.81
CA GLN I 4 14.90 6.64 -6.95
C GLN I 4 14.44 5.27 -6.55
N MET I 5 14.28 5.07 -5.24
CA MET I 5 13.57 3.94 -4.68
C MET I 5 12.22 4.50 -4.28
N THR I 6 11.13 3.94 -4.77
CA THR I 6 9.85 4.47 -4.38
C THR I 6 9.07 3.36 -3.67
N GLN I 7 8.74 3.58 -2.38
CA GLN I 7 8.19 2.51 -1.56
C GLN I 7 6.68 2.51 -1.56
N SER I 8 6.12 1.34 -1.33
CA SER I 8 4.70 1.22 -1.35
C SER I 8 4.31 0.11 -0.42
N PRO I 9 3.22 0.30 0.32
CA PRO I 9 2.45 1.55 0.47
C PRO I 9 3.11 2.42 1.52
N SER I 10 2.82 3.73 1.70
CA SER I 10 3.55 4.47 2.72
C SER I 10 3.07 4.18 4.13
N SER I 11 1.87 3.63 4.30
CA SER I 11 1.51 3.04 5.57
C SER I 11 0.54 1.89 5.36
N LEU I 12 0.45 1.05 6.39
CA LEU I 12 -0.25 -0.22 6.29
C LEU I 12 -0.88 -0.58 7.63
N SER I 13 -2.08 -1.12 7.60
CA SER I 13 -2.83 -1.42 8.81
C SER I 13 -3.07 -2.93 8.89
N ALA I 14 -2.24 -3.63 9.65
CA ALA I 14 -2.32 -5.07 9.73
C ALA I 14 -2.52 -5.48 11.18
N SER I 15 -3.07 -6.66 11.39
CA SER I 15 -3.17 -7.27 12.70
C SER I 15 -2.24 -8.47 12.79
N VAL I 16 -2.03 -8.96 14.01
CA VAL I 16 -1.10 -10.07 14.22
C VAL I 16 -1.49 -11.29 13.41
N GLY I 17 -0.49 -11.98 12.87
CA GLY I 17 -0.69 -13.15 12.05
C GLY I 17 -0.90 -12.84 10.58
N ASP I 18 -0.93 -11.57 10.20
CA ASP I 18 -1.09 -11.20 8.82
C ASP I 18 0.22 -11.40 8.06
N ARG I 19 0.09 -11.63 6.75
CA ARG I 19 1.18 -11.53 5.79
C ARG I 19 1.28 -10.10 5.30
N VAL I 20 2.47 -9.52 5.35
CA VAL I 20 2.68 -8.14 4.94
C VAL I 20 3.75 -8.16 3.86
N THR I 21 3.43 -7.66 2.66
CA THR I 21 4.48 -7.46 1.67
C THR I 21 4.61 -5.96 1.45
N ILE I 22 5.84 -5.47 1.55
CA ILE I 22 6.20 -4.09 1.20
C ILE I 22 7.03 -4.11 -0.09
N THR I 23 6.76 -3.16 -1.01
CA THR I 23 7.45 -3.15 -2.29
C THR I 23 8.28 -1.89 -2.46
N CYS I 24 9.38 -2.01 -3.15
CA CYS I 24 10.23 -0.85 -3.36
C CYS I 24 10.77 -1.00 -4.76
N ARG I 25 10.57 0.01 -5.61
CA ARG I 25 10.89 -0.10 -7.01
C ARG I 25 11.95 0.90 -7.48
N ALA I 26 13.07 0.38 -7.98
CA ALA I 26 14.18 1.21 -8.44
C ALA I 26 13.91 1.92 -9.77
N SER I 27 14.41 3.15 -9.88
CA SER I 27 14.22 3.93 -11.09
C SER I 27 15.23 3.58 -12.16
N GLN I 28 16.33 2.93 -11.80
CA GLN I 28 17.26 2.33 -12.73
C GLN I 28 17.58 0.95 -12.21
N SER I 29 18.32 0.17 -12.98
CA SER I 29 18.77 -1.11 -12.44
C SER I 29 19.74 -0.80 -11.35
N VAL I 30 19.45 -1.31 -10.14
CA VAL I 30 20.37 -1.35 -8.99
C VAL I 30 20.92 -2.75 -8.75
N SER I 31 20.75 -3.67 -9.69
CA SER I 31 21.15 -5.06 -9.49
C SER I 31 20.43 -5.58 -8.24
N SER I 32 21.12 -6.23 -7.30
CA SER I 32 20.52 -6.71 -6.07
C SER I 32 21.09 -6.02 -4.82
N ALA I 33 21.72 -4.86 -4.99
CA ALA I 33 22.32 -4.16 -3.88
C ALA I 33 21.27 -3.37 -3.10
N VAL I 34 20.26 -4.10 -2.62
CA VAL I 34 19.17 -3.53 -1.86
C VAL I 34 19.16 -4.13 -0.47
N ALA I 35 19.07 -3.29 0.55
CA ALA I 35 18.92 -3.68 1.95
C ALA I 35 17.61 -3.13 2.53
N TRP I 36 17.06 -3.87 3.49
CA TRP I 36 15.87 -3.46 4.24
C TRP I 36 16.20 -3.20 5.70
N TYR I 37 15.56 -2.19 6.25
CA TYR I 37 15.76 -1.81 7.63
C TYR I 37 14.43 -1.70 8.37
N GLN I 38 14.45 -2.00 9.65
CA GLN I 38 13.29 -1.81 10.50
C GLN I 38 13.60 -0.69 11.45
N GLN I 39 12.71 0.26 11.63
CA GLN I 39 13.02 1.30 12.60
C GLN I 39 11.93 1.35 13.65
N LYS I 40 12.34 1.34 14.96
CA LYS I 40 11.25 1.63 15.87
C LYS I 40 11.37 3.05 16.37
N PRO I 41 10.25 3.67 16.73
CA PRO I 41 10.29 5.11 17.02
C PRO I 41 11.27 5.37 18.16
N GLY I 42 12.02 6.48 18.03
CA GLY I 42 12.99 6.89 19.02
C GLY I 42 14.28 6.09 19.03
N LYS I 43 14.40 5.08 18.18
CA LYS I 43 15.55 4.20 18.15
C LYS I 43 16.10 4.16 16.72
N ALA I 44 17.34 3.65 16.59
CA ALA I 44 18.04 3.53 15.31
C ALA I 44 17.48 2.40 14.45
N PRO I 45 17.70 2.42 13.14
CA PRO I 45 17.19 1.33 12.31
C PRO I 45 18.02 0.09 12.51
N LYS I 46 17.40 -1.04 12.27
CA LYS I 46 18.05 -2.32 12.33
C LYS I 46 18.01 -2.98 10.96
N LEU I 47 19.10 -3.64 10.60
CA LEU I 47 19.16 -4.28 9.31
C LEU I 47 18.38 -5.58 9.38
N LEU I 48 17.52 -5.82 8.36
CA LEU I 48 16.78 -7.05 8.16
C LEU I 48 17.27 -7.91 7.02
N ILE I 49 17.56 -7.28 5.89
CA ILE I 49 17.84 -7.99 4.63
C ILE I 49 19.00 -7.27 3.98
N TYR I 50 19.92 -8.03 3.43
CA TYR I 50 20.97 -7.44 2.62
C TYR I 50 21.06 -8.15 1.26
N SER I 51 21.59 -7.43 0.27
CA SER I 51 21.63 -7.95 -1.08
C SER I 51 20.26 -8.50 -1.50
N ALA I 52 19.24 -7.74 -1.14
CA ALA I 52 17.87 -7.85 -1.63
C ALA I 52 17.13 -9.07 -1.12
N SER I 53 17.88 -10.12 -0.82
CA SER I 53 17.24 -11.41 -0.57
C SER I 53 17.88 -12.27 0.52
N SER I 54 18.93 -11.81 1.20
CA SER I 54 19.56 -12.63 2.23
C SER I 54 19.16 -12.16 3.62
N LEU I 55 18.95 -13.09 4.53
CA LEU I 55 18.43 -12.75 5.84
C LEU I 55 19.59 -12.38 6.75
N TYR I 56 19.57 -11.17 7.29
CA TYR I 56 20.68 -10.76 8.14
C TYR I 56 20.77 -11.67 9.36
N SER I 57 22.00 -11.85 9.85
CA SER I 57 22.25 -12.77 10.96
C SER I 57 21.41 -12.42 12.16
N GLY I 58 20.66 -13.38 12.66
CA GLY I 58 19.87 -13.13 13.84
C GLY I 58 18.47 -12.60 13.59
N VAL I 59 18.17 -12.13 12.39
CA VAL I 59 16.81 -11.67 12.12
C VAL I 59 15.88 -12.88 12.09
N PRO I 60 14.66 -12.79 12.63
CA PRO I 60 13.73 -13.93 12.55
C PRO I 60 13.46 -14.33 11.11
N SER I 61 13.21 -15.63 10.92
CA SER I 61 13.10 -16.15 9.57
C SER I 61 11.75 -15.86 8.94
N ARG I 62 10.86 -15.13 9.60
CA ARG I 62 9.65 -14.71 8.91
C ARG I 62 9.88 -13.52 7.99
N PHE I 63 10.97 -12.78 8.15
CA PHE I 63 11.25 -11.71 7.19
C PHE I 63 11.98 -12.30 5.99
N SER I 64 11.47 -12.04 4.79
CA SER I 64 12.17 -12.41 3.57
C SER I 64 12.10 -11.27 2.56
N GLY I 65 13.17 -11.06 1.82
CA GLY I 65 13.17 -10.09 0.73
C GLY I 65 13.39 -10.81 -0.58
N SER I 66 12.77 -10.27 -1.64
CA SER I 66 12.89 -10.90 -2.95
C SER I 66 13.09 -9.80 -3.98
N ARG I 67 13.65 -10.21 -5.11
CA ARG I 67 13.92 -9.34 -6.25
C ARG I 67 13.27 -9.90 -7.50
N SER I 68 12.76 -9.02 -8.36
CA SER I 68 12.42 -9.37 -9.74
C SER I 68 12.79 -8.14 -10.56
N GLY I 69 13.97 -8.16 -11.17
CA GLY I 69 14.44 -6.98 -11.88
C GLY I 69 14.70 -5.78 -10.97
N THR I 70 13.88 -4.73 -11.11
CA THR I 70 13.95 -3.53 -10.29
C THR I 70 12.81 -3.44 -9.27
N ASP I 71 12.06 -4.51 -9.09
CA ASP I 71 10.94 -4.59 -8.16
C ASP I 71 11.35 -5.45 -6.95
N PHE I 72 11.66 -4.80 -5.86
CA PHE I 72 12.07 -5.48 -4.63
C PHE I 72 10.92 -5.48 -3.65
N THR I 73 10.61 -6.64 -3.07
CA THR I 73 9.55 -6.77 -2.09
C THR I 73 10.03 -7.43 -0.79
N LEU I 74 9.74 -6.79 0.35
CA LEU I 74 9.87 -7.37 1.69
C LEU I 74 8.55 -8.00 2.10
N THR I 75 8.57 -9.23 2.55
CA THR I 75 7.36 -9.84 3.08
C THR I 75 7.66 -10.35 4.49
N ILE I 76 6.75 -10.03 5.42
CA ILE I 76 6.74 -10.55 6.78
C ILE I 76 5.65 -11.61 6.81
N SER I 77 6.02 -12.89 6.91
CA SER I 77 5.08 -13.98 6.63
C SER I 77 3.92 -14.00 7.62
N SER I 78 4.18 -13.78 8.92
CA SER I 78 3.09 -13.70 9.89
C SER I 78 3.48 -12.68 10.95
N LEU I 79 2.86 -11.51 10.89
CA LEU I 79 3.25 -10.39 11.73
C LEU I 79 3.17 -10.76 13.20
N GLN I 80 4.17 -10.35 13.94
CA GLN I 80 4.26 -10.53 15.36
C GLN I 80 4.14 -9.18 16.01
N PRO I 81 3.72 -9.14 17.28
CA PRO I 81 3.50 -7.84 17.93
C PRO I 81 4.74 -6.98 17.94
N GLU I 82 5.92 -7.58 17.91
CA GLU I 82 7.11 -6.75 17.83
C GLU I 82 7.37 -6.22 16.44
N ASP I 83 6.50 -6.46 15.47
CA ASP I 83 6.85 -6.10 14.10
C ASP I 83 6.20 -4.81 13.61
N PHE I 84 5.34 -4.19 14.41
CA PHE I 84 4.75 -2.90 14.04
C PHE I 84 5.84 -1.84 14.13
N ALA I 85 6.32 -1.39 12.99
CA ALA I 85 7.36 -0.40 12.99
C ALA I 85 7.30 0.37 11.68
N THR I 86 8.35 1.05 11.32
CA THR I 86 8.51 1.55 9.99
C THR I 86 9.63 0.79 9.32
N TYR I 87 9.44 0.42 8.03
CA TYR I 87 10.46 -0.34 7.30
C TYR I 87 10.96 0.46 6.12
N TYR I 88 12.25 0.38 5.83
CA TYR I 88 12.86 1.11 4.73
C TYR I 88 13.64 0.18 3.82
N CYS I 89 13.53 0.39 2.50
CA CYS I 89 14.48 -0.23 1.56
C CYS I 89 15.58 0.75 1.27
N GLN I 90 16.72 0.21 0.83
CA GLN I 90 17.85 1.06 0.49
C GLN I 90 18.61 0.54 -0.74
N GLN I 91 19.07 1.44 -1.61
CA GLN I 91 19.98 1.02 -2.68
C GLN I 91 21.35 1.54 -2.34
N SER I 92 22.33 0.66 -2.53
CA SER I 92 23.75 0.91 -2.37
C SER I 92 24.47 0.38 -3.62
N TYR I 93 23.71 0.38 -4.72
CA TYR I 93 24.27 0.03 -6.00
C TYR I 93 25.15 1.14 -6.50
N SER I 94 24.75 2.39 -6.32
CA SER I 94 25.70 3.44 -6.66
C SER I 94 25.35 4.69 -5.88
N PHE I 95 26.31 5.57 -5.82
CA PHE I 95 26.28 6.81 -5.06
C PHE I 95 25.57 7.91 -5.84
N PRO I 96 24.73 8.73 -5.17
CA PRO I 96 24.40 8.69 -3.74
C PRO I 96 23.55 7.50 -3.34
N SER I 97 23.71 7.00 -2.12
CA SER I 97 22.76 6.00 -1.67
C SER I 97 21.41 6.63 -1.51
N THR I 98 20.38 5.86 -1.76
CA THR I 98 19.08 6.45 -1.68
C THR I 98 18.25 5.42 -0.95
N PHE I 99 17.39 5.92 -0.05
CA PHE I 99 16.52 5.15 0.83
C PHE I 99 15.06 5.29 0.37
N GLY I 100 14.27 4.24 0.56
CA GLY I 100 12.83 4.33 0.41
C GLY I 100 12.18 5.29 1.40
N GLN I 101 10.95 5.67 1.11
CA GLN I 101 10.34 6.69 1.94
C GLN I 101 9.69 6.12 3.20
N GLY I 102 9.63 4.82 3.29
CA GLY I 102 9.17 4.17 4.47
C GLY I 102 7.83 3.54 4.23
N THR I 103 7.59 2.47 4.93
CA THR I 103 6.25 1.92 5.08
C THR I 103 6.00 1.76 6.57
N LYS I 104 4.92 2.33 7.07
CA LYS I 104 4.59 2.26 8.48
C LYS I 104 3.56 1.16 8.69
N VAL I 105 3.91 0.16 9.49
CA VAL I 105 3.02 -0.96 9.73
C VAL I 105 2.34 -0.75 11.09
N GLU I 106 1.01 -0.64 11.07
CA GLU I 106 0.25 -0.15 12.18
C GLU I 106 -0.77 -1.22 12.57
N ILE I 107 -1.27 -1.10 13.81
CA ILE I 107 -2.16 -2.11 14.37
C ILE I 107 -3.59 -1.86 13.91
N LYS I 108 -4.26 -2.93 13.54
CA LYS I 108 -5.62 -2.87 13.00
C LYS I 108 -6.59 -3.19 14.11
N ARG I 109 -7.71 -2.46 14.14
CA ARG I 109 -8.72 -2.68 15.16
C ARG I 109 -10.02 -2.11 14.64
N THR I 110 -11.08 -2.32 15.41
CA THR I 110 -12.41 -1.93 14.98
C THR I 110 -12.58 -0.42 14.96
N VAL I 111 -13.51 0.02 14.13
CA VAL I 111 -13.76 1.45 14.02
C VAL I 111 -14.14 2.04 15.37
N ALA I 112 -13.52 3.17 15.70
CA ALA I 112 -13.79 3.90 16.91
C ALA I 112 -14.05 5.32 16.49
N ALA I 113 -15.24 5.83 16.75
CA ALA I 113 -15.57 7.20 16.37
C ALA I 113 -14.90 8.20 17.31
N PRO I 114 -14.39 9.31 16.80
CA PRO I 114 -13.75 10.31 17.67
C PRO I 114 -14.76 11.11 18.47
N SER I 115 -14.43 11.35 19.73
CA SER I 115 -15.15 12.30 20.56
C SER I 115 -14.56 13.67 20.30
N VAL I 116 -15.40 14.65 19.99
CA VAL I 116 -14.96 15.93 19.46
C VAL I 116 -15.22 16.99 20.51
N PHE I 117 -14.27 17.91 20.69
CA PHE I 117 -14.38 18.98 21.67
C PHE I 117 -13.74 20.23 21.09
N ILE I 118 -14.21 21.42 21.51
CA ILE I 118 -13.66 22.70 21.08
C ILE I 118 -13.34 23.54 22.31
N PHE I 119 -12.30 24.36 22.19
CA PHE I 119 -11.85 25.19 23.29
C PHE I 119 -11.64 26.61 22.76
N PRO I 120 -12.24 27.63 23.37
CA PRO I 120 -11.96 29.03 22.96
C PRO I 120 -10.63 29.49 23.50
N PRO I 121 -10.07 30.57 22.97
CA PRO I 121 -8.82 31.08 23.53
C PRO I 121 -9.00 31.50 24.97
N SER I 122 -7.95 31.29 25.74
CA SER I 122 -7.98 31.66 27.14
C SER I 122 -8.08 33.18 27.30
N ASP I 123 -8.53 33.58 28.50
CA ASP I 123 -8.45 34.99 28.84
C ASP I 123 -7.01 35.48 28.75
N GLU I 124 -6.07 34.73 29.35
CA GLU I 124 -4.69 35.22 29.45
C GLU I 124 -4.11 35.56 28.08
N GLN I 125 -4.54 34.84 27.04
CA GLN I 125 -3.91 34.94 25.72
C GLN I 125 -4.25 36.24 25.02
N LEU I 126 -5.48 36.74 25.14
CA LEU I 126 -5.78 38.03 24.50
C LEU I 126 -5.01 39.18 25.14
N LYS I 127 -4.69 39.10 26.44
CA LYS I 127 -3.84 40.11 27.06
C LYS I 127 -2.42 40.10 26.49
N SER I 128 -2.00 38.99 25.86
CA SER I 128 -0.71 38.92 25.18
C SER I 128 -0.84 39.20 23.67
N GLY I 129 -2.06 39.45 23.17
CA GLY I 129 -2.27 39.87 21.79
C GLY I 129 -2.52 38.81 20.74
N THR I 130 -2.35 37.53 21.07
CA THR I 130 -2.62 36.44 20.14
C THR I 130 -3.87 35.67 20.56
N ALA I 131 -4.50 34.95 19.62
CA ALA I 131 -5.64 34.11 19.95
C ALA I 131 -5.55 32.77 19.22
N SER I 132 -5.52 31.66 19.98
CA SER I 132 -5.50 30.30 19.42
C SER I 132 -6.77 29.55 19.82
N VAL I 133 -7.46 28.98 18.84
CA VAL I 133 -8.65 28.19 19.07
C VAL I 133 -8.32 26.75 18.72
N VAL I 134 -8.59 25.84 19.66
CA VAL I 134 -8.15 24.45 19.58
C VAL I 134 -9.32 23.48 19.49
N CYS I 135 -9.21 22.50 18.59
CA CYS I 135 -10.21 21.44 18.39
C CYS I 135 -9.60 20.08 18.68
N LEU I 136 -10.32 19.24 19.44
CA LEU I 136 -9.79 17.96 19.91
C LEU I 136 -10.62 16.80 19.38
N LEU I 137 -9.95 15.84 18.75
CA LEU I 137 -10.56 14.58 18.33
C LEU I 137 -9.97 13.46 19.16
N ASN I 138 -10.80 12.74 19.90
CA ASN I 138 -10.30 11.82 20.91
C ASN I 138 -10.61 10.37 20.60
N ASN I 139 -9.57 9.53 20.65
CA ASN I 139 -9.71 8.09 20.77
C ASN I 139 -10.53 7.50 19.62
N PHE I 140 -9.94 7.58 18.44
CA PHE I 140 -10.58 7.12 17.24
C PHE I 140 -9.70 6.16 16.47
N TYR I 141 -10.35 5.39 15.60
CA TYR I 141 -9.69 4.48 14.73
C TYR I 141 -10.61 4.34 13.52
N PRO I 142 -10.08 4.33 12.30
CA PRO I 142 -8.65 4.39 11.92
C PRO I 142 -8.15 5.82 11.90
N ARG I 143 -6.90 6.08 11.47
CA ARG I 143 -6.31 7.41 11.65
C ARG I 143 -6.95 8.48 10.78
N GLU I 144 -7.50 8.12 9.62
CA GLU I 144 -7.87 9.11 8.61
C GLU I 144 -9.04 9.98 9.09
N ALA I 145 -8.86 11.29 9.10
CA ALA I 145 -9.88 12.17 9.65
C ALA I 145 -9.68 13.56 9.09
N LYS I 146 -10.75 14.17 8.62
CA LYS I 146 -10.67 15.49 8.01
C LYS I 146 -11.16 16.54 8.99
N VAL I 147 -10.35 17.58 9.22
CA VAL I 147 -10.72 18.71 10.08
C VAL I 147 -10.91 19.98 9.23
N GLN I 148 -12.05 20.63 9.42
CA GLN I 148 -12.42 21.83 8.68
C GLN I 148 -12.66 22.97 9.63
N TRP I 149 -11.90 24.04 9.49
CA TRP I 149 -12.04 25.25 10.30
C TRP I 149 -12.86 26.28 9.54
N LYS I 150 -13.76 26.97 10.25
CA LYS I 150 -14.58 28.03 9.68
C LYS I 150 -14.63 29.19 10.64
N VAL I 151 -14.38 30.41 10.16
CA VAL I 151 -14.61 31.62 10.96
C VAL I 151 -15.76 32.39 10.33
N ASP I 152 -16.90 32.39 11.02
CA ASP I 152 -18.15 32.96 10.50
C ASP I 152 -18.59 32.27 9.20
N ASN I 153 -18.56 30.93 9.21
CA ASN I 153 -18.99 30.04 8.13
C ASN I 153 -18.08 30.07 6.90
N ALA I 154 -17.01 30.87 6.91
CA ALA I 154 -16.03 30.87 5.85
C ALA I 154 -14.91 29.89 6.20
N LEU I 155 -14.63 28.93 5.32
CA LEU I 155 -13.56 27.98 5.55
C LEU I 155 -12.22 28.68 5.72
N GLN I 156 -11.38 28.13 6.59
CA GLN I 156 -10.02 28.61 6.69
C GLN I 156 -9.14 27.61 5.97
N SER I 157 -7.97 28.06 5.52
CA SER I 157 -7.04 27.19 4.80
C SER I 157 -5.61 27.62 5.09
N GLY I 158 -4.78 26.66 5.47
CA GLY I 158 -3.38 26.97 5.65
C GLY I 158 -3.07 27.80 6.87
N ASN I 159 -4.02 27.96 7.79
CA ASN I 159 -3.82 28.72 9.01
C ASN I 159 -4.07 27.87 10.25
N SER I 160 -4.05 26.55 10.10
CA SER I 160 -4.26 25.63 11.21
C SER I 160 -3.22 24.53 11.14
N GLN I 161 -2.89 23.94 12.30
CA GLN I 161 -1.91 22.86 12.39
C GLN I 161 -2.50 21.64 13.09
N GLU I 162 -2.21 20.45 12.54
CA GLU I 162 -2.65 19.22 13.15
C GLU I 162 -1.47 18.59 13.88
N SER I 163 -1.79 17.67 14.78
CA SER I 163 -0.78 16.94 15.55
C SER I 163 -1.43 15.68 16.05
N VAL I 164 -0.92 14.50 15.71
CA VAL I 164 -1.62 13.27 16.04
C VAL I 164 -0.79 12.48 17.00
N THR I 165 -1.44 11.76 17.91
CA THR I 165 -0.65 10.92 18.78
C THR I 165 -0.33 9.63 18.09
N GLU I 166 0.67 8.96 18.60
CA GLU I 166 1.02 7.64 18.13
C GLU I 166 -0.05 6.66 18.60
N GLN I 167 -0.04 5.47 18.04
CA GLN I 167 -1.15 4.56 18.32
C GLN I 167 -1.12 4.15 19.79
N ASP I 168 -2.19 4.43 20.53
CA ASP I 168 -2.22 4.24 21.99
C ASP I 168 -1.89 2.80 22.38
N SER I 169 -1.09 2.63 23.42
CA SER I 169 -0.65 1.28 23.79
C SER I 169 -1.79 0.36 24.27
N LYS I 170 -2.86 0.91 24.87
CA LYS I 170 -3.84 0.01 25.47
C LYS I 170 -4.91 -0.39 24.46
N ASP I 171 -5.61 0.59 23.87
CA ASP I 171 -6.68 0.36 22.91
C ASP I 171 -6.31 0.70 21.48
N SER I 172 -5.05 1.06 21.22
CA SER I 172 -4.55 1.42 19.90
C SER I 172 -5.46 2.33 19.08
N THR I 173 -6.07 3.32 19.73
CA THR I 173 -6.71 4.47 19.10
C THR I 173 -5.68 5.58 18.87
N TYR I 174 -6.03 6.50 17.97
CA TYR I 174 -5.31 7.76 17.74
C TYR I 174 -6.06 8.94 18.38
N SER I 175 -5.35 10.04 18.55
CA SER I 175 -5.98 11.28 18.96
C SER I 175 -5.33 12.42 18.20
N LEU I 176 -6.13 13.43 17.90
CA LEU I 176 -5.65 14.51 17.08
C LEU I 176 -6.04 15.82 17.71
N SER I 177 -5.17 16.81 17.57
CA SER I 177 -5.50 18.19 17.88
C SER I 177 -5.25 19.04 16.64
N SER I 178 -6.13 20.04 16.41
CA SER I 178 -5.97 21.01 15.34
C SER I 178 -6.06 22.44 15.88
N THR I 179 -5.09 23.30 15.55
CA THR I 179 -5.10 24.65 16.12
C THR I 179 -5.13 25.74 15.05
N LEU I 180 -6.19 26.55 15.09
CA LEU I 180 -6.38 27.72 14.22
C LEU I 180 -5.87 28.98 14.93
N THR I 181 -4.86 29.63 14.33
CA THR I 181 -4.20 30.79 14.91
C THR I 181 -4.59 32.08 14.21
N LEU I 182 -4.90 33.10 15.00
CA LEU I 182 -5.22 34.42 14.47
C LEU I 182 -4.58 35.47 15.38
N SER I 183 -4.42 36.68 14.82
CA SER I 183 -4.17 37.83 15.66
C SER I 183 -5.40 38.15 16.49
N LYS I 184 -5.16 38.67 17.71
CA LYS I 184 -6.26 39.11 18.56
C LYS I 184 -7.19 40.05 17.82
N ALA I 185 -6.63 40.94 17.00
CA ALA I 185 -7.45 41.86 16.22
C ALA I 185 -8.41 41.11 15.30
N ASP I 186 -7.91 40.19 14.50
CA ASP I 186 -8.83 39.39 13.69
C ASP I 186 -9.69 38.47 14.54
N TYR I 187 -9.21 38.08 15.72
CA TYR I 187 -10.03 37.24 16.56
C TYR I 187 -11.28 37.99 17.00
N GLU I 188 -11.14 39.28 17.30
CA GLU I 188 -12.25 40.09 17.77
C GLU I 188 -13.00 40.75 16.62
N LYS I 189 -12.55 40.59 15.40
CA LYS I 189 -13.37 40.92 14.24
C LYS I 189 -14.36 39.82 13.88
N HIS I 190 -14.55 38.78 14.70
CA HIS I 190 -15.46 37.71 14.29
C HIS I 190 -16.22 37.10 15.46
N LYS I 191 -17.28 36.36 15.13
CA LYS I 191 -18.16 35.77 16.12
C LYS I 191 -18.09 34.24 16.14
N VAL I 192 -18.35 33.59 15.01
CA VAL I 192 -18.60 32.15 14.96
C VAL I 192 -17.29 31.41 14.67
N TYR I 193 -16.87 30.57 15.63
CA TYR I 193 -15.66 29.76 15.51
C TYR I 193 -16.07 28.29 15.49
N ALA I 194 -15.86 27.59 14.36
CA ALA I 194 -16.40 26.24 14.17
C ALA I 194 -15.35 25.24 13.68
N CYS I 195 -15.56 23.97 14.07
CA CYS I 195 -14.71 22.83 13.74
C CYS I 195 -15.60 21.70 13.22
N GLU I 196 -15.28 21.16 12.06
CA GLU I 196 -16.12 20.16 11.42
C GLU I 196 -15.26 18.92 11.17
N VAL I 197 -15.76 17.74 11.57
CA VAL I 197 -14.95 16.52 11.62
C VAL I 197 -15.62 15.38 10.86
N THR I 198 -14.87 14.75 9.97
CA THR I 198 -15.35 13.63 9.15
C THR I 198 -14.59 12.34 9.46
N HIS I 199 -15.29 11.26 9.77
CA HIS I 199 -14.61 10.02 10.10
C HIS I 199 -15.50 8.80 9.87
N GLN I 200 -14.86 7.66 9.62
CA GLN I 200 -15.55 6.41 9.31
C GLN I 200 -16.54 5.98 10.40
N GLY I 201 -16.20 6.14 11.66
CA GLY I 201 -17.20 5.75 12.65
C GLY I 201 -18.31 6.72 12.87
N LEU I 202 -18.32 7.79 12.07
CA LEU I 202 -19.34 8.82 12.13
C LEU I 202 -20.26 8.72 10.92
N SER I 203 -21.55 8.45 11.16
CA SER I 203 -22.47 8.41 10.03
C SER I 203 -22.55 9.78 9.37
N SER I 204 -22.58 10.85 10.14
CA SER I 204 -22.59 12.20 9.58
C SER I 204 -21.63 13.10 10.35
N PRO I 205 -21.05 14.10 9.69
CA PRO I 205 -20.01 14.90 10.33
C PRO I 205 -20.45 15.54 11.63
N VAL I 206 -19.56 15.52 12.59
CA VAL I 206 -19.77 16.14 13.89
C VAL I 206 -19.15 17.53 13.82
N THR I 207 -19.82 18.50 14.42
CA THR I 207 -19.38 19.87 14.36
C THR I 207 -19.51 20.42 15.77
N LYS I 208 -18.43 21.00 16.32
CA LYS I 208 -18.49 21.68 17.62
C LYS I 208 -18.04 23.13 17.46
N SER I 209 -18.73 24.07 18.13
CA SER I 209 -18.45 25.48 17.96
C SER I 209 -18.83 26.29 19.20
N PHE I 210 -18.35 27.52 19.21
CA PHE I 210 -18.77 28.55 20.15
C PHE I 210 -18.89 29.86 19.39
N ASN I 211 -19.49 30.85 20.03
CA ASN I 211 -19.48 32.22 19.51
C ASN I 211 -18.76 33.09 20.54
N ARG I 212 -17.81 33.90 20.06
CA ARG I 212 -16.88 34.65 20.89
C ARG I 212 -17.56 35.62 21.87
N GLY I 213 -17.42 35.35 23.17
CA GLY I 213 -17.98 36.22 24.19
C GLY I 213 -19.36 35.81 24.66
N GLU I 214 -19.54 34.52 24.89
CA GLU I 214 -20.81 33.96 25.31
C GLU I 214 -20.62 33.27 26.66
N CYS I 215 -21.50 33.58 27.61
CA CYS I 215 -21.30 33.12 28.98
C CYS I 215 -21.77 31.67 29.15
N SER K 3 7.63 4.92 33.63
CA SER K 3 8.79 4.81 32.76
C SER K 3 9.57 6.10 32.85
N GLU K 4 8.83 7.20 32.82
CA GLU K 4 9.41 8.52 32.75
C GLU K 4 10.02 8.98 34.08
N VAL K 5 9.90 8.17 35.14
CA VAL K 5 10.56 8.45 36.43
C VAL K 5 12.04 8.15 36.32
N GLN K 6 12.86 9.15 36.62
CA GLN K 6 14.32 9.04 36.69
C GLN K 6 14.80 9.77 37.94
N LEU K 7 15.48 9.06 38.84
CA LEU K 7 16.35 9.70 39.85
C LEU K 7 17.74 9.85 39.23
N VAL K 8 18.29 11.07 39.24
CA VAL K 8 19.60 11.34 38.65
C VAL K 8 20.44 12.08 39.69
N GLU K 9 21.60 11.58 39.94
CA GLU K 9 22.36 12.03 41.08
C GLU K 9 23.34 13.11 40.63
N SER K 10 24.33 13.38 41.47
CA SER K 10 25.21 14.50 41.22
C SER K 10 26.18 14.61 42.39
N GLY K 11 27.30 15.28 42.15
CA GLY K 11 28.26 15.54 43.22
C GLY K 11 29.17 14.35 43.47
N GLY K 12 29.42 14.02 44.74
CA GLY K 12 30.05 12.75 45.05
C GLY K 12 31.48 12.59 44.54
N GLY K 13 32.43 13.36 45.12
CA GLY K 13 33.84 13.34 44.74
C GLY K 13 34.80 12.74 45.75
N LEU K 14 35.85 13.47 46.14
CA LEU K 14 36.79 13.05 47.18
C LEU K 14 36.95 14.15 48.23
N VAL K 15 36.76 13.82 49.53
CA VAL K 15 37.10 14.72 50.65
C VAL K 15 37.97 13.97 51.69
N GLN K 16 38.15 14.52 52.88
CA GLN K 16 38.72 13.72 53.96
C GLN K 16 37.78 13.71 55.19
N PRO K 17 38.11 13.01 56.31
CA PRO K 17 37.19 13.03 57.46
C PRO K 17 37.22 14.37 58.17
N GLY K 18 36.12 14.67 58.85
CA GLY K 18 35.83 16.00 59.34
C GLY K 18 35.17 16.86 58.27
N GLY K 19 35.50 16.58 57.01
CA GLY K 19 34.96 17.35 55.88
C GLY K 19 33.50 17.04 55.59
N SER K 20 32.85 17.93 54.86
CA SER K 20 31.50 17.61 54.44
C SER K 20 31.44 17.39 52.92
N LEU K 21 30.20 17.16 52.48
CA LEU K 21 29.75 16.97 51.11
C LEU K 21 28.24 17.04 51.12
N ARG K 22 27.65 17.71 50.12
CA ARG K 22 26.23 17.54 49.86
C ARG K 22 26.09 16.72 48.58
N LEU K 23 25.13 15.80 48.65
CA LEU K 23 24.78 14.76 47.70
C LEU K 23 23.33 15.02 47.36
N SER K 24 22.98 15.38 46.09
CA SER K 24 21.56 15.42 45.72
C SER K 24 21.13 14.16 44.99
N CYS K 25 19.85 14.10 44.67
CA CYS K 25 19.28 12.97 43.92
C CYS K 25 18.09 13.50 43.16
N ALA K 26 18.30 13.94 41.92
CA ALA K 26 17.38 14.85 41.27
C ALA K 26 16.26 14.07 40.60
N ALA K 27 15.02 14.42 40.97
CA ALA K 27 13.81 13.68 40.63
C ALA K 27 13.09 14.25 39.41
N SER K 28 12.62 13.36 38.54
CA SER K 28 11.72 13.72 37.44
C SER K 28 10.81 12.54 37.18
N GLY K 29 9.62 12.83 36.60
CA GLY K 29 8.57 11.86 36.35
C GLY K 29 7.53 11.74 37.44
N PHE K 30 7.85 12.19 38.65
CA PHE K 30 6.96 12.18 39.81
C PHE K 30 7.26 13.44 40.63
N TYR K 31 6.73 13.51 41.86
CA TYR K 31 7.01 14.56 42.83
C TYR K 31 7.28 13.94 44.20
N ILE K 32 8.07 14.65 45.02
CA ILE K 32 8.72 14.02 46.18
C ILE K 32 7.92 14.11 47.50
N SER K 33 6.99 15.05 47.63
CA SER K 33 6.10 15.16 48.80
C SER K 33 5.18 13.94 49.01
N TYR K 34 5.30 12.93 48.13
CA TYR K 34 4.34 11.82 48.06
C TYR K 34 4.97 10.44 47.96
N SER K 35 6.27 10.35 47.68
CA SER K 35 7.03 9.13 47.86
C SER K 35 8.10 9.40 48.90
N SER K 36 8.34 8.41 49.75
CA SER K 36 9.55 8.43 50.56
C SER K 36 10.77 8.27 49.65
N ILE K 37 11.93 8.76 50.13
CA ILE K 37 13.19 8.60 49.41
C ILE K 37 14.24 8.08 50.39
N HIS K 38 15.11 7.18 49.91
CA HIS K 38 16.19 6.60 50.72
C HIS K 38 17.58 6.84 50.08
N TRP K 39 18.63 6.51 50.88
CA TRP K 39 20.06 6.68 50.50
C TRP K 39 20.89 5.42 50.83
N VAL K 40 20.99 4.48 49.88
CA VAL K 40 21.72 3.22 50.04
C VAL K 40 23.13 3.37 49.51
N ARG K 41 24.10 2.76 50.21
CA ARG K 41 25.50 2.73 49.80
C ARG K 41 26.03 1.30 49.70
N GLN K 42 26.93 1.13 48.73
CA GLN K 42 27.83 0.00 48.58
C GLN K 42 29.22 0.58 48.78
N ALA K 43 29.71 0.51 50.02
CA ALA K 43 31.13 0.73 50.27
C ALA K 43 31.92 -0.32 49.51
N PRO K 44 33.04 0.04 48.90
CA PRO K 44 33.48 -0.67 47.69
C PRO K 44 33.68 -2.15 47.94
N GLY K 45 33.16 -2.96 47.02
CA GLY K 45 33.28 -4.40 47.15
C GLY K 45 32.29 -5.01 48.13
N LYS K 46 32.12 -4.35 49.27
CA LYS K 46 31.16 -4.74 50.29
C LYS K 46 29.73 -4.62 49.77
N GLY K 47 28.74 -4.99 50.59
CA GLY K 47 27.36 -5.06 50.16
C GLY K 47 26.56 -3.80 50.44
N LEU K 48 25.25 -3.90 50.14
CA LEU K 48 24.28 -2.82 50.33
C LEU K 48 24.21 -2.35 51.79
N GLU K 49 23.85 -1.08 52.00
CA GLU K 49 23.71 -0.58 53.37
C GLU K 49 22.73 0.59 53.47
N TRP K 50 21.51 0.36 53.97
CA TRP K 50 20.59 1.48 54.21
C TRP K 50 21.21 2.51 55.19
N VAL K 51 20.97 3.81 54.89
CA VAL K 51 21.48 4.91 55.71
C VAL K 51 20.40 5.95 56.08
N ALA K 52 19.58 6.44 55.13
CA ALA K 52 18.65 7.51 55.50
C ALA K 52 17.40 7.61 54.60
N SER K 53 16.26 8.05 55.19
CA SER K 53 14.91 8.08 54.62
C SER K 53 14.17 9.39 54.91
N ILE K 54 13.39 9.89 53.93
CA ILE K 54 12.38 10.94 54.14
C ILE K 54 11.02 10.27 54.06
N SER K 55 10.03 10.83 54.80
CA SER K 55 8.67 10.29 54.81
C SER K 55 7.63 11.39 54.67
N PRO K 56 6.67 11.27 53.75
CA PRO K 56 5.95 12.44 53.22
C PRO K 56 5.10 13.20 54.24
N TYR K 57 4.79 14.44 53.86
CA TYR K 57 3.88 15.35 54.54
C TYR K 57 4.42 15.82 55.87
N SER K 58 5.50 15.18 56.33
CA SER K 58 6.07 15.32 57.66
C SER K 58 7.54 15.75 57.68
N GLY K 59 8.27 15.60 56.57
CA GLY K 59 9.70 15.81 56.51
C GLY K 59 10.51 14.86 57.38
N SER K 60 9.86 13.88 58.00
CA SER K 60 10.42 13.15 59.12
C SER K 60 11.42 12.12 58.63
N THR K 61 12.33 11.73 59.52
CA THR K 61 13.61 11.13 59.14
C THR K 61 14.04 10.01 60.09
N TYR K 62 14.73 9.04 59.51
CA TYR K 62 15.27 7.92 60.24
C TYR K 62 16.68 7.72 59.68
N TYR K 63 17.56 7.08 60.45
CA TYR K 63 18.90 6.76 59.94
C TYR K 63 19.43 5.46 60.56
N ALA K 64 20.44 4.91 59.89
CA ALA K 64 21.24 3.81 60.41
C ALA K 64 22.10 4.33 61.55
N ASP K 65 22.29 3.51 62.59
CA ASP K 65 22.97 3.98 63.79
C ASP K 65 24.37 4.50 63.48
N SER K 66 24.97 4.06 62.35
CA SER K 66 26.25 4.58 61.87
C SER K 66 26.17 6.05 61.44
N VAL K 67 25.01 6.69 61.66
CA VAL K 67 24.88 8.16 61.67
C VAL K 67 25.75 8.73 62.79
N LYS K 68 26.49 7.86 63.49
CA LYS K 68 27.68 8.33 64.21
C LYS K 68 28.50 9.27 63.33
N GLY K 69 28.67 8.94 62.06
CA GLY K 69 29.40 9.81 61.16
C GLY K 69 28.60 10.96 60.61
N ARG K 70 27.61 11.47 61.37
CA ARG K 70 26.99 12.79 61.15
C ARG K 70 26.27 12.98 59.79
N PHE K 71 25.13 12.30 59.61
CA PHE K 71 24.28 12.56 58.43
C PHE K 71 23.08 13.47 58.77
N THR K 72 22.48 14.02 57.68
CA THR K 72 21.28 14.88 57.75
C THR K 72 20.55 14.83 56.39
N ILE K 73 19.38 14.12 56.35
CA ILE K 73 18.59 13.92 55.13
C ILE K 73 17.44 14.91 55.09
N SER K 74 17.34 15.64 53.99
CA SER K 74 16.36 16.70 53.83
C SER K 74 15.74 16.61 52.43
N ALA K 75 14.68 17.39 52.21
CA ALA K 75 13.92 17.40 50.97
C ALA K 75 13.69 18.83 50.54
N ASP K 76 13.76 19.06 49.22
CA ASP K 76 13.30 20.28 48.55
C ASP K 76 12.33 19.78 47.51
N THR K 77 11.04 19.77 47.87
CA THR K 77 10.08 19.37 46.86
C THR K 77 9.94 20.46 45.79
N SER K 78 10.57 21.62 46.03
CA SER K 78 10.61 22.79 45.16
C SER K 78 11.70 22.72 44.09
N LYS K 79 12.95 22.42 44.45
CA LYS K 79 13.95 22.02 43.45
C LYS K 79 13.74 20.59 42.98
N ASN K 80 12.62 19.96 43.36
CA ASN K 80 12.21 18.56 43.07
C ASN K 80 13.32 17.53 43.44
N THR K 81 14.23 17.88 44.36
CA THR K 81 15.45 17.14 44.68
C THR K 81 15.60 16.99 46.20
N ALA K 82 16.14 15.83 46.66
CA ALA K 82 16.25 15.49 48.08
C ALA K 82 17.70 15.22 48.50
N TYR K 83 18.37 16.24 49.05
CA TYR K 83 19.82 16.26 49.22
C TYR K 83 20.26 15.26 50.34
N LEU K 84 21.58 15.02 50.45
CA LEU K 84 22.20 14.24 51.52
C LEU K 84 23.37 15.09 51.98
N GLN K 85 23.21 15.85 53.07
CA GLN K 85 24.36 16.45 53.73
C GLN K 85 25.27 15.33 54.21
N MET K 86 26.57 15.46 54.00
CA MET K 86 27.44 14.49 54.65
C MET K 86 28.54 15.16 55.53
N ASN K 87 28.20 15.36 56.82
CA ASN K 87 29.02 15.96 57.85
C ASN K 87 29.94 14.91 58.45
N SER K 88 31.04 15.38 59.07
CA SER K 88 32.06 14.54 59.71
C SER K 88 32.32 13.22 58.98
N LEU K 89 32.38 13.25 57.64
CA LEU K 89 32.62 12.10 56.75
C LEU K 89 33.82 11.24 57.20
N ARG K 90 33.88 9.97 56.80
CA ARG K 90 34.74 9.00 57.45
C ARG K 90 35.38 8.05 56.44
N ALA K 91 36.58 7.54 56.79
CA ALA K 91 37.25 6.57 55.94
C ALA K 91 36.39 5.34 55.73
N GLU K 92 35.40 5.13 56.60
CA GLU K 92 34.44 4.05 56.54
C GLU K 92 33.26 4.36 55.60
N ASP K 93 33.15 5.59 55.09
CA ASP K 93 31.98 6.01 54.32
C ASP K 93 32.27 6.12 52.83
N THR K 94 33.43 5.61 52.41
CA THR K 94 33.77 5.51 51.01
C THR K 94 32.79 4.59 50.30
N ALA K 95 32.01 5.09 49.35
CA ALA K 95 30.96 4.22 48.80
C ALA K 95 30.28 4.84 47.59
N VAL K 96 29.44 4.00 46.98
CA VAL K 96 28.61 4.29 45.82
C VAL K 96 27.17 4.46 46.31
N TYR K 97 26.63 5.68 46.21
CA TYR K 97 25.38 6.03 46.92
C TYR K 97 24.22 5.88 45.95
N TYR K 98 23.50 4.76 46.10
CA TYR K 98 22.26 4.49 45.38
C TYR K 98 21.08 5.09 46.17
N CYS K 99 20.69 6.32 45.80
CA CYS K 99 19.38 6.86 46.18
C CYS K 99 18.28 6.12 45.41
N ALA K 100 17.33 5.55 46.16
CA ALA K 100 16.21 4.74 45.69
C ALA K 100 14.85 5.32 46.09
N ARG K 101 13.93 5.42 45.15
CA ARG K 101 12.61 5.89 45.49
C ARG K 101 11.87 4.76 46.18
N GLN K 102 11.53 4.93 47.47
CA GLN K 102 10.52 4.07 48.06
C GLN K 102 9.14 4.61 47.66
N GLY K 103 8.38 3.84 46.88
CA GLY K 103 7.17 4.31 46.25
C GLY K 103 5.92 3.75 46.88
N TYR K 104 4.83 3.80 46.11
CA TYR K 104 3.48 3.86 46.65
C TYR K 104 3.05 2.57 47.35
N ARG K 105 2.32 2.76 48.45
CA ARG K 105 1.97 1.68 49.38
C ARG K 105 1.10 0.63 48.72
N ARG K 106 0.10 1.06 47.93
CA ARG K 106 -0.83 0.12 47.31
C ARG K 106 -0.24 -0.53 46.05
N ARG K 107 0.61 0.19 45.32
CA ARG K 107 1.13 -0.32 44.07
C ARG K 107 2.32 -1.24 44.25
N SER K 108 3.20 -0.97 45.21
CA SER K 108 4.39 -1.79 45.34
C SER K 108 4.82 -1.98 46.79
N GLY K 109 3.85 -2.01 47.72
CA GLY K 109 4.15 -2.19 49.13
C GLY K 109 5.19 -1.24 49.71
N ARG K 110 6.33 -1.77 50.13
CA ARG K 110 7.37 -0.86 50.51
C ARG K 110 8.69 -1.19 49.79
N GLY K 111 8.62 -1.70 48.56
CA GLY K 111 9.85 -1.94 47.81
C GLY K 111 10.42 -0.67 47.17
N PHE K 112 11.72 -0.67 46.83
CA PHE K 112 12.37 0.45 46.15
C PHE K 112 12.27 0.21 44.66
N ASP K 113 11.37 0.92 43.98
CA ASP K 113 11.09 0.58 42.57
C ASP K 113 11.82 1.45 41.52
N TYR K 114 12.44 2.57 41.94
CA TYR K 114 13.20 3.46 41.04
C TYR K 114 14.40 4.02 41.81
N TRP K 115 15.62 3.59 41.41
CA TRP K 115 16.91 3.96 41.96
C TRP K 115 17.63 4.98 41.08
N GLY K 116 18.46 5.82 41.72
CA GLY K 116 19.45 6.61 41.01
C GLY K 116 20.62 5.74 40.57
N GLN K 117 21.61 6.35 39.89
CA GLN K 117 22.66 5.50 39.32
C GLN K 117 24.03 5.57 39.99
N GLY K 118 24.39 6.69 40.65
CA GLY K 118 25.65 6.74 41.37
C GLY K 118 26.35 8.08 41.46
N THR K 119 26.67 8.42 42.71
CA THR K 119 27.59 9.45 43.18
C THR K 119 28.78 8.68 43.75
N LEU K 120 29.94 9.33 43.91
CA LEU K 120 31.18 8.56 44.16
C LEU K 120 32.05 9.08 45.32
N VAL K 121 31.80 8.62 46.55
CA VAL K 121 32.43 9.15 47.76
C VAL K 121 33.69 8.35 48.09
N THR K 122 34.86 9.02 48.12
CA THR K 122 36.14 8.40 48.43
C THR K 122 36.90 9.27 49.42
N VAL K 123 37.12 8.75 50.63
CA VAL K 123 37.65 9.51 51.78
C VAL K 123 39.04 8.96 52.13
N SER K 124 40.03 9.84 52.19
CA SER K 124 41.39 9.33 52.17
C SER K 124 42.37 10.48 52.25
N SER K 125 43.59 10.17 52.68
CA SER K 125 44.65 11.16 52.79
C SER K 125 45.79 10.94 51.83
N ALA K 126 45.77 9.87 51.06
CA ALA K 126 46.75 9.75 49.99
C ALA K 126 46.47 10.81 48.92
N SER K 127 47.54 11.20 48.23
CA SER K 127 47.47 12.27 47.26
C SER K 127 47.14 11.78 45.85
N THR K 128 46.45 12.62 45.07
CA THR K 128 46.13 12.29 43.69
C THR K 128 47.43 12.09 42.91
N LYS K 129 47.44 11.08 42.03
CA LYS K 129 48.68 10.72 41.31
C LYS K 129 48.34 9.96 40.03
N GLY K 130 48.90 10.41 38.91
CA GLY K 130 48.75 9.71 37.67
C GLY K 130 49.49 8.38 37.74
N PRO K 131 49.04 7.41 36.95
CA PRO K 131 49.64 6.08 36.97
C PRO K 131 50.83 5.89 36.02
N SER K 132 51.67 4.93 36.38
CA SER K 132 52.91 4.62 35.67
C SER K 132 52.66 3.38 34.82
N VAL K 133 52.22 3.58 33.57
CA VAL K 133 51.71 2.52 32.69
C VAL K 133 52.88 1.66 32.19
N PHE K 134 53.04 0.48 32.78
CA PHE K 134 54.17 -0.30 32.30
C PHE K 134 53.67 -1.41 31.39
N PRO K 135 54.40 -1.77 30.33
CA PRO K 135 53.91 -2.82 29.41
C PRO K 135 54.04 -4.23 29.97
N LEU K 136 53.32 -5.14 29.32
CA LEU K 136 53.34 -6.58 29.59
C LEU K 136 53.54 -7.24 28.23
N ALA K 137 54.80 -7.37 27.80
CA ALA K 137 55.12 -7.80 26.44
C ALA K 137 54.71 -9.25 26.19
N PRO K 138 54.43 -9.62 24.92
CA PRO K 138 54.14 -11.02 24.59
C PRO K 138 55.34 -11.81 24.09
N SER K 139 55.04 -13.01 23.56
CA SER K 139 55.83 -13.77 22.58
C SER K 139 57.12 -14.39 23.14
N SER K 140 57.51 -15.53 22.56
CA SER K 140 58.63 -16.39 22.98
C SER K 140 58.43 -16.88 24.42
N LYS K 141 57.27 -16.51 24.97
CA LYS K 141 56.65 -16.72 26.27
C LYS K 141 55.30 -16.05 26.05
N SER K 142 54.36 -16.25 26.96
CA SER K 142 52.97 -15.78 26.73
C SER K 142 52.34 -16.37 25.47
N THR K 143 52.56 -17.69 25.21
CA THR K 143 52.07 -18.33 23.97
C THR K 143 51.65 -19.79 24.23
N SER K 144 50.33 -20.00 24.38
CA SER K 144 49.74 -21.33 24.51
C SER K 144 48.87 -21.58 23.27
N GLY K 145 49.48 -22.14 22.23
CA GLY K 145 48.75 -22.45 21.01
C GLY K 145 49.14 -21.61 19.80
N GLY K 146 48.25 -20.71 19.38
CA GLY K 146 48.56 -19.68 18.42
C GLY K 146 48.02 -18.35 18.90
N THR K 147 48.00 -18.20 20.22
CA THR K 147 47.24 -17.13 20.89
C THR K 147 48.03 -16.60 22.08
N ALA K 148 48.69 -15.44 21.87
CA ALA K 148 49.48 -14.75 22.89
C ALA K 148 48.62 -13.87 23.81
N ALA K 149 49.12 -13.62 25.03
CA ALA K 149 48.48 -12.70 25.97
C ALA K 149 49.35 -11.48 26.16
N LEU K 150 48.73 -10.35 26.01
CA LEU K 150 49.31 -9.04 26.13
C LEU K 150 48.72 -8.40 27.38
N GLY K 151 49.21 -7.23 27.73
CA GLY K 151 48.72 -6.62 28.93
C GLY K 151 49.39 -5.29 29.06
N CYS K 152 48.92 -4.53 30.04
CA CYS K 152 49.55 -3.28 30.37
C CYS K 152 49.23 -3.03 31.83
N LEU K 153 50.25 -2.74 32.63
CA LEU K 153 50.13 -2.62 34.08
C LEU K 153 49.99 -1.16 34.41
N VAL K 154 48.85 -0.81 35.01
CA VAL K 154 48.53 0.56 35.40
C VAL K 154 48.74 0.66 36.91
N LYS K 155 49.86 1.25 37.28
CA LYS K 155 50.49 0.99 38.55
C LYS K 155 50.66 2.30 39.28
N ASP K 156 50.30 2.28 40.57
CA ASP K 156 50.49 3.38 41.53
C ASP K 156 49.71 4.63 41.10
N TYR K 157 48.40 4.52 41.08
CA TYR K 157 47.56 5.71 40.92
C TYR K 157 46.66 5.90 42.12
N PHE K 158 46.05 7.09 42.18
CA PHE K 158 45.11 7.43 43.22
C PHE K 158 44.33 8.67 42.81
N PRO K 159 43.03 8.77 43.14
CA PRO K 159 42.18 7.69 43.64
C PRO K 159 41.50 7.10 42.42
N GLU K 160 40.65 6.10 42.60
CA GLU K 160 39.85 5.54 41.52
C GLU K 160 39.03 6.62 40.84
N PRO K 161 38.47 6.38 39.63
CA PRO K 161 38.69 5.22 38.74
C PRO K 161 39.59 5.51 37.54
N VAL K 162 40.18 4.46 36.94
CA VAL K 162 40.82 4.53 35.61
C VAL K 162 39.96 3.82 34.58
N THR K 163 40.03 4.31 33.37
CA THR K 163 39.50 3.56 32.26
C THR K 163 40.65 3.06 31.39
N VAL K 164 40.54 1.84 30.93
CA VAL K 164 41.57 1.30 30.06
C VAL K 164 40.89 0.73 28.84
N SER K 165 41.28 1.22 27.67
CA SER K 165 40.83 0.68 26.39
C SER K 165 42.02 0.15 25.59
N TRP K 166 41.75 -0.67 24.59
CA TRP K 166 42.78 -1.23 23.73
C TRP K 166 42.61 -0.83 22.28
N ASN K 167 43.63 -0.24 21.70
CA ASN K 167 43.60 0.23 20.34
C ASN K 167 42.40 1.13 20.11
N SER K 168 42.19 2.08 21.05
CA SER K 168 41.17 3.13 20.94
C SER K 168 39.76 2.59 20.77
N GLY K 169 39.48 1.40 21.29
CA GLY K 169 38.19 0.79 21.24
C GLY K 169 38.13 -0.33 20.26
N ALA K 170 39.00 -0.32 19.25
CA ALA K 170 38.95 -1.32 18.21
C ALA K 170 39.12 -2.72 18.75
N LEU K 171 39.80 -2.88 19.85
CA LEU K 171 40.02 -4.24 20.36
C LEU K 171 39.38 -4.38 21.72
N THR K 172 38.36 -5.23 21.80
CA THR K 172 37.57 -5.45 22.99
C THR K 172 37.25 -6.90 23.22
N SER K 173 37.17 -7.71 22.19
CA SER K 173 36.95 -9.11 22.48
C SER K 173 38.16 -9.62 23.26
N GLY K 174 37.89 -10.28 24.39
CA GLY K 174 38.95 -10.89 25.16
C GLY K 174 39.83 -9.95 25.96
N VAL K 175 39.52 -8.65 26.02
CA VAL K 175 40.15 -7.78 27.01
C VAL K 175 39.60 -8.09 28.39
N HIS K 176 40.50 -8.20 29.38
CA HIS K 176 40.19 -8.46 30.77
C HIS K 176 40.84 -7.36 31.61
N THR K 177 40.05 -6.46 32.20
CA THR K 177 40.60 -5.41 33.04
C THR K 177 40.25 -5.68 34.49
N PHE K 178 41.29 -5.87 35.33
CA PHE K 178 40.95 -6.41 36.62
C PHE K 178 40.51 -5.30 37.58
N PRO K 179 39.71 -5.65 38.58
CA PRO K 179 39.46 -4.72 39.68
C PRO K 179 40.75 -4.12 40.16
N ALA K 180 40.71 -2.82 40.43
CA ALA K 180 41.84 -2.19 41.06
C ALA K 180 42.03 -2.74 42.46
N VAL K 181 43.30 -2.87 42.86
CA VAL K 181 43.67 -3.43 44.14
C VAL K 181 44.40 -2.36 44.93
N LEU K 182 43.96 -2.11 46.16
CA LEU K 182 44.46 -0.99 46.93
C LEU K 182 45.73 -1.43 47.63
N GLN K 183 46.85 -0.83 47.26
CA GLN K 183 48.14 -1.27 47.75
C GLN K 183 48.40 -0.68 49.12
N SER K 184 49.27 -1.37 49.88
CA SER K 184 49.53 -1.00 51.27
C SER K 184 49.96 0.45 51.38
N SER K 185 50.59 0.99 50.34
CA SER K 185 50.96 2.39 50.29
C SER K 185 49.76 3.31 49.98
N GLY K 186 48.54 2.81 50.13
CA GLY K 186 47.35 3.62 49.89
C GLY K 186 47.13 4.00 48.45
N LEU K 187 47.80 3.32 47.51
CA LEU K 187 47.74 3.61 46.09
C LEU K 187 47.14 2.44 45.34
N TYR K 188 46.40 2.72 44.28
CA TYR K 188 45.74 1.63 43.55
C TYR K 188 46.65 1.11 42.44
N SER K 189 46.28 -0.05 41.92
CA SER K 189 47.02 -0.64 40.83
C SER K 189 46.19 -1.77 40.24
N LEU K 190 45.87 -1.68 38.96
CA LEU K 190 45.24 -2.77 38.26
C LEU K 190 46.12 -3.09 37.08
N SER K 191 45.77 -4.14 36.35
CA SER K 191 46.31 -4.29 35.00
C SER K 191 45.22 -4.85 34.09
N SER K 192 45.42 -4.60 32.80
CA SER K 192 44.51 -4.96 31.71
C SER K 192 45.21 -5.89 30.74
N VAL K 193 44.62 -7.04 30.44
CA VAL K 193 45.23 -7.95 29.50
C VAL K 193 44.29 -8.31 28.33
N VAL K 194 44.88 -8.66 27.19
CA VAL K 194 44.16 -9.07 26.01
C VAL K 194 44.91 -10.21 25.35
N THR K 195 44.17 -11.10 24.69
CA THR K 195 44.75 -12.23 23.99
C THR K 195 44.44 -12.12 22.49
N VAL K 196 45.49 -12.29 21.68
CA VAL K 196 45.42 -12.06 20.24
C VAL K 196 46.08 -13.23 19.50
N PRO K 197 45.74 -13.47 18.25
CA PRO K 197 46.59 -14.31 17.40
C PRO K 197 48.06 -13.92 17.44
N SER K 198 48.93 -14.88 17.77
CA SER K 198 50.36 -14.62 17.90
C SER K 198 51.06 -14.42 16.57
N SER K 199 50.39 -14.73 15.46
CA SER K 199 50.84 -14.25 14.16
C SER K 199 50.85 -12.74 14.10
N SER K 200 49.70 -12.11 14.44
CA SER K 200 49.53 -10.66 14.38
C SER K 200 50.68 -9.89 15.00
N LEU K 201 51.39 -10.51 15.94
CA LEU K 201 52.17 -9.74 16.90
C LEU K 201 53.17 -8.84 16.22
N GLY K 202 53.59 -9.19 15.01
CA GLY K 202 54.45 -8.29 14.24
C GLY K 202 53.67 -7.15 13.61
N THR K 203 52.56 -7.47 12.93
CA THR K 203 51.86 -6.46 12.12
C THR K 203 51.00 -5.54 12.99
N GLN K 204 50.02 -6.10 13.71
CA GLN K 204 49.08 -5.34 14.52
C GLN K 204 49.79 -4.71 15.72
N THR K 205 49.95 -3.39 15.72
CA THR K 205 50.38 -2.73 16.95
C THR K 205 49.24 -2.76 17.95
N TYR K 206 49.57 -3.05 19.20
CA TYR K 206 48.60 -3.16 20.28
C TYR K 206 48.95 -2.11 21.33
N ILE K 207 48.00 -1.24 21.64
CA ILE K 207 48.21 -0.08 22.48
C ILE K 207 47.13 -0.07 23.55
N CYS K 208 47.50 0.21 24.80
CA CYS K 208 46.49 0.40 25.83
C CYS K 208 46.32 1.88 26.06
N ASN K 209 45.08 2.33 26.08
CA ASN K 209 44.80 3.74 26.27
C ASN K 209 44.36 3.86 27.72
N VAL K 210 45.10 4.66 28.49
CA VAL K 210 44.86 4.78 29.93
C VAL K 210 44.46 6.21 30.22
N ASN K 211 43.35 6.35 30.92
CA ASN K 211 42.69 7.64 31.10
C ASN K 211 42.30 7.74 32.57
N HIS K 212 42.89 8.70 33.27
CA HIS K 212 42.69 8.82 34.71
C HIS K 212 42.08 10.18 34.99
N LYS K 213 40.78 10.29 34.85
CA LYS K 213 40.13 11.59 34.82
C LYS K 213 40.46 12.47 36.01
N PRO K 214 40.50 11.99 37.26
CA PRO K 214 40.95 12.86 38.35
C PRO K 214 42.33 13.47 38.13
N SER K 215 43.37 12.65 37.98
CA SER K 215 44.68 13.30 37.82
C SER K 215 44.83 13.99 36.48
N ASN K 216 43.78 13.95 35.64
CA ASN K 216 43.81 14.56 34.31
C ASN K 216 45.00 14.06 33.50
N THR K 217 45.33 12.80 33.64
CA THR K 217 46.36 12.21 32.80
C THR K 217 45.76 11.13 31.93
N LYS K 218 46.15 11.16 30.65
CA LYS K 218 45.92 10.11 29.66
C LYS K 218 47.27 9.53 29.28
N VAL K 219 47.29 8.23 29.05
CA VAL K 219 48.49 7.56 28.59
C VAL K 219 48.09 6.60 27.48
N ASP K 220 49.05 6.30 26.59
CA ASP K 220 48.89 5.31 25.51
C ASP K 220 50.20 4.53 25.44
N LYS K 221 50.32 3.46 26.22
CA LYS K 221 51.49 2.61 26.09
C LYS K 221 51.34 1.74 24.85
N LYS K 222 52.42 1.62 24.06
CA LYS K 222 52.47 0.56 23.07
C LYS K 222 53.07 -0.67 23.71
N VAL K 223 52.57 -1.82 23.32
CA VAL K 223 53.08 -3.11 23.77
C VAL K 223 53.61 -3.83 22.54
N GLU K 224 54.92 -3.85 22.42
CA GLU K 224 55.80 -4.51 21.47
C GLU K 224 56.23 -5.87 21.99
N PRO K 225 56.56 -6.78 21.08
CA PRO K 225 57.16 -8.04 21.49
C PRO K 225 58.53 -7.83 22.14
N LYS K 226 59.03 -8.89 22.77
CA LYS K 226 60.42 -9.00 23.21
C LYS K 226 61.09 -10.10 22.41
N SER K 227 62.35 -9.92 22.03
CA SER K 227 62.97 -10.83 21.08
C SER K 227 64.35 -11.31 21.52
N CYS K 228 64.66 -12.54 21.09
CA CYS K 228 66.01 -13.11 20.83
C CYS K 228 65.91 -14.64 20.76
N SER L 1 16.64 -3.11 69.15
CA SER L 1 17.59 -4.07 68.59
C SER L 1 17.22 -4.25 67.13
N ASP L 2 18.12 -3.85 66.24
CA ASP L 2 17.82 -3.83 64.80
C ASP L 2 17.58 -5.25 64.32
N ILE L 3 17.14 -5.36 63.07
CA ILE L 3 16.81 -6.67 62.54
C ILE L 3 17.91 -7.05 61.56
N GLN L 4 18.37 -8.30 61.66
CA GLN L 4 19.43 -8.84 60.84
C GLN L 4 18.75 -9.70 59.77
N MET L 5 19.05 -9.44 58.50
CA MET L 5 18.64 -10.34 57.42
C MET L 5 19.88 -11.06 56.93
N THR L 6 19.80 -12.37 56.90
CA THR L 6 20.92 -13.21 56.49
C THR L 6 20.48 -14.12 55.34
N GLN L 7 21.14 -13.98 54.21
CA GLN L 7 20.75 -14.63 52.97
C GLN L 7 21.42 -15.98 52.86
N SER L 8 20.83 -16.86 52.06
CA SER L 8 21.42 -18.18 51.91
C SER L 8 21.14 -18.72 50.51
N PRO L 9 22.15 -19.27 49.83
CA PRO L 9 23.58 -19.18 50.19
C PRO L 9 24.12 -17.84 49.71
N SER L 10 25.28 -17.36 50.16
CA SER L 10 25.75 -16.07 49.68
C SER L 10 26.30 -16.16 48.27
N SER L 11 26.57 -17.35 47.76
CA SER L 11 26.83 -17.53 46.34
C SER L 11 26.26 -18.86 45.86
N LEU L 12 26.01 -18.94 44.56
CA LEU L 12 25.34 -20.07 43.96
C LEU L 12 25.86 -20.30 42.53
N SER L 13 26.05 -21.55 42.18
CA SER L 13 26.54 -21.94 40.85
C SER L 13 25.44 -22.77 40.19
N ALA L 14 24.74 -22.16 39.25
CA ALA L 14 23.63 -22.80 38.57
C ALA L 14 23.80 -22.67 37.05
N SER L 15 23.06 -23.51 36.32
CA SER L 15 22.93 -23.47 34.87
C SER L 15 21.55 -22.94 34.45
N VAL L 16 21.43 -22.65 33.16
CA VAL L 16 20.16 -22.23 32.57
C VAL L 16 19.12 -23.34 32.73
N GLY L 17 17.90 -22.92 33.10
CA GLY L 17 16.81 -23.86 33.31
C GLY L 17 16.71 -24.41 34.72
N ASP L 18 17.64 -24.04 35.62
CA ASP L 18 17.59 -24.50 37.00
C ASP L 18 16.53 -23.78 37.81
N ARG L 19 16.01 -24.49 38.81
CA ARG L 19 15.22 -23.89 39.88
C ARG L 19 16.16 -23.45 40.98
N VAL L 20 16.04 -22.18 41.36
CA VAL L 20 16.89 -21.59 42.38
C VAL L 20 16.01 -21.02 43.49
N THR L 21 16.23 -21.45 44.73
CA THR L 21 15.59 -20.85 45.88
C THR L 21 16.67 -20.22 46.76
N ILE L 22 16.53 -18.93 47.01
CA ILE L 22 17.37 -18.16 47.93
C ILE L 22 16.55 -17.89 49.19
N THR L 23 17.15 -18.14 50.35
CA THR L 23 16.45 -18.05 51.62
C THR L 23 17.03 -16.91 52.46
N CYS L 24 16.16 -16.30 53.27
CA CYS L 24 16.53 -15.15 54.08
C CYS L 24 15.78 -15.20 55.39
N ARG L 25 16.49 -15.41 56.52
CA ARG L 25 15.87 -15.61 57.84
C ARG L 25 16.06 -14.38 58.71
N ALA L 26 15.05 -13.51 58.76
CA ALA L 26 15.10 -12.33 59.62
C ALA L 26 15.15 -12.74 61.09
N SER L 27 15.82 -11.93 61.91
CA SER L 27 15.99 -12.30 63.32
C SER L 27 14.78 -11.97 64.20
N GLN L 28 13.87 -11.10 63.77
CA GLN L 28 12.65 -10.79 64.50
C GLN L 28 11.49 -10.89 63.52
N SER L 29 10.27 -10.69 64.01
CA SER L 29 9.13 -10.63 63.11
C SER L 29 9.22 -9.35 62.31
N VAL L 30 9.34 -9.47 60.99
CA VAL L 30 9.29 -8.32 60.09
C VAL L 30 7.90 -8.15 59.50
N SER L 31 6.89 -8.80 60.12
CA SER L 31 5.56 -8.89 59.55
C SER L 31 5.79 -9.54 58.18
N SER L 32 5.26 -9.00 57.09
CA SER L 32 5.60 -9.53 55.77
C SER L 32 6.32 -8.48 54.94
N ALA L 33 6.85 -7.45 55.58
CA ALA L 33 7.47 -6.33 54.87
C ALA L 33 8.90 -6.67 54.42
N VAL L 34 9.00 -7.71 53.58
CA VAL L 34 10.28 -8.17 53.04
C VAL L 34 10.32 -7.89 51.54
N ALA L 35 11.41 -7.30 51.06
CA ALA L 35 11.59 -7.01 49.64
C ALA L 35 12.85 -7.69 49.10
N TRP L 36 12.77 -8.13 47.83
CA TRP L 36 13.84 -8.81 47.08
C TRP L 36 14.32 -7.98 45.89
N TYR L 37 15.63 -8.02 45.60
CA TYR L 37 16.26 -7.19 44.57
C TYR L 37 17.20 -8.04 43.70
N GLN L 38 17.34 -7.64 42.43
CA GLN L 38 18.35 -8.16 41.50
C GLN L 38 19.28 -6.99 41.22
N GLN L 39 20.59 -7.18 41.45
CA GLN L 39 21.57 -6.16 41.11
C GLN L 39 22.65 -6.73 40.23
N LYS L 40 23.02 -5.97 39.20
CA LYS L 40 24.14 -6.15 38.33
C LYS L 40 25.27 -5.16 38.65
N PRO L 41 26.51 -5.50 38.33
CA PRO L 41 27.66 -4.71 38.79
C PRO L 41 27.61 -3.26 38.34
N GLY L 42 28.02 -2.35 39.22
CA GLY L 42 28.11 -0.96 38.84
C GLY L 42 26.78 -0.29 38.57
N LYS L 43 25.67 -1.05 38.59
CA LYS L 43 24.34 -0.56 38.26
C LYS L 43 23.42 -0.83 39.44
N ALA L 44 22.36 -0.05 39.54
CA ALA L 44 21.51 -0.10 40.71
C ALA L 44 20.66 -1.37 40.72
N PRO L 45 20.22 -1.83 41.90
CA PRO L 45 19.36 -3.01 41.96
C PRO L 45 17.94 -2.71 41.50
N LYS L 46 17.23 -3.80 41.15
CA LYS L 46 15.85 -3.75 40.68
C LYS L 46 14.95 -4.52 41.64
N LEU L 47 13.75 -3.99 41.93
CA LEU L 47 12.83 -4.69 42.81
C LEU L 47 12.12 -5.79 42.00
N LEU L 48 12.12 -7.03 42.51
CA LEU L 48 11.43 -8.18 41.90
C LEU L 48 10.18 -8.60 42.67
N ILE L 49 10.25 -8.59 43.99
CA ILE L 49 9.16 -8.97 44.89
C ILE L 49 9.09 -7.88 45.97
N TYR L 50 7.87 -7.47 46.32
CA TYR L 50 7.63 -6.57 47.45
C TYR L 50 6.56 -7.21 48.33
N SER L 51 6.54 -6.81 49.60
CA SER L 51 5.63 -7.43 50.56
C SER L 51 5.78 -8.95 50.50
N ALA L 52 7.04 -9.39 50.39
CA ALA L 52 7.55 -10.74 50.59
C ALA L 52 7.18 -11.77 49.53
N SER L 53 6.09 -11.56 48.79
CA SER L 53 5.59 -12.62 47.91
C SER L 53 5.01 -12.16 46.57
N SER L 54 4.89 -10.86 46.34
CA SER L 54 4.14 -10.31 45.21
C SER L 54 5.10 -9.89 44.10
N LEU L 55 4.67 -10.14 42.86
CA LEU L 55 5.51 -9.90 41.69
C LEU L 55 5.29 -8.46 41.25
N TYR L 56 6.32 -7.62 41.45
CA TYR L 56 6.23 -6.20 41.06
C TYR L 56 6.03 -6.07 39.54
N SER L 57 5.32 -5.02 39.15
CA SER L 57 4.92 -4.82 37.76
C SER L 57 6.11 -4.90 36.81
N GLY L 58 5.98 -5.73 35.77
CA GLY L 58 7.01 -5.89 34.75
C GLY L 58 8.01 -7.00 35.00
N VAL L 59 8.06 -7.57 36.20
CA VAL L 59 9.00 -8.64 36.50
C VAL L 59 8.52 -9.96 35.88
N PRO L 60 9.42 -10.80 35.33
CA PRO L 60 8.99 -12.09 34.78
C PRO L 60 8.35 -12.97 35.84
N SER L 61 7.41 -13.83 35.41
CA SER L 61 6.70 -14.69 36.36
C SER L 61 7.50 -15.93 36.76
N ARG L 62 8.76 -16.05 36.32
CA ARG L 62 9.65 -17.05 36.88
C ARG L 62 10.19 -16.63 38.25
N PHE L 63 10.10 -15.35 38.61
CA PHE L 63 10.47 -14.86 39.93
C PHE L 63 9.26 -14.95 40.86
N SER L 64 9.44 -15.56 42.02
CA SER L 64 8.38 -15.60 43.03
C SER L 64 8.97 -15.43 44.43
N GLY L 65 8.19 -14.81 45.32
CA GLY L 65 8.51 -14.76 46.74
C GLY L 65 7.47 -15.53 47.53
N SER L 66 7.88 -16.13 48.64
CA SER L 66 7.01 -16.90 49.52
C SER L 66 7.41 -16.63 50.96
N ARG L 67 6.47 -16.80 51.90
CA ARG L 67 6.74 -16.57 53.32
C ARG L 67 6.30 -17.77 54.15
N SER L 68 7.10 -18.09 55.17
CA SER L 68 6.73 -19.02 56.24
C SER L 68 7.32 -18.47 57.53
N GLY L 69 6.51 -17.75 58.30
CA GLY L 69 6.97 -17.09 59.51
C GLY L 69 7.94 -15.94 59.29
N THR L 70 9.20 -16.09 59.72
CA THR L 70 10.25 -15.10 59.47
C THR L 70 11.28 -15.60 58.47
N ASP L 71 10.97 -16.68 57.74
CA ASP L 71 11.85 -17.27 56.74
C ASP L 71 11.28 -16.96 55.34
N PHE L 72 11.90 -16.03 54.61
CA PHE L 72 11.46 -15.62 53.28
C PHE L 72 12.38 -16.22 52.22
N THR L 73 11.80 -16.86 51.19
CA THR L 73 12.56 -17.48 50.11
C THR L 73 12.12 -16.94 48.76
N LEU L 74 13.07 -16.48 47.95
CA LEU L 74 12.83 -16.17 46.54
C LEU L 74 13.24 -17.35 45.67
N THR L 75 12.34 -17.78 44.76
CA THR L 75 12.60 -18.89 43.84
C THR L 75 12.47 -18.44 42.40
N ILE L 76 13.46 -18.78 41.58
CA ILE L 76 13.44 -18.53 40.14
C ILE L 76 13.10 -19.85 39.49
N SER L 77 11.92 -19.90 38.86
CA SER L 77 11.36 -21.18 38.42
C SER L 77 12.26 -21.83 37.40
N SER L 78 12.81 -21.05 36.48
CA SER L 78 13.71 -21.59 35.46
C SER L 78 14.75 -20.52 35.19
N LEU L 79 15.97 -20.75 35.68
CA LEU L 79 16.99 -19.74 35.56
C LEU L 79 17.22 -19.46 34.08
N GLN L 80 17.16 -18.20 33.68
CA GLN L 80 17.40 -17.75 32.32
C GLN L 80 18.69 -16.91 32.24
N PRO L 81 19.32 -16.81 31.05
CA PRO L 81 20.62 -16.12 30.98
C PRO L 81 20.62 -14.66 31.44
N GLU L 82 19.51 -13.92 31.35
CA GLU L 82 19.52 -12.54 31.83
C GLU L 82 19.32 -12.43 33.34
N ASP L 83 19.25 -13.56 34.06
CA ASP L 83 18.91 -13.59 35.48
C ASP L 83 20.11 -13.73 36.42
N PHE L 84 21.33 -13.98 35.91
CA PHE L 84 22.50 -14.09 36.77
C PHE L 84 22.93 -12.73 37.28
N ALA L 85 22.73 -12.49 38.57
CA ALA L 85 23.11 -11.25 39.20
C ALA L 85 23.40 -11.54 40.67
N THR L 86 23.48 -10.50 41.48
CA THR L 86 23.45 -10.67 42.93
C THR L 86 22.08 -10.19 43.39
N TYR L 87 21.51 -10.94 44.33
CA TYR L 87 20.15 -10.70 44.82
C TYR L 87 20.19 -10.35 46.31
N TYR L 88 19.27 -9.46 46.70
CA TYR L 88 19.18 -8.96 48.07
C TYR L 88 17.78 -9.11 48.66
N CYS L 89 17.68 -9.52 49.93
CA CYS L 89 16.44 -9.34 50.68
C CYS L 89 16.54 -8.03 51.47
N GLN L 90 15.38 -7.44 51.76
CA GLN L 90 15.28 -6.18 52.50
C GLN L 90 14.11 -6.28 53.47
N GLN L 91 14.28 -5.70 54.66
CA GLN L 91 13.16 -5.54 55.57
C GLN L 91 12.72 -4.08 55.62
N SER L 92 11.40 -3.86 55.57
CA SER L 92 10.81 -2.53 55.62
C SER L 92 9.72 -2.44 56.67
N TYR L 93 9.77 -3.30 57.70
CA TYR L 93 8.80 -3.34 58.80
C TYR L 93 8.96 -2.20 59.80
N SER L 94 10.19 -1.90 60.16
CA SER L 94 10.45 -0.85 61.11
C SER L 94 11.84 -0.26 60.86
N PHE L 95 12.03 0.93 61.36
CA PHE L 95 13.37 1.43 61.09
C PHE L 95 14.35 1.02 62.20
N PRO L 96 15.59 0.68 61.86
CA PRO L 96 16.22 0.74 60.52
C PRO L 96 15.77 -0.31 59.50
N SER L 97 15.76 0.00 58.21
CA SER L 97 15.76 -1.05 57.21
C SER L 97 17.16 -1.63 57.08
N THR L 98 17.24 -2.94 56.87
CA THR L 98 18.50 -3.69 56.81
C THR L 98 18.47 -4.66 55.64
N PHE L 99 19.60 -4.79 54.94
CA PHE L 99 19.67 -5.68 53.79
C PHE L 99 20.47 -6.93 54.03
N GLY L 100 19.98 -8.04 53.44
CA GLY L 100 20.69 -9.29 53.31
C GLY L 100 21.96 -9.07 52.49
N GLN L 101 23.09 -9.48 53.04
CA GLN L 101 24.37 -9.08 52.47
C GLN L 101 24.67 -9.74 51.11
N GLY L 102 23.72 -10.48 50.52
CA GLY L 102 23.80 -10.82 49.11
C GLY L 102 23.94 -12.29 48.76
N THR L 103 23.36 -12.68 47.62
CA THR L 103 23.60 -13.97 46.98
C THR L 103 24.05 -13.72 45.56
N LYS L 104 25.20 -14.26 45.18
CA LYS L 104 25.71 -14.12 43.82
C LYS L 104 25.41 -15.41 43.05
N VAL L 105 24.75 -15.28 41.91
CA VAL L 105 24.33 -16.41 41.11
C VAL L 105 25.22 -16.53 39.90
N GLU L 106 25.84 -17.68 39.73
CA GLU L 106 26.91 -17.78 38.77
C GLU L 106 26.54 -18.87 37.77
N ILE L 107 27.13 -18.79 36.58
CA ILE L 107 26.77 -19.69 35.49
C ILE L 107 27.60 -20.96 35.63
N LYS L 108 26.97 -22.05 36.06
CA LYS L 108 27.74 -23.28 36.14
C LYS L 108 28.05 -23.76 34.74
N ARG L 109 29.28 -24.17 34.54
CA ARG L 109 29.74 -24.65 33.23
C ARG L 109 30.84 -25.66 33.44
N THR L 110 31.34 -26.17 32.32
CA THR L 110 32.33 -27.23 32.38
C THR L 110 33.57 -26.72 33.07
N VAL L 111 34.30 -27.64 33.71
CA VAL L 111 35.52 -27.23 34.34
C VAL L 111 36.40 -26.61 33.26
N ALA L 112 36.96 -25.44 33.56
CA ALA L 112 37.86 -24.78 32.63
C ALA L 112 39.14 -24.46 33.37
N ALA L 113 40.20 -25.03 32.93
CA ALA L 113 41.50 -24.78 33.48
C ALA L 113 42.02 -23.41 33.05
N PRO L 114 42.69 -22.69 33.93
CA PRO L 114 43.30 -21.43 33.51
C PRO L 114 44.51 -21.72 32.63
N SER L 115 44.57 -21.03 31.51
CA SER L 115 45.80 -21.00 30.73
C SER L 115 46.64 -19.87 31.29
N VAL L 116 47.84 -20.19 31.75
CA VAL L 116 48.60 -19.36 32.69
C VAL L 116 49.78 -18.73 31.95
N PHE L 117 50.07 -17.47 32.28
CA PHE L 117 51.09 -16.66 31.60
C PHE L 117 51.93 -15.93 32.63
N ILE L 118 53.17 -15.62 32.25
CA ILE L 118 54.05 -14.89 33.16
C ILE L 118 54.67 -13.70 32.45
N PHE L 119 54.77 -12.58 33.16
CA PHE L 119 55.33 -11.33 32.66
C PHE L 119 56.38 -10.84 33.63
N PRO L 120 57.62 -10.63 33.19
CA PRO L 120 58.61 -9.97 34.05
C PRO L 120 58.38 -8.47 34.05
N PRO L 121 59.01 -7.75 34.96
CA PRO L 121 58.87 -6.29 34.95
C PRO L 121 59.47 -5.68 33.69
N SER L 122 58.83 -4.60 33.23
CA SER L 122 59.39 -3.85 32.12
C SER L 122 60.69 -3.18 32.54
N ASP L 123 61.62 -3.07 31.58
CA ASP L 123 62.84 -2.28 31.80
C ASP L 123 62.50 -0.97 32.46
N GLU L 124 61.51 -0.27 31.91
CA GLU L 124 61.12 1.05 32.36
C GLU L 124 60.75 1.05 33.84
N GLN L 125 60.20 -0.05 34.36
CA GLN L 125 59.79 -0.08 35.75
C GLN L 125 61.02 -0.15 36.67
N LEU L 126 62.03 -0.91 36.26
CA LEU L 126 63.26 -1.05 37.02
C LEU L 126 63.99 0.28 37.13
N LYS L 127 63.78 1.14 36.14
CA LYS L 127 64.33 2.49 36.13
C LYS L 127 63.76 3.35 37.25
N SER L 128 62.58 3.01 37.74
CA SER L 128 61.98 3.70 38.88
C SER L 128 62.26 3.00 40.21
N GLY L 129 63.00 1.89 40.20
CA GLY L 129 63.38 1.19 41.40
C GLY L 129 62.39 0.14 41.87
N THR L 130 61.20 0.08 41.28
CA THR L 130 60.20 -0.90 41.63
C THR L 130 60.17 -2.00 40.56
N ALA L 131 59.81 -3.21 40.97
CA ALA L 131 59.66 -4.33 40.04
C ALA L 131 58.43 -5.14 40.41
N SER L 132 57.48 -5.24 39.47
CA SER L 132 56.28 -6.03 39.62
C SER L 132 56.36 -7.18 38.64
N VAL L 133 56.10 -8.39 39.11
CA VAL L 133 56.03 -9.56 38.27
C VAL L 133 54.57 -9.98 38.23
N VAL L 134 54.05 -10.20 37.02
CA VAL L 134 52.63 -10.37 36.78
C VAL L 134 52.38 -11.80 36.32
N CYS L 135 51.44 -12.45 36.97
CA CYS L 135 50.94 -13.77 36.60
C CYS L 135 49.45 -13.66 36.35
N LEU L 136 48.98 -14.22 35.23
CA LEU L 136 47.59 -14.12 34.79
C LEU L 136 46.96 -15.50 34.71
N LEU L 137 45.81 -15.67 35.35
CA LEU L 137 45.05 -16.89 35.20
C LEU L 137 43.88 -16.53 34.32
N ASN L 138 43.80 -17.18 33.15
CA ASN L 138 42.94 -16.71 32.09
C ASN L 138 41.76 -17.66 31.89
N ASN L 139 40.56 -17.08 31.87
CA ASN L 139 39.36 -17.74 31.36
C ASN L 139 39.17 -19.12 32.00
N PHE L 140 38.95 -19.12 33.31
CA PHE L 140 38.82 -20.38 34.02
C PHE L 140 37.54 -20.38 34.82
N TYR L 141 37.14 -21.57 35.22
CA TYR L 141 35.99 -21.78 36.06
C TYR L 141 36.25 -23.12 36.72
N PRO L 142 35.96 -23.27 38.02
CA PRO L 142 35.27 -22.32 38.90
C PRO L 142 36.18 -21.21 39.37
N ARG L 143 35.63 -20.37 40.26
CA ARG L 143 36.34 -19.18 40.68
C ARG L 143 37.54 -19.49 41.55
N GLU L 144 37.47 -20.55 42.34
CA GLU L 144 38.46 -20.84 43.35
C GLU L 144 39.75 -21.34 42.72
N ALA L 145 40.87 -20.70 43.06
CA ALA L 145 42.13 -21.03 42.43
C ALA L 145 43.27 -20.53 43.30
N LYS L 146 44.23 -21.39 43.55
CA LYS L 146 45.36 -21.09 44.43
C LYS L 146 46.51 -20.57 43.57
N VAL L 147 47.03 -19.40 43.93
CA VAL L 147 48.23 -18.87 43.31
C VAL L 147 49.32 -18.81 44.37
N GLN L 148 50.45 -19.44 44.08
CA GLN L 148 51.54 -19.58 45.02
C GLN L 148 52.80 -19.05 44.33
N TRP L 149 53.45 -18.06 44.92
CA TRP L 149 54.65 -17.47 44.34
C TRP L 149 55.91 -18.08 44.95
N LYS L 150 56.91 -18.31 44.10
CA LYS L 150 58.21 -18.85 44.50
C LYS L 150 59.33 -18.06 43.86
N VAL L 151 60.25 -17.59 44.68
CA VAL L 151 61.48 -16.99 44.20
C VAL L 151 62.63 -17.90 44.62
N ASP L 152 63.19 -18.62 43.65
CA ASP L 152 64.20 -19.65 43.89
C ASP L 152 63.65 -20.75 44.79
N ASN L 153 62.46 -21.24 44.45
CA ASN L 153 61.70 -22.31 45.10
C ASN L 153 61.25 -21.95 46.51
N ALA L 154 61.53 -20.74 46.98
CA ALA L 154 61.07 -20.29 48.28
C ALA L 154 59.73 -19.59 48.11
N LEU L 155 58.71 -20.06 48.84
CA LEU L 155 57.41 -19.41 48.82
C LEU L 155 57.52 -17.98 49.30
N GLN L 156 56.61 -17.14 48.80
CA GLN L 156 56.48 -15.76 49.24
C GLN L 156 55.33 -15.67 50.23
N SER L 157 55.32 -14.60 51.03
CA SER L 157 54.24 -14.44 51.99
C SER L 157 53.95 -12.96 52.18
N GLY L 158 52.68 -12.57 52.02
CA GLY L 158 52.31 -11.22 52.37
C GLY L 158 52.82 -10.13 51.48
N ASN L 159 53.33 -10.47 50.28
CA ASN L 159 53.83 -9.47 49.34
C ASN L 159 53.14 -9.52 47.99
N SER L 160 52.02 -10.21 47.86
CA SER L 160 51.34 -10.26 46.58
C SER L 160 49.85 -10.04 46.80
N GLN L 161 49.18 -9.54 45.76
CA GLN L 161 47.77 -9.27 45.78
C GLN L 161 47.12 -9.92 44.57
N GLU L 162 45.93 -10.46 44.78
CA GLU L 162 45.16 -11.06 43.71
C GLU L 162 44.03 -10.14 43.30
N SER L 163 43.48 -10.42 42.14
CA SER L 163 42.35 -9.66 41.63
C SER L 163 41.64 -10.53 40.61
N VAL L 164 40.33 -10.71 40.80
CA VAL L 164 39.49 -11.57 39.98
C VAL L 164 38.44 -10.75 39.25
N THR L 165 38.23 -11.07 37.98
CA THR L 165 37.20 -10.37 37.24
C THR L 165 35.83 -10.96 37.55
N GLU L 166 34.79 -10.24 37.16
CA GLU L 166 33.48 -10.88 37.27
C GLU L 166 33.26 -11.89 36.15
N GLN L 167 32.22 -12.69 36.33
CA GLN L 167 32.02 -13.81 35.42
C GLN L 167 31.68 -13.26 34.04
N ASP L 168 32.44 -13.68 33.03
CA ASP L 168 32.36 -13.10 31.68
C ASP L 168 30.93 -13.20 31.15
N SER L 169 30.51 -12.18 30.41
CA SER L 169 29.14 -12.17 29.92
C SER L 169 28.91 -13.32 28.94
N LYS L 170 29.92 -13.66 28.15
CA LYS L 170 29.80 -14.56 27.02
C LYS L 170 30.28 -15.98 27.32
N ASP L 171 31.47 -16.18 27.87
CA ASP L 171 31.87 -17.54 28.23
C ASP L 171 31.82 -17.81 29.74
N SER L 172 31.34 -16.86 30.53
CA SER L 172 31.21 -16.98 31.98
C SER L 172 32.40 -17.63 32.67
N THR L 173 33.60 -17.43 32.16
CA THR L 173 34.74 -17.79 32.94
C THR L 173 35.17 -16.59 33.77
N TYR L 174 35.94 -16.86 34.80
CA TYR L 174 36.61 -15.84 35.57
C TYR L 174 38.04 -15.76 35.06
N SER L 175 38.68 -14.66 35.38
CA SER L 175 40.10 -14.57 35.18
C SER L 175 40.67 -13.86 36.39
N LEU L 176 41.89 -14.22 36.73
CA LEU L 176 42.58 -13.72 37.91
C LEU L 176 43.94 -13.23 37.48
N SER L 177 44.39 -12.14 38.10
CA SER L 177 45.76 -11.66 38.00
C SER L 177 46.34 -11.58 39.41
N SER L 178 47.59 -12.00 39.58
CA SER L 178 48.32 -11.81 40.83
C SER L 178 49.67 -11.17 40.55
N THR L 179 49.97 -10.10 41.27
CA THR L 179 51.16 -9.29 41.03
C THR L 179 52.15 -9.37 42.21
N LEU L 180 53.36 -9.82 41.89
CA LEU L 180 54.42 -9.93 42.88
C LEU L 180 55.18 -8.61 42.90
N THR L 181 55.24 -7.99 44.07
CA THR L 181 55.88 -6.70 44.20
C THR L 181 57.24 -6.94 44.84
N LEU L 182 58.26 -6.36 44.25
CA LEU L 182 59.60 -6.42 44.79
C LEU L 182 60.26 -5.07 44.55
N SER L 183 61.30 -4.82 45.34
CA SER L 183 62.26 -3.82 44.93
C SER L 183 63.05 -4.35 43.74
N LYS L 184 63.45 -3.44 42.86
CA LYS L 184 64.41 -3.84 41.83
C LYS L 184 65.62 -4.47 42.48
N ALA L 185 66.03 -3.93 43.63
CA ALA L 185 67.17 -4.43 44.39
C ALA L 185 66.96 -5.88 44.83
N ASP L 186 65.84 -6.17 45.52
CA ASP L 186 65.57 -7.54 45.93
C ASP L 186 65.25 -8.41 44.72
N TYR L 187 64.72 -7.80 43.66
CA TYR L 187 64.46 -8.51 42.40
C TYR L 187 65.76 -9.00 41.77
N GLU L 188 66.83 -8.23 41.91
CA GLU L 188 68.14 -8.56 41.35
C GLU L 188 69.03 -9.40 42.26
N LYS L 189 68.57 -9.75 43.47
CA LYS L 189 69.26 -10.77 44.24
C LYS L 189 68.87 -12.19 43.82
N HIS L 190 68.04 -12.36 42.78
CA HIS L 190 67.52 -13.67 42.42
C HIS L 190 67.40 -13.83 40.91
N LYS L 191 67.24 -15.09 40.49
CA LYS L 191 67.17 -15.46 39.08
C LYS L 191 65.80 -16.04 38.70
N VAL L 192 65.38 -17.12 39.34
CA VAL L 192 64.25 -17.91 38.85
C VAL L 192 62.96 -17.42 39.48
N TYR L 193 62.08 -16.86 38.65
CA TYR L 193 60.80 -16.33 39.09
C TYR L 193 59.71 -17.20 38.48
N ALA L 194 58.92 -17.84 39.34
CA ALA L 194 57.97 -18.87 38.93
C ALA L 194 56.62 -18.63 39.59
N CYS L 195 55.57 -19.08 38.90
CA CYS L 195 54.19 -18.88 39.32
C CYS L 195 53.51 -20.24 39.34
N GLU L 196 52.83 -20.55 40.45
CA GLU L 196 52.30 -21.88 40.72
C GLU L 196 50.79 -21.79 40.96
N VAL L 197 50.02 -22.62 40.25
CA VAL L 197 48.55 -22.52 40.19
C VAL L 197 47.95 -23.88 40.53
N THR L 198 46.99 -23.89 41.46
CA THR L 198 46.25 -25.08 41.83
C THR L 198 44.81 -24.88 41.38
N HIS L 199 44.25 -25.85 40.66
CA HIS L 199 42.91 -25.66 40.15
C HIS L 199 42.20 -27.00 39.93
N GLN L 200 40.87 -26.97 39.99
CA GLN L 200 40.10 -28.20 39.80
C GLN L 200 40.39 -28.81 38.44
N GLY L 201 40.52 -27.96 37.42
CA GLY L 201 40.85 -28.33 36.07
C GLY L 201 42.28 -28.70 35.84
N LEU L 202 43.11 -28.74 36.89
CA LEU L 202 44.48 -29.19 36.76
C LEU L 202 44.66 -30.55 37.42
N SER L 203 44.93 -31.56 36.61
CA SER L 203 45.37 -32.83 37.15
C SER L 203 46.72 -32.67 37.82
N SER L 204 47.57 -31.78 37.28
CA SER L 204 48.86 -31.46 37.85
C SER L 204 49.07 -29.95 37.85
N PRO L 205 49.75 -29.42 38.87
CA PRO L 205 49.98 -27.97 38.97
C PRO L 205 50.78 -27.42 37.79
N VAL L 206 50.41 -26.19 37.37
CA VAL L 206 51.07 -25.51 36.25
C VAL L 206 52.12 -24.54 36.76
N THR L 207 53.27 -24.50 36.08
CA THR L 207 54.32 -23.55 36.39
C THR L 207 54.90 -22.98 35.10
N LYS L 208 54.89 -21.66 35.02
CA LYS L 208 55.50 -20.92 33.93
C LYS L 208 56.54 -20.03 34.60
N SER L 209 57.68 -19.81 33.92
CA SER L 209 58.73 -19.06 34.58
C SER L 209 59.53 -18.25 33.58
N PHE L 210 60.30 -17.32 34.13
CA PHE L 210 61.36 -16.61 33.43
C PHE L 210 62.53 -16.47 34.40
N ASN L 211 63.69 -16.13 33.88
CA ASN L 211 64.86 -15.82 34.70
C ASN L 211 65.32 -14.38 34.43
N ARG L 212 65.61 -13.64 35.50
CA ARG L 212 65.92 -12.22 35.38
C ARG L 212 67.10 -11.95 34.45
N GLY L 213 66.79 -11.37 33.30
CA GLY L 213 67.76 -11.08 32.26
C GLY L 213 67.85 -12.19 31.22
N GLU L 214 66.70 -12.76 30.86
CA GLU L 214 66.64 -13.84 29.88
C GLU L 214 65.78 -13.35 28.72
N CYS L 215 66.35 -13.41 27.52
CA CYS L 215 65.69 -12.86 26.34
C CYS L 215 64.44 -13.63 25.97
#